data_4F0Q
#
_entry.id   4F0Q
#
_cell.length_a   87.764
_cell.length_b   144.284
_cell.length_c   87.842
_cell.angle_alpha   90.00
_cell.angle_beta   116.27
_cell.angle_gamma   90.00
#
_symmetry.space_group_name_H-M   'P 1 21 1'
#
loop_
_entity.id
_entity.type
_entity.pdbx_description
1 polymer 'Restriction endonuclease'
2 non-polymer 'MAGNESIUM ION'
3 water water
#
_entity_poly.entity_id   1
_entity_poly.type   'polypeptide(L)'
_entity_poly.pdbx_seq_one_letter_code
;MNGPKADIAWAASAEVANKPRLVFVGDELRYAQGANQRDVELDGFVNYHWLTSPGGLGLPKVMLEAGINAPAEVVGPDRS
RRALIAIRSSPWKAGHETNPWHDEFDLDHGHVRYFGDHKPSTVGLPGETKGNRLLLEAARLHAGTTREERLLAPPLFLFR
AVTVHRAGRAVVKGHVEFCGAAIIERLEHVVQRDPETGRSFPNLSLDLAVVSGGEIDGVDFRWIDDRRNAALAAGETLRH
APESWIRWVRQGRLAIPGIRRRVLASAVQSSKEQQPASGSAEAATLQTLYKFYDGRKHAFELLASRVAAEVFRESGARYK
EGWLSRSSGDGGVDFIGRIDMGSLKASTPVVVLGQAKCIQPTSSVSPEQVARVVARLRRGWIGVYVTTGSFSRQAQVEII
DDQYPVVLIAGGTLAATVRRMVQANYGGDLDALLASTVDEYGAAVTHRRPEEVISL
;
_entity_poly.pdbx_strand_id   A,B,C,D
#
loop_
_chem_comp.id
_chem_comp.type
_chem_comp.name
_chem_comp.formula
MG non-polymer 'MAGNESIUM ION' 'Mg 2'
#
# COMPACT_ATOMS: atom_id res chain seq x y z
N LYS A 5 -10.34 63.90 19.33
CA LYS A 5 -11.02 62.66 19.70
C LYS A 5 -11.32 61.82 18.47
N ALA A 6 -12.00 62.42 17.50
CA ALA A 6 -12.34 61.73 16.26
C ALA A 6 -11.10 61.47 15.42
N ASP A 7 -10.28 62.50 15.25
CA ASP A 7 -9.06 62.39 14.47
C ASP A 7 -8.08 61.40 15.11
N ILE A 8 -8.08 61.37 16.43
CA ILE A 8 -7.20 60.46 17.18
C ILE A 8 -7.58 59.01 16.94
N ALA A 9 -8.86 58.70 17.10
CA ALA A 9 -9.37 57.34 16.91
C ALA A 9 -9.23 56.90 15.47
N TRP A 10 -9.52 57.82 14.55
CA TRP A 10 -9.43 57.54 13.12
C TRP A 10 -8.00 57.24 12.70
N ALA A 11 -7.07 58.10 13.13
CA ALA A 11 -5.66 57.92 12.81
C ALA A 11 -5.06 56.69 13.49
N ALA A 12 -5.59 56.36 14.66
CA ALA A 12 -5.14 55.17 15.37
C ALA A 12 -5.59 53.92 14.62
N SER A 13 -6.85 53.92 14.19
CA SER A 13 -7.40 52.82 13.40
C SER A 13 -6.61 52.65 12.11
N ALA A 14 -6.34 53.77 11.44
CA ALA A 14 -5.56 53.75 10.19
C ALA A 14 -4.13 53.28 10.45
N GLU A 15 -3.63 53.54 11.65
CA GLU A 15 -2.26 53.16 12.00
C GLU A 15 -2.18 51.65 12.24
N VAL A 16 -3.18 51.11 12.94
CA VAL A 16 -3.25 49.68 13.16
C VAL A 16 -3.45 48.94 11.84
N ALA A 17 -4.28 49.52 10.97
CA ALA A 17 -4.60 48.92 9.68
C ALA A 17 -3.39 48.85 8.74
N ASN A 18 -2.44 49.76 8.93
CA ASN A 18 -1.31 49.86 8.02
C ASN A 18 -0.03 49.21 8.57
N LYS A 19 -0.13 48.59 9.74
CA LYS A 19 1.01 47.95 10.36
C LYS A 19 0.76 46.45 10.59
N PRO A 20 1.59 45.61 9.97
CA PRO A 20 1.46 44.15 10.08
C PRO A 20 1.88 43.63 11.46
N ARG A 21 1.08 42.74 12.04
CA ARG A 21 1.46 42.08 13.29
C ARG A 21 1.41 40.56 13.13
N LEU A 22 2.55 39.98 12.77
CA LEU A 22 2.64 38.58 12.44
C LEU A 22 2.77 37.69 13.68
N VAL A 23 1.84 36.74 13.81
CA VAL A 23 1.96 35.73 14.85
C VAL A 23 2.35 34.40 14.21
N PHE A 24 3.39 33.76 14.76
CA PHE A 24 3.91 32.54 14.19
C PHE A 24 3.46 31.31 14.96
N VAL A 25 3.48 30.15 14.30
CA VAL A 25 3.07 28.90 14.93
C VAL A 25 4.05 28.54 16.04
N GLY A 26 3.56 28.50 17.27
CA GLY A 26 4.38 28.18 18.43
C GLY A 26 4.63 29.39 19.31
N ASP A 27 4.15 30.56 18.88
CA ASP A 27 4.30 31.79 19.63
C ASP A 27 3.63 31.68 21.00
N GLU A 28 4.38 32.00 22.04
CA GLU A 28 3.88 31.94 23.41
C GLU A 28 3.29 33.28 23.82
N LEU A 29 1.96 33.29 24.02
CA LEU A 29 1.25 34.52 24.32
C LEU A 29 0.74 34.52 25.75
N ARG A 30 0.77 35.69 26.38
CA ARG A 30 0.22 35.85 27.72
C ARG A 30 -1.27 36.09 27.64
N TYR A 31 -2.06 35.25 28.31
CA TYR A 31 -3.51 35.43 28.31
C TYR A 31 -4.07 35.75 29.69
N ALA A 32 -4.63 36.95 29.81
CA ALA A 32 -5.32 37.36 31.03
C ALA A 32 -6.71 37.87 30.67
N GLN A 33 -7.72 37.33 31.34
CA GLN A 33 -9.11 37.67 31.04
C GLN A 33 -9.43 39.14 31.33
N GLY A 34 -8.59 39.76 32.17
CA GLY A 34 -8.78 41.16 32.52
C GLY A 34 -7.76 42.07 31.87
N ALA A 35 -6.88 41.50 31.06
CA ALA A 35 -5.83 42.27 30.38
C ALA A 35 -6.43 43.28 29.41
N ASN A 36 -5.71 44.37 29.19
CA ASN A 36 -6.17 45.41 28.28
C ASN A 36 -5.73 45.13 26.84
N GLN A 37 -6.02 46.06 25.95
CA GLN A 37 -5.74 45.88 24.53
C GLN A 37 -4.75 46.92 24.02
N ARG A 38 -4.07 47.59 24.96
CA ARG A 38 -3.13 48.64 24.62
C ARG A 38 -1.69 48.13 24.59
N ASP A 39 -1.27 47.48 25.67
CA ASP A 39 0.10 46.98 25.78
C ASP A 39 0.39 45.84 24.80
N VAL A 40 1.48 45.98 24.05
CA VAL A 40 1.86 44.98 23.06
C VAL A 40 2.56 43.79 23.71
N GLU A 41 2.87 43.93 25.00
CA GLU A 41 3.58 42.89 25.74
C GLU A 41 3.09 42.85 27.18
N LEU A 42 3.04 41.65 27.75
CA LEU A 42 2.55 41.48 29.12
C LEU A 42 3.23 40.31 29.82
N ASP A 43 3.83 40.59 30.97
CA ASP A 43 4.55 39.60 31.76
C ASP A 43 5.63 38.87 30.97
N GLY A 44 6.36 39.62 30.15
CA GLY A 44 7.46 39.08 29.39
C GLY A 44 7.04 38.42 28.08
N PHE A 45 5.74 38.41 27.83
CA PHE A 45 5.20 37.79 26.62
C PHE A 45 4.21 38.72 25.91
N VAL A 46 3.96 38.43 24.64
CA VAL A 46 3.02 39.22 23.85
C VAL A 46 1.60 39.10 24.40
N ASN A 47 0.99 40.25 24.67
CA ASN A 47 -0.38 40.29 25.16
C ASN A 47 -1.36 39.76 24.12
N TYR A 48 -2.15 38.77 24.51
CA TYR A 48 -3.12 38.14 23.61
C TYR A 48 -4.15 39.14 23.11
N HIS A 49 -4.77 39.87 24.04
CA HIS A 49 -5.87 40.77 23.72
C HIS A 49 -5.46 41.92 22.81
N TRP A 50 -4.18 42.30 22.86
CA TRP A 50 -3.68 43.31 21.94
C TRP A 50 -3.50 42.72 20.55
N LEU A 51 -2.97 41.51 20.50
CA LEU A 51 -2.69 40.84 19.23
C LEU A 51 -3.99 40.51 18.48
N THR A 52 -5.02 40.13 19.22
CA THR A 52 -6.29 39.74 18.61
C THR A 52 -7.23 40.92 18.42
N SER A 53 -7.12 41.93 19.27
CA SER A 53 -7.98 43.10 19.19
C SER A 53 -7.31 44.33 19.80
N PRO A 54 -6.40 44.96 19.04
CA PRO A 54 -5.65 46.12 19.53
C PRO A 54 -6.57 47.29 19.91
N GLY A 55 -6.15 48.07 20.90
CA GLY A 55 -6.97 49.15 21.41
C GLY A 55 -7.27 50.24 20.40
N GLY A 56 -6.37 50.42 19.44
CA GLY A 56 -6.53 51.44 18.43
C GLY A 56 -7.59 51.08 17.39
N LEU A 57 -8.13 49.87 17.49
CA LEU A 57 -9.13 49.40 16.56
C LEU A 57 -10.54 49.71 17.05
N GLY A 58 -10.66 49.95 18.36
CA GLY A 58 -11.93 50.30 18.95
C GLY A 58 -12.95 49.17 18.91
N LEU A 59 -12.45 47.94 19.00
CA LEU A 59 -13.31 46.77 18.94
C LEU A 59 -13.29 46.01 20.27
N PRO A 60 -14.34 45.25 20.56
CA PRO A 60 -14.38 44.40 21.76
C PRO A 60 -13.31 43.31 21.70
N LYS A 61 -13.04 42.69 22.85
CA LYS A 61 -12.03 41.65 22.92
C LYS A 61 -12.49 40.37 22.24
N VAL A 62 -11.54 39.61 21.71
CA VAL A 62 -11.81 38.27 21.21
C VAL A 62 -11.53 37.30 22.36
N MET A 63 -12.56 37.03 23.15
CA MET A 63 -12.41 36.20 24.36
C MET A 63 -11.96 34.78 24.03
N LEU A 64 -11.07 34.25 24.86
CA LEU A 64 -10.55 32.91 24.67
C LEU A 64 -10.73 32.07 25.93
N GLU A 65 -11.98 31.77 26.24
CA GLU A 65 -12.30 30.91 27.38
C GLU A 65 -11.96 29.45 27.04
N ALA A 66 -12.28 28.55 27.96
CA ALA A 66 -12.05 27.13 27.72
C ALA A 66 -12.98 26.62 26.61
N GLY A 67 -12.39 26.01 25.59
CA GLY A 67 -13.16 25.39 24.53
C GLY A 67 -13.31 26.23 23.28
N ILE A 68 -14.55 26.37 22.83
CA ILE A 68 -14.86 27.03 21.56
C ILE A 68 -15.41 28.44 21.78
N ASN A 69 -14.79 29.41 21.12
CA ASN A 69 -15.17 30.81 21.29
C ASN A 69 -15.44 31.48 19.94
N ALA A 70 -16.32 32.47 19.94
CA ALA A 70 -16.62 33.22 18.74
C ALA A 70 -17.23 34.58 19.06
N PRO A 71 -16.65 35.65 18.49
CA PRO A 71 -17.17 37.01 18.66
C PRO A 71 -18.54 37.16 18.02
N ALA A 72 -19.24 38.24 18.34
CA ALA A 72 -20.55 38.51 17.75
C ALA A 72 -20.45 38.67 16.25
N GLU A 73 -21.45 38.18 15.53
CA GLU A 73 -21.43 38.16 14.08
C GLU A 73 -21.38 39.56 13.47
N VAL A 74 -20.55 39.73 12.44
CA VAL A 74 -20.38 41.01 11.78
C VAL A 74 -21.31 41.17 10.57
N VAL A 75 -22.08 42.25 10.55
CA VAL A 75 -22.94 42.55 9.41
C VAL A 75 -22.16 43.38 8.40
N GLY A 76 -21.77 42.75 7.29
CA GLY A 76 -21.03 43.42 6.25
C GLY A 76 -21.94 44.07 5.23
N PRO A 77 -21.36 44.80 4.27
CA PRO A 77 -22.12 45.46 3.21
C PRO A 77 -22.82 44.43 2.33
N ASP A 78 -22.08 43.37 1.98
CA ASP A 78 -22.62 42.31 1.14
C ASP A 78 -23.56 41.40 1.92
N ARG A 79 -23.09 40.92 3.06
CA ARG A 79 -23.88 40.03 3.91
C ARG A 79 -23.24 39.88 5.28
N SER A 80 -23.96 39.25 6.20
CA SER A 80 -23.45 39.01 7.55
C SER A 80 -22.47 37.85 7.54
N ARG A 81 -21.51 37.86 8.45
CA ARG A 81 -20.49 36.83 8.48
C ARG A 81 -19.85 36.64 9.86
N ARG A 82 -19.46 35.41 10.15
CA ARG A 82 -18.71 35.11 11.37
C ARG A 82 -17.23 35.32 11.10
N ALA A 83 -16.61 36.23 11.86
CA ALA A 83 -15.21 36.60 11.65
C ALA A 83 -14.26 35.43 11.79
N LEU A 84 -14.33 34.75 12.93
CA LEU A 84 -13.44 33.62 13.20
C LEU A 84 -13.97 32.78 14.36
N ILE A 85 -13.35 31.61 14.55
CA ILE A 85 -13.61 30.79 15.72
C ILE A 85 -12.30 30.53 16.47
N ALA A 86 -12.23 31.02 17.70
CA ALA A 86 -11.02 30.87 18.52
C ALA A 86 -11.15 29.66 19.44
N ILE A 87 -10.27 28.70 19.26
CA ILE A 87 -10.31 27.46 20.03
C ILE A 87 -9.14 27.35 21.01
N ARG A 88 -9.47 27.12 22.29
CA ARG A 88 -8.47 26.96 23.32
C ARG A 88 -8.49 25.53 23.85
N SER A 89 -7.46 24.76 23.52
CA SER A 89 -7.39 23.37 23.91
C SER A 89 -6.54 23.21 25.17
N SER A 90 -6.90 22.22 25.99
CA SER A 90 -6.18 21.94 27.22
C SER A 90 -6.56 20.54 27.72
N PRO A 91 -5.60 19.84 28.35
CA PRO A 91 -4.23 20.32 28.56
C PRO A 91 -3.20 19.69 27.63
N TRP A 92 -3.59 18.65 26.90
CA TRP A 92 -2.66 17.77 26.17
C TRP A 92 -1.79 16.96 27.13
N LYS A 93 -1.18 17.66 28.08
CA LYS A 93 -0.57 17.05 29.27
C LYS A 93 0.61 16.09 29.06
N ALA A 94 1.40 16.32 28.02
CA ALA A 94 2.66 15.60 27.84
C ALA A 94 2.52 14.08 27.93
N GLY A 95 1.46 13.53 27.34
CA GLY A 95 1.24 12.10 27.34
C GLY A 95 0.72 11.52 28.63
N HIS A 96 0.18 12.37 29.49
CA HIS A 96 -0.36 11.92 30.78
C HIS A 96 -1.86 12.10 30.84
N GLU A 97 -2.52 12.01 29.68
CA GLU A 97 -3.97 12.19 29.59
C GLU A 97 -4.73 10.95 30.05
N THR A 98 -5.84 11.17 30.76
CA THR A 98 -6.67 10.07 31.23
C THR A 98 -7.90 9.90 30.35
N ASN A 99 -8.23 10.95 29.59
CA ASN A 99 -9.36 10.91 28.67
C ASN A 99 -8.92 10.46 27.28
N PRO A 100 -9.42 9.30 26.84
CA PRO A 100 -9.07 8.72 25.54
C PRO A 100 -9.49 9.59 24.36
N TRP A 101 -10.42 10.52 24.61
CA TRP A 101 -10.89 11.42 23.57
C TRP A 101 -10.37 12.84 23.78
N HIS A 102 -9.07 12.94 24.06
CA HIS A 102 -8.43 14.25 24.19
C HIS A 102 -8.04 14.76 22.82
N ASP A 103 -7.83 16.07 22.71
CA ASP A 103 -7.44 16.67 21.45
C ASP A 103 -6.06 16.19 21.02
N GLU A 104 -5.94 15.79 19.76
CA GLU A 104 -4.67 15.30 19.23
C GLU A 104 -4.03 16.34 18.31
N PHE A 105 -2.89 16.88 18.72
CA PHE A 105 -2.20 17.88 17.93
C PHE A 105 -1.02 17.30 17.16
N ASP A 106 -1.08 17.38 15.83
CA ASP A 106 0.02 16.97 14.98
C ASP A 106 0.36 18.11 14.02
N LEU A 107 0.98 19.15 14.55
CA LEU A 107 1.25 20.37 13.79
C LEU A 107 2.37 20.18 12.76
N ASP A 108 3.13 19.10 12.89
CA ASP A 108 4.18 18.78 11.94
C ASP A 108 3.59 18.34 10.60
N HIS A 109 2.39 17.76 10.66
CA HIS A 109 1.70 17.32 9.46
C HIS A 109 0.40 18.10 9.24
N GLY A 110 0.27 19.20 9.97
CA GLY A 110 -0.84 20.11 9.78
C GLY A 110 -2.22 19.53 10.03
N HIS A 111 -2.30 18.55 10.92
CA HIS A 111 -3.59 17.98 11.28
C HIS A 111 -3.87 18.06 12.78
N VAL A 112 -5.10 18.39 13.12
CA VAL A 112 -5.52 18.43 14.52
C VAL A 112 -6.88 17.76 14.70
N ARG A 113 -6.92 16.73 15.55
CA ARG A 113 -8.17 16.07 15.89
C ARG A 113 -8.77 16.77 17.11
N TYR A 114 -9.93 17.41 16.91
CA TYR A 114 -10.54 18.19 17.98
C TYR A 114 -11.96 17.74 18.31
N PHE A 115 -12.23 17.55 19.59
CA PHE A 115 -13.54 17.10 20.05
C PHE A 115 -14.39 18.26 20.56
N GLY A 116 -15.69 18.16 20.34
CA GLY A 116 -16.62 19.23 20.67
C GLY A 116 -16.82 19.47 22.16
N ASP A 117 -17.86 20.24 22.49
CA ASP A 117 -18.11 20.63 23.87
C ASP A 117 -19.36 19.97 24.46
N HIS A 118 -19.81 18.89 23.83
CA HIS A 118 -20.94 18.13 24.35
C HIS A 118 -20.55 17.48 25.67
N LYS A 119 -21.43 17.55 26.66
CA LYS A 119 -21.12 17.04 27.99
C LYS A 119 -22.01 15.85 28.34
N PRO A 120 -21.58 15.04 29.33
CA PRO A 120 -22.40 13.91 29.79
C PRO A 120 -23.78 14.33 30.30
N SER A 121 -23.88 15.56 30.81
CA SER A 121 -25.14 16.05 31.37
C SER A 121 -26.00 16.76 30.33
N THR A 122 -25.48 16.89 29.11
CA THR A 122 -26.20 17.56 28.04
C THR A 122 -27.38 16.72 27.55
N VAL A 123 -28.57 17.30 27.59
CA VAL A 123 -29.78 16.60 27.15
C VAL A 123 -30.16 16.97 25.72
N GLY A 124 -30.20 15.98 24.85
CA GLY A 124 -30.56 16.20 23.45
C GLY A 124 -29.43 15.83 22.51
N LEU A 125 -29.72 15.90 21.21
CA LEU A 125 -28.74 15.55 20.19
C LEU A 125 -27.74 16.69 19.98
N PRO A 126 -26.50 16.33 19.62
CA PRO A 126 -25.50 17.34 19.26
C PRO A 126 -25.82 17.97 17.90
N GLY A 127 -25.55 19.27 17.74
CA GLY A 127 -24.94 20.06 18.80
C GLY A 127 -25.89 21.05 19.45
N GLU A 128 -26.52 20.63 20.53
CA GLU A 128 -27.40 21.52 21.29
C GLU A 128 -26.57 22.53 22.06
N THR A 129 -25.33 22.14 22.38
CA THR A 129 -24.40 23.02 23.07
C THR A 129 -23.93 24.15 22.15
N LYS A 130 -23.45 25.24 22.75
CA LYS A 130 -23.02 26.41 22.00
C LYS A 130 -21.87 26.09 21.04
N GLY A 131 -20.82 25.51 21.59
CA GLY A 131 -19.62 25.20 20.84
C GLY A 131 -19.87 24.34 19.62
N ASN A 132 -20.58 23.24 19.80
CA ASN A 132 -20.90 22.34 18.69
C ASN A 132 -21.80 22.99 17.64
N ARG A 133 -22.65 23.90 18.09
CA ARG A 133 -23.49 24.66 17.17
C ARG A 133 -22.64 25.58 16.30
N LEU A 134 -21.66 26.22 16.94
CA LEU A 134 -20.71 27.06 16.20
C LEU A 134 -19.88 26.23 15.22
N LEU A 135 -19.49 25.04 15.64
CA LEU A 135 -18.69 24.14 14.81
C LEU A 135 -19.48 23.62 13.62
N LEU A 136 -20.77 23.38 13.80
CA LEU A 136 -21.63 22.93 12.71
C LEU A 136 -21.90 24.08 11.74
N GLU A 137 -22.23 25.24 12.29
CA GLU A 137 -22.46 26.43 11.49
C GLU A 137 -21.22 26.81 10.67
N ALA A 138 -20.05 26.53 11.22
CA ALA A 138 -18.80 26.73 10.51
C ALA A 138 -18.59 25.64 9.47
N ALA A 139 -18.95 24.41 9.83
CA ALA A 139 -18.78 23.25 8.95
C ALA A 139 -19.60 23.43 7.67
N ARG A 140 -20.74 24.09 7.79
CA ARG A 140 -21.57 24.40 6.63
C ARG A 140 -20.80 25.24 5.60
N LEU A 141 -19.92 26.10 6.07
CA LEU A 141 -19.19 27.02 5.19
C LEU A 141 -17.80 26.54 4.80
N HIS A 142 -17.21 25.68 5.62
CA HIS A 142 -15.92 25.09 5.32
C HIS A 142 -16.05 24.02 4.25
N ALA A 143 -17.29 23.63 3.98
CA ALA A 143 -17.61 22.74 2.88
C ALA A 143 -18.58 23.43 1.93
N GLY A 144 -18.44 24.75 1.83
CA GLY A 144 -19.27 25.55 0.95
C GLY A 144 -19.15 25.13 -0.50
N THR A 145 -20.28 25.06 -1.19
CA THR A 145 -20.32 24.57 -2.55
C THR A 145 -19.86 25.59 -3.58
N THR A 146 -19.70 26.84 -3.15
CA THR A 146 -19.20 27.89 -4.03
C THR A 146 -18.10 28.69 -3.35
N ARG A 147 -17.37 29.46 -4.15
CA ARG A 147 -16.34 30.35 -3.62
C ARG A 147 -16.98 31.42 -2.75
N GLU A 148 -18.20 31.82 -3.12
CA GLU A 148 -18.93 32.86 -2.41
C GLU A 148 -19.27 32.41 -0.99
N GLU A 149 -19.58 31.13 -0.83
CA GLU A 149 -19.90 30.57 0.48
C GLU A 149 -18.64 30.40 1.32
N ARG A 150 -17.55 30.00 0.68
CA ARG A 150 -16.29 29.79 1.38
C ARG A 150 -15.64 31.09 1.84
N LEU A 151 -16.04 32.19 1.19
CA LEU A 151 -15.57 33.52 1.59
C LEU A 151 -16.07 33.88 2.99
N LEU A 152 -17.21 33.30 3.36
CA LEU A 152 -17.85 33.59 4.63
C LEU A 152 -17.34 32.70 5.76
N ALA A 153 -16.70 31.59 5.39
CA ALA A 153 -16.23 30.60 6.35
C ALA A 153 -15.24 31.19 7.36
N PRO A 154 -15.58 31.10 8.66
CA PRO A 154 -14.72 31.62 9.73
C PRO A 154 -13.51 30.71 9.98
N PRO A 155 -12.29 31.26 9.86
CA PRO A 155 -11.05 30.53 10.12
C PRO A 155 -11.00 30.01 11.55
N LEU A 156 -10.48 28.80 11.73
CA LEU A 156 -10.32 28.23 13.06
C LEU A 156 -8.92 28.45 13.60
N PHE A 157 -8.74 29.52 14.36
CA PHE A 157 -7.47 29.83 14.99
C PHE A 157 -7.27 28.97 16.22
N LEU A 158 -6.31 28.06 16.15
CA LEU A 158 -6.07 27.13 17.23
C LEU A 158 -5.10 27.67 18.28
N PHE A 159 -5.44 27.45 19.55
CA PHE A 159 -4.58 27.80 20.65
C PHE A 159 -4.55 26.67 21.67
N ARG A 160 -3.43 26.51 22.37
CA ARG A 160 -3.38 25.51 23.44
C ARG A 160 -2.64 26.01 24.69
N ALA A 161 -3.25 25.81 25.85
CA ALA A 161 -2.64 26.22 27.12
C ALA A 161 -1.36 25.43 27.38
N VAL A 162 -0.22 26.12 27.31
CA VAL A 162 1.07 25.48 27.49
C VAL A 162 1.87 26.11 28.62
N THR A 163 2.91 25.41 29.05
CA THR A 163 3.80 25.90 30.10
C THR A 163 4.99 26.62 29.49
N VAL A 164 5.17 27.88 29.85
CA VAL A 164 6.27 28.68 29.33
C VAL A 164 7.42 28.74 30.33
N HIS A 165 8.45 29.51 29.99
CA HIS A 165 9.58 29.70 30.89
C HIS A 165 10.00 31.16 30.98
N ARG A 166 10.13 31.65 32.20
CA ARG A 166 10.55 33.03 32.44
C ARG A 166 11.57 33.09 33.58
N ALA A 167 12.71 33.73 33.31
CA ALA A 167 13.78 33.88 34.28
C ALA A 167 14.33 32.55 34.81
N GLY A 168 14.27 31.52 33.97
CA GLY A 168 14.83 30.23 34.31
C GLY A 168 13.84 29.28 34.98
N ARG A 169 12.66 29.77 35.29
CA ARG A 169 11.63 28.97 35.96
C ARG A 169 10.55 28.53 34.99
N ALA A 170 9.64 27.68 35.47
CA ALA A 170 8.53 27.21 34.66
C ALA A 170 7.20 27.83 35.09
N VAL A 171 6.50 28.43 34.13
CA VAL A 171 5.20 29.02 34.40
C VAL A 171 4.10 28.22 33.71
N VAL A 172 3.32 27.50 34.51
CA VAL A 172 2.34 26.54 33.98
C VAL A 172 1.05 27.18 33.50
N LYS A 173 0.56 28.19 34.23
CA LYS A 173 -0.71 28.83 33.90
C LYS A 173 -0.53 30.24 33.37
N GLY A 174 -1.49 30.69 32.57
CA GLY A 174 -1.54 32.07 32.12
C GLY A 174 -1.00 32.31 30.72
N HIS A 175 -0.71 31.24 29.98
CA HIS A 175 -0.15 31.37 28.64
C HIS A 175 -0.76 30.40 27.63
N VAL A 176 -0.95 30.88 26.41
CA VAL A 176 -1.46 30.05 25.33
C VAL A 176 -0.52 30.08 24.13
N GLU A 177 -0.43 28.94 23.44
CA GLU A 177 0.42 28.80 22.27
C GLU A 177 -0.42 28.81 21.00
N PHE A 178 0.03 29.57 20.00
CA PHE A 178 -0.65 29.65 18.71
C PHE A 178 -0.31 28.43 17.85
N CYS A 179 -1.34 27.80 17.30
CA CYS A 179 -1.18 26.56 16.54
C CYS A 179 -1.63 26.68 15.09
N GLY A 180 -1.89 27.91 14.64
CA GLY A 180 -2.23 28.16 13.26
C GLY A 180 -3.72 28.30 12.99
N ALA A 181 -4.04 28.58 11.72
CA ALA A 181 -5.42 28.64 11.28
C ALA A 181 -5.81 27.32 10.63
N ALA A 182 -7.01 26.83 10.91
CA ALA A 182 -7.42 25.51 10.46
C ALA A 182 -8.71 25.51 9.64
N ILE A 183 -8.80 24.55 8.73
CA ILE A 183 -10.03 24.30 7.98
C ILE A 183 -10.66 23.02 8.50
N ILE A 184 -11.98 23.03 8.69
CA ILE A 184 -12.68 21.82 9.07
C ILE A 184 -12.69 20.84 7.90
N GLU A 185 -11.76 19.90 7.92
CA GLU A 185 -11.65 18.92 6.85
C GLU A 185 -12.72 17.85 6.99
N ARG A 186 -13.01 17.45 8.23
CA ARG A 186 -14.07 16.47 8.46
C ARG A 186 -14.77 16.71 9.79
N LEU A 187 -16.07 16.38 9.83
CA LEU A 187 -16.84 16.50 11.06
C LEU A 187 -17.75 15.28 11.17
N GLU A 188 -17.53 14.45 12.19
CA GLU A 188 -18.28 13.21 12.33
C GLU A 188 -18.84 12.99 13.73
N HIS A 189 -19.80 12.07 13.83
CA HIS A 189 -20.41 11.70 15.09
C HIS A 189 -19.50 10.75 15.85
N VAL A 190 -19.49 10.87 17.17
CA VAL A 190 -18.69 9.96 18.01
C VAL A 190 -19.39 9.75 19.35
N VAL A 191 -19.10 8.63 20.00
CA VAL A 191 -19.60 8.39 21.35
C VAL A 191 -18.44 8.24 22.32
N GLN A 192 -18.47 9.06 23.37
CA GLN A 192 -17.39 9.06 24.35
C GLN A 192 -17.86 8.57 25.71
N ARG A 193 -16.90 8.25 26.57
CA ARG A 193 -17.20 7.78 27.92
C ARG A 193 -16.31 8.50 28.93
N ASP A 194 -16.92 9.02 30.00
CA ASP A 194 -16.17 9.64 31.08
C ASP A 194 -15.68 8.54 32.01
N PRO A 195 -14.35 8.34 32.07
CA PRO A 195 -13.75 7.26 32.87
C PRO A 195 -13.95 7.44 34.37
N GLU A 196 -14.24 8.66 34.81
CA GLU A 196 -14.39 8.93 36.23
C GLU A 196 -15.83 8.74 36.72
N THR A 197 -16.79 9.17 35.91
CA THR A 197 -18.21 9.08 36.29
C THR A 197 -18.91 7.89 35.65
N GLY A 198 -18.31 7.36 34.58
CA GLY A 198 -18.83 6.18 33.93
C GLY A 198 -19.95 6.46 32.94
N ARG A 199 -20.23 7.74 32.69
CA ARG A 199 -21.30 8.12 31.78
C ARG A 199 -20.83 8.18 30.33
N SER A 200 -21.72 7.82 29.42
CA SER A 200 -21.43 7.86 28.00
C SER A 200 -22.30 8.91 27.31
N PHE A 201 -21.77 9.51 26.25
CA PHE A 201 -22.48 10.62 25.60
C PHE A 201 -22.01 10.84 24.16
N PRO A 202 -22.92 11.28 23.28
CA PRO A 202 -22.56 11.64 21.91
C PRO A 202 -21.72 12.91 21.87
N ASN A 203 -21.03 13.13 20.76
CA ASN A 203 -20.16 14.29 20.60
C ASN A 203 -19.71 14.40 19.15
N LEU A 204 -19.08 15.53 18.82
CA LEU A 204 -18.58 15.76 17.48
C LEU A 204 -17.07 15.67 17.44
N SER A 205 -16.55 14.84 16.53
CA SER A 205 -15.12 14.71 16.33
C SER A 205 -14.72 15.34 15.00
N LEU A 206 -13.73 16.22 15.05
CA LEU A 206 -13.37 17.02 13.87
C LEU A 206 -11.91 16.81 13.43
N ASP A 207 -11.75 16.51 12.14
CA ASP A 207 -10.45 16.53 11.50
C ASP A 207 -10.18 17.93 10.96
N LEU A 208 -9.19 18.59 11.55
CA LEU A 208 -8.84 19.96 11.16
C LEU A 208 -7.52 19.99 10.41
N ALA A 209 -7.47 20.81 9.35
CA ALA A 209 -6.27 20.96 8.55
C ALA A 209 -5.66 22.34 8.76
N VAL A 210 -4.55 22.39 9.49
CA VAL A 210 -3.83 23.64 9.71
C VAL A 210 -3.15 24.07 8.42
N VAL A 211 -3.52 25.24 7.92
CA VAL A 211 -3.02 25.72 6.63
C VAL A 211 -1.58 26.21 6.68
N SER A 212 -0.84 25.94 5.61
CA SER A 212 0.53 26.44 5.48
C SER A 212 0.52 27.95 5.40
N GLY A 213 1.48 28.59 6.05
CA GLY A 213 1.54 30.04 6.10
C GLY A 213 2.12 30.67 4.85
N GLY A 214 2.88 29.90 4.09
CA GLY A 214 3.51 30.41 2.88
C GLY A 214 4.88 31.01 3.15
N GLU A 215 5.00 32.31 2.90
CA GLU A 215 6.28 33.01 3.08
C GLU A 215 6.66 33.13 4.55
N ILE A 216 5.70 32.96 5.44
CA ILE A 216 5.96 32.96 6.87
C ILE A 216 5.26 31.76 7.53
N ASP A 217 5.78 31.31 8.67
CA ASP A 217 5.15 30.23 9.40
C ASP A 217 4.16 30.80 10.42
N GLY A 218 3.10 31.42 9.92
CA GLY A 218 2.11 32.03 10.77
C GLY A 218 1.13 32.89 9.98
N VAL A 219 0.43 33.78 10.66
CA VAL A 219 -0.54 34.64 10.01
C VAL A 219 -0.43 36.11 10.42
N ASP A 220 -0.98 36.99 9.59
CA ASP A 220 -1.09 38.40 9.92
C ASP A 220 -2.48 38.62 10.52
N PHE A 221 -2.54 39.22 11.70
CA PHE A 221 -3.81 39.40 12.39
C PHE A 221 -4.68 40.50 11.76
N ARG A 222 -4.13 41.19 10.77
CA ARG A 222 -4.91 42.16 10.01
C ARG A 222 -5.96 41.46 9.16
N TRP A 223 -5.75 40.18 8.92
CA TRP A 223 -6.72 39.31 8.27
C TRP A 223 -8.01 39.32 9.08
N ILE A 224 -7.86 39.09 10.39
CA ILE A 224 -8.99 39.09 11.30
C ILE A 224 -9.58 40.48 11.44
N ASP A 225 -8.72 41.49 11.44
CA ASP A 225 -9.18 42.89 11.48
C ASP A 225 -10.11 43.17 10.31
N ASP A 226 -9.74 42.70 9.13
CA ASP A 226 -10.56 42.86 7.94
C ASP A 226 -11.84 42.05 8.04
N ARG A 227 -11.74 40.81 8.52
CA ARG A 227 -12.92 39.97 8.70
C ARG A 227 -13.85 40.53 9.78
N ARG A 228 -13.30 41.22 10.77
CA ARG A 228 -14.10 41.85 11.81
C ARG A 228 -14.55 43.24 11.38
N ASN A 229 -14.03 43.71 10.25
CA ASN A 229 -14.37 45.04 9.75
C ASN A 229 -15.72 45.04 9.04
N ALA A 230 -16.68 45.78 9.60
CA ALA A 230 -18.03 45.83 9.06
C ALA A 230 -18.09 46.65 7.77
N ALA A 231 -17.07 47.46 7.53
CA ALA A 231 -17.02 48.30 6.35
C ALA A 231 -16.57 47.51 5.13
N LEU A 232 -15.97 46.34 5.38
CA LEU A 232 -15.44 45.51 4.30
C LEU A 232 -16.33 44.32 4.00
N ALA A 233 -16.55 44.06 2.72
CA ALA A 233 -17.27 42.87 2.29
C ALA A 233 -16.39 41.65 2.55
N ALA A 234 -17.00 40.47 2.56
CA ALA A 234 -16.27 39.23 2.84
C ALA A 234 -15.17 38.99 1.83
N GLY A 235 -15.40 39.40 0.59
CA GLY A 235 -14.42 39.24 -0.48
C GLY A 235 -13.31 40.27 -0.42
N GLU A 236 -13.47 41.25 0.47
CA GLU A 236 -12.47 42.30 0.64
C GLU A 236 -11.61 42.04 1.88
N THR A 237 -11.72 40.84 2.43
CA THR A 237 -11.03 40.50 3.67
C THR A 237 -9.88 39.53 3.46
N LEU A 238 -9.45 39.38 2.21
CA LEU A 238 -8.40 38.42 1.89
C LEU A 238 -7.05 39.09 1.55
N ARG A 239 -6.94 40.38 1.82
CA ARG A 239 -5.72 41.11 1.47
C ARG A 239 -4.55 40.80 2.38
N HIS A 240 -4.84 40.36 3.60
CA HIS A 240 -3.78 40.00 4.55
C HIS A 240 -3.89 38.54 4.96
N ALA A 241 -4.62 37.76 4.16
CA ALA A 241 -4.82 36.34 4.43
C ALA A 241 -3.71 35.52 3.77
N PRO A 242 -3.43 34.32 4.33
CA PRO A 242 -2.44 33.42 3.72
C PRO A 242 -2.85 33.01 2.30
N GLU A 243 -1.86 32.75 1.45
CA GLU A 243 -2.12 32.34 0.08
C GLU A 243 -2.87 31.00 0.04
N SER A 244 -2.58 30.14 1.00
CA SER A 244 -3.22 28.83 1.08
C SER A 244 -4.72 28.95 1.33
N TRP A 245 -5.11 29.89 2.18
CA TRP A 245 -6.51 30.10 2.48
C TRP A 245 -7.25 30.69 1.29
N ILE A 246 -6.55 31.54 0.53
CA ILE A 246 -7.09 32.11 -0.70
C ILE A 246 -7.32 31.01 -1.72
N ARG A 247 -6.33 30.12 -1.84
CA ARG A 247 -6.43 28.98 -2.74
C ARG A 247 -7.59 28.07 -2.35
N TRP A 248 -7.79 27.87 -1.05
CA TRP A 248 -8.91 27.07 -0.59
C TRP A 248 -10.24 27.74 -0.91
N VAL A 249 -10.31 29.05 -0.69
CA VAL A 249 -11.50 29.81 -1.00
C VAL A 249 -11.85 29.66 -2.48
N ARG A 250 -10.84 29.72 -3.34
CA ARG A 250 -11.04 29.57 -4.77
C ARG A 250 -11.48 28.15 -5.17
N GLN A 251 -10.72 27.15 -4.73
CA GLN A 251 -10.89 25.78 -5.20
C GLN A 251 -11.85 24.94 -4.34
N GLY A 252 -11.74 25.06 -3.02
CA GLY A 252 -12.58 24.29 -2.13
C GLY A 252 -11.86 23.07 -1.57
N ARG A 253 -12.54 21.94 -1.57
CA ARG A 253 -11.96 20.70 -1.03
C ARG A 253 -10.79 20.20 -1.85
N LEU A 254 -10.69 20.66 -3.09
CA LEU A 254 -9.61 20.24 -3.98
C LEU A 254 -8.26 20.80 -3.52
N ALA A 255 -8.30 21.93 -2.81
CA ALA A 255 -7.09 22.59 -2.35
C ALA A 255 -6.54 21.97 -1.07
N ILE A 256 -7.44 21.42 -0.26
CA ILE A 256 -7.08 20.86 1.05
C ILE A 256 -5.92 19.84 1.07
N PRO A 257 -5.89 18.89 0.11
CA PRO A 257 -4.78 17.93 0.15
C PRO A 257 -3.40 18.53 -0.13
N GLY A 258 -3.33 19.83 -0.42
CA GLY A 258 -2.06 20.45 -0.76
C GLY A 258 -1.75 21.74 -0.03
N ILE A 259 -2.57 22.08 0.97
CA ILE A 259 -2.39 23.34 1.68
C ILE A 259 -2.12 23.13 3.18
N ARG A 260 -1.93 21.89 3.59
CA ARG A 260 -1.66 21.58 4.99
C ARG A 260 -0.26 22.00 5.40
N ARG A 261 -0.12 22.50 6.63
CA ARG A 261 1.18 22.90 7.15
C ARG A 261 2.10 21.69 7.30
N ARG A 262 3.36 21.87 6.88
CA ARG A 262 4.33 20.79 6.92
C ARG A 262 5.63 21.24 7.58
N VAL A 263 6.11 20.44 8.54
CA VAL A 263 7.39 20.71 9.18
C VAL A 263 8.34 19.53 8.98
N LEU A 264 9.44 19.77 8.29
CA LEU A 264 10.44 18.74 8.05
C LEU A 264 11.23 18.44 9.32
N ALA A 265 10.89 17.34 9.97
CA ALA A 265 11.56 16.94 11.21
C ALA A 265 12.00 15.48 11.14
N SER A 266 12.89 15.11 12.05
CA SER A 266 13.37 13.73 12.12
C SER A 266 12.23 12.78 12.46
N ALA A 267 12.09 11.72 11.68
CA ALA A 267 11.04 10.74 11.89
C ALA A 267 11.48 9.65 12.85
N VAL A 268 12.68 9.81 13.41
CA VAL A 268 13.22 8.86 14.37
C VAL A 268 12.82 9.24 15.79
N GLN A 269 12.00 8.40 16.40
CA GLN A 269 11.56 8.64 17.78
C GLN A 269 12.45 7.89 18.76
N SER A 270 12.73 8.53 19.89
CA SER A 270 13.51 7.88 20.95
C SER A 270 12.67 6.83 21.62
N SER A 271 13.27 6.04 22.49
CA SER A 271 12.54 5.03 23.24
C SER A 271 11.54 5.69 24.18
N LYS A 272 11.89 6.87 24.68
CA LYS A 272 11.03 7.60 25.60
C LYS A 272 9.79 8.17 24.90
N GLU A 273 9.96 8.55 23.65
CA GLU A 273 8.85 9.10 22.87
C GLU A 273 7.83 8.03 22.51
N GLN A 274 8.31 6.84 22.17
CA GLN A 274 7.43 5.75 21.79
C GLN A 274 6.68 5.20 23.00
N GLN A 275 7.26 5.39 24.18
CA GLN A 275 6.63 4.97 25.42
C GLN A 275 5.77 6.10 25.98
N PRO A 276 4.74 5.75 26.76
CA PRO A 276 3.88 6.78 27.37
C PRO A 276 4.61 7.52 28.50
N ALA A 277 3.94 8.49 29.10
CA ALA A 277 4.53 9.26 30.19
C ALA A 277 4.84 8.36 31.39
N SER A 278 5.63 8.88 32.33
CA SER A 278 6.09 8.09 33.47
C SER A 278 4.96 7.57 34.36
N GLY A 279 4.20 8.49 34.94
CA GLY A 279 3.13 8.11 35.85
C GLY A 279 1.75 8.18 35.23
N SER A 280 1.70 8.17 33.90
CA SER A 280 0.45 8.26 33.18
C SER A 280 -0.41 7.01 33.36
N ALA A 281 -1.67 7.11 32.96
CA ALA A 281 -2.58 5.97 33.02
C ALA A 281 -2.23 4.96 31.94
N GLU A 282 -1.74 5.47 30.81
CA GLU A 282 -1.34 4.63 29.70
C GLU A 282 -0.09 3.81 30.04
N ALA A 283 0.72 4.35 30.95
CA ALA A 283 1.90 3.63 31.44
C ALA A 283 1.48 2.41 32.24
N ALA A 284 0.56 2.61 33.17
CA ALA A 284 0.02 1.52 33.99
C ALA A 284 -0.69 0.51 33.11
N THR A 285 -1.42 1.01 32.12
CA THR A 285 -2.10 0.15 31.14
C THR A 285 -1.09 -0.74 30.42
N LEU A 286 0.00 -0.13 29.96
CA LEU A 286 1.04 -0.85 29.25
C LEU A 286 1.71 -1.89 30.15
N GLN A 287 1.92 -1.54 31.41
CA GLN A 287 2.50 -2.47 32.37
C GLN A 287 1.58 -3.67 32.56
N THR A 288 0.29 -3.40 32.67
CA THR A 288 -0.71 -4.47 32.78
C THR A 288 -0.66 -5.36 31.55
N LEU A 289 -0.57 -4.75 30.37
CA LEU A 289 -0.53 -5.49 29.11
C LEU A 289 0.70 -6.37 29.01
N TYR A 290 1.85 -5.87 29.47
CA TYR A 290 3.08 -6.67 29.44
C TYR A 290 3.03 -7.81 30.44
N LYS A 291 2.60 -7.52 31.66
CA LYS A 291 2.54 -8.53 32.70
C LYS A 291 1.52 -9.63 32.39
N PHE A 292 0.47 -9.26 31.67
CA PHE A 292 -0.58 -10.21 31.30
C PHE A 292 -0.12 -11.10 30.14
N TYR A 293 0.35 -10.48 29.07
CA TYR A 293 0.72 -11.20 27.86
C TYR A 293 2.18 -11.63 27.84
N ASP A 294 2.82 -11.62 29.01
CA ASP A 294 4.20 -12.06 29.11
C ASP A 294 4.29 -13.56 28.83
N GLY A 295 3.26 -14.29 29.23
CA GLY A 295 3.18 -15.72 28.99
C GLY A 295 2.04 -16.09 28.07
N ARG A 296 1.47 -15.09 27.40
CA ARG A 296 0.38 -15.30 26.47
C ARG A 296 0.71 -14.69 25.10
N LYS A 297 1.41 -15.46 24.28
CA LYS A 297 1.92 -14.99 23.00
C LYS A 297 0.82 -14.76 21.95
N HIS A 298 0.04 -15.79 21.69
CA HIS A 298 -0.95 -15.74 20.61
C HIS A 298 -2.19 -14.93 20.96
N ALA A 299 -2.49 -14.86 22.26
CA ALA A 299 -3.56 -13.99 22.73
C ALA A 299 -3.14 -12.54 22.47
N PHE A 300 -1.86 -12.28 22.69
CA PHE A 300 -1.28 -10.98 22.37
C PHE A 300 -1.27 -10.76 20.87
N GLU A 301 -1.17 -11.84 20.11
CA GLU A 301 -1.27 -11.74 18.66
C GLU A 301 -2.68 -11.31 18.22
N LEU A 302 -3.70 -11.89 18.86
CA LEU A 302 -5.08 -11.51 18.58
C LEU A 302 -5.34 -10.05 18.96
N LEU A 303 -4.90 -9.69 20.17
CA LEU A 303 -5.02 -8.31 20.65
C LEU A 303 -4.32 -7.37 19.68
N ALA A 304 -3.17 -7.77 19.17
CA ALA A 304 -2.41 -6.94 18.24
C ALA A 304 -3.13 -6.81 16.91
N SER A 305 -3.85 -7.85 16.50
CA SER A 305 -4.65 -7.80 15.29
C SER A 305 -5.79 -6.79 15.45
N ARG A 306 -6.47 -6.86 16.58
CA ARG A 306 -7.56 -5.92 16.85
C ARG A 306 -7.07 -4.47 16.95
N VAL A 307 -5.96 -4.29 17.64
CA VAL A 307 -5.34 -2.97 17.80
C VAL A 307 -4.89 -2.41 16.45
N ALA A 308 -4.33 -3.27 15.61
CA ALA A 308 -3.93 -2.87 14.27
C ALA A 308 -5.14 -2.43 13.47
N ALA A 309 -6.21 -3.22 13.55
CA ALA A 309 -7.46 -2.87 12.88
C ALA A 309 -7.97 -1.49 13.32
N GLU A 310 -7.92 -1.24 14.62
CA GLU A 310 -8.36 0.03 15.18
C GLU A 310 -7.50 1.20 14.69
N VAL A 311 -6.20 1.01 14.74
CA VAL A 311 -5.25 2.03 14.29
C VAL A 311 -5.45 2.37 12.82
N PHE A 312 -5.69 1.35 12.00
CA PHE A 312 -5.96 1.57 10.59
C PHE A 312 -7.29 2.28 10.35
N ARG A 313 -8.34 1.87 11.07
CA ARG A 313 -9.63 2.52 10.90
C ARG A 313 -9.61 3.95 11.39
N GLU A 314 -8.68 4.26 12.29
CA GLU A 314 -8.57 5.60 12.87
C GLU A 314 -8.15 6.59 11.80
N SER A 315 -7.45 6.11 10.78
CA SER A 315 -6.99 6.95 9.68
C SER A 315 -7.99 6.95 8.54
N GLY A 316 -9.18 6.41 8.80
CA GLY A 316 -10.22 6.32 7.78
C GLY A 316 -10.05 5.12 6.85
N ALA A 317 -8.93 4.41 6.99
CA ALA A 317 -8.68 3.24 6.16
C ALA A 317 -9.67 2.11 6.48
N ARG A 318 -10.30 1.59 5.43
CA ARG A 318 -11.27 0.50 5.61
C ARG A 318 -10.58 -0.84 5.74
N TYR A 319 -10.44 -1.29 6.99
CA TYR A 319 -9.70 -2.51 7.29
C TYR A 319 -10.64 -3.71 7.36
N LYS A 320 -10.18 -4.84 6.82
CA LYS A 320 -10.94 -6.08 6.89
C LYS A 320 -10.20 -7.11 7.73
N GLU A 321 -10.90 -7.65 8.73
CA GLU A 321 -10.33 -8.65 9.63
C GLU A 321 -10.03 -9.95 8.91
N GLY A 322 -8.78 -10.40 9.00
CA GLY A 322 -8.37 -11.64 8.35
C GLY A 322 -8.30 -12.80 9.32
N TRP A 323 -7.10 -13.16 9.75
CA TRP A 323 -6.93 -14.28 10.68
C TRP A 323 -5.57 -14.28 11.38
N LEU A 324 -5.36 -15.31 12.20
CA LEU A 324 -4.08 -15.51 12.88
C LEU A 324 -3.33 -16.66 12.22
N SER A 325 -2.00 -16.62 12.29
CA SER A 325 -1.16 -17.62 11.63
C SER A 325 -1.26 -18.99 12.31
N ARG A 326 -1.08 -19.02 13.63
CA ARG A 326 -1.11 -20.26 14.38
C ARG A 326 -1.52 -20.04 15.83
N SER A 327 -1.86 -21.13 16.52
CA SER A 327 -2.25 -21.08 17.92
C SER A 327 -1.11 -21.57 18.81
N SER A 328 -0.04 -22.03 18.17
CA SER A 328 1.14 -22.51 18.88
C SER A 328 2.38 -22.40 17.99
N GLY A 329 3.52 -22.16 18.60
CA GLY A 329 4.77 -22.01 17.85
C GLY A 329 5.08 -20.56 17.54
N ASP A 330 5.94 -20.34 16.55
CA ASP A 330 6.36 -19.01 16.17
C ASP A 330 6.64 -18.92 14.67
N GLY A 331 6.62 -17.70 14.15
CA GLY A 331 6.90 -17.47 12.74
C GLY A 331 7.11 -16.00 12.45
N GLY A 332 7.37 -15.68 11.18
CA GLY A 332 7.60 -14.30 10.77
C GLY A 332 6.35 -13.44 10.87
N VAL A 333 5.24 -13.97 10.38
CA VAL A 333 3.98 -13.25 10.38
C VAL A 333 3.02 -13.83 11.42
N ASP A 334 2.44 -12.96 12.24
CA ASP A 334 1.56 -13.39 13.33
C ASP A 334 0.08 -13.29 12.97
N PHE A 335 -0.27 -12.35 12.10
CA PHE A 335 -1.65 -12.23 11.65
C PHE A 335 -1.78 -11.56 10.28
N ILE A 336 -2.92 -11.79 9.63
CA ILE A 336 -3.19 -11.26 8.31
C ILE A 336 -4.48 -10.46 8.31
N GLY A 337 -4.46 -9.31 7.62
CA GLY A 337 -5.63 -8.48 7.42
C GLY A 337 -5.65 -7.92 6.01
N ARG A 338 -6.56 -6.98 5.75
CA ARG A 338 -6.67 -6.40 4.42
C ARG A 338 -7.26 -5.00 4.45
N ILE A 339 -6.70 -4.11 3.64
CA ILE A 339 -7.24 -2.76 3.51
C ILE A 339 -7.71 -2.51 2.09
N ASP A 340 -8.92 -1.96 1.94
CA ASP A 340 -9.43 -1.61 0.62
C ASP A 340 -9.09 -0.17 0.30
N MET A 341 -8.01 0.03 -0.46
CA MET A 341 -7.54 1.37 -0.79
C MET A 341 -8.29 1.95 -1.99
N GLY A 342 -8.90 3.10 -1.79
CA GLY A 342 -9.70 3.74 -2.83
C GLY A 342 -11.06 4.14 -2.29
N SER A 343 -12.09 3.96 -3.11
CA SER A 343 -13.45 4.29 -2.69
C SER A 343 -14.36 3.07 -2.83
N LEU A 344 -15.67 3.30 -2.72
CA LEU A 344 -16.64 2.22 -2.79
C LEU A 344 -16.71 1.61 -4.19
N LYS A 345 -16.73 2.47 -5.21
CA LYS A 345 -16.84 2.01 -6.59
C LYS A 345 -15.47 1.63 -7.17
N ALA A 346 -14.43 2.34 -6.73
CA ALA A 346 -13.07 2.08 -7.20
C ALA A 346 -12.13 1.81 -6.03
N SER A 347 -11.61 0.59 -5.95
CA SER A 347 -10.72 0.21 -4.87
C SER A 347 -9.86 -1.01 -5.21
N THR A 348 -8.69 -1.08 -4.59
CA THR A 348 -7.84 -2.25 -4.72
C THR A 348 -7.49 -2.80 -3.33
N PRO A 349 -7.43 -4.13 -3.21
CA PRO A 349 -7.11 -4.76 -1.92
C PRO A 349 -5.61 -4.85 -1.66
N VAL A 350 -5.17 -4.30 -0.53
CA VAL A 350 -3.79 -4.44 -0.10
C VAL A 350 -3.70 -5.34 1.14
N VAL A 351 -2.84 -6.35 1.06
CA VAL A 351 -2.72 -7.34 2.12
C VAL A 351 -1.86 -6.82 3.27
N VAL A 352 -2.36 -6.98 4.49
CA VAL A 352 -1.66 -6.52 5.67
C VAL A 352 -1.04 -7.70 6.44
N LEU A 353 0.28 -7.67 6.56
CA LEU A 353 1.00 -8.69 7.33
C LEU A 353 1.32 -8.14 8.71
N GLY A 354 0.84 -8.85 9.74
CA GLY A 354 1.02 -8.41 11.10
C GLY A 354 2.04 -9.21 11.87
N GLN A 355 2.73 -8.53 12.79
CA GLN A 355 3.68 -9.18 13.68
C GLN A 355 3.53 -8.60 15.08
N ALA A 356 3.50 -9.47 16.09
CA ALA A 356 3.32 -9.04 17.46
C ALA A 356 4.42 -9.60 18.37
N LYS A 357 5.02 -8.73 19.18
CA LYS A 357 6.04 -9.18 20.11
C LYS A 357 5.94 -8.49 21.47
N CYS A 358 5.58 -9.27 22.49
CA CYS A 358 5.42 -8.75 23.84
C CYS A 358 6.72 -8.85 24.63
N ILE A 359 7.53 -7.80 24.55
CA ILE A 359 8.76 -7.73 25.32
C ILE A 359 8.62 -6.67 26.41
N GLN A 360 9.67 -6.53 27.23
CA GLN A 360 9.70 -5.49 28.25
C GLN A 360 9.50 -4.13 27.61
N PRO A 361 8.63 -3.29 28.19
CA PRO A 361 8.36 -1.94 27.69
C PRO A 361 9.64 -1.11 27.55
N THR A 362 10.64 -1.43 28.37
CA THR A 362 11.94 -0.76 28.29
C THR A 362 12.83 -1.37 27.21
N SER A 363 12.58 -2.64 26.88
CA SER A 363 13.34 -3.33 25.84
C SER A 363 13.02 -2.77 24.46
N SER A 364 13.87 -3.08 23.49
CA SER A 364 13.71 -2.52 22.16
C SER A 364 13.68 -3.60 21.07
N VAL A 365 13.09 -3.26 19.93
CA VAL A 365 13.00 -4.19 18.80
C VAL A 365 14.10 -3.92 17.78
N SER A 366 14.88 -4.96 17.47
CA SER A 366 16.03 -4.85 16.59
C SER A 366 15.63 -4.69 15.12
N PRO A 367 16.54 -4.15 14.30
CA PRO A 367 16.29 -4.05 12.85
C PRO A 367 16.08 -5.41 12.17
N GLU A 368 16.72 -6.45 12.70
CA GLU A 368 16.53 -7.80 12.17
C GLU A 368 15.09 -8.25 12.35
N GLN A 369 14.55 -7.97 13.54
CA GLN A 369 13.19 -8.39 13.89
C GLN A 369 12.12 -7.74 13.01
N VAL A 370 12.32 -6.48 12.64
CA VAL A 370 11.39 -5.83 11.73
C VAL A 370 11.63 -6.27 10.29
N ALA A 371 12.91 -6.47 9.94
CA ALA A 371 13.26 -6.92 8.61
C ALA A 371 12.70 -8.31 8.31
N ARG A 372 12.49 -9.10 9.35
CA ARG A 372 11.92 -10.44 9.18
C ARG A 372 10.49 -10.36 8.67
N VAL A 373 9.81 -9.27 9.00
CA VAL A 373 8.45 -9.05 8.55
C VAL A 373 8.44 -8.30 7.22
N VAL A 374 9.37 -7.37 7.07
CA VAL A 374 9.48 -6.59 5.84
C VAL A 374 9.85 -7.48 4.64
N ALA A 375 10.73 -8.44 4.87
CA ALA A 375 11.16 -9.34 3.81
C ALA A 375 10.02 -10.18 3.24
N ARG A 376 8.99 -10.40 4.05
CA ARG A 376 7.83 -11.18 3.64
C ARG A 376 6.90 -10.38 2.73
N LEU A 377 7.07 -9.05 2.73
CA LEU A 377 6.17 -8.18 1.98
C LEU A 377 6.46 -8.18 0.48
N ARG A 378 5.39 -8.25 -0.30
CA ARG A 378 5.48 -8.08 -1.75
C ARG A 378 4.92 -6.71 -2.09
N ARG A 379 4.90 -6.38 -3.39
CA ARG A 379 4.29 -5.13 -3.81
C ARG A 379 2.77 -5.22 -3.66
N GLY A 380 2.18 -4.17 -3.09
CA GLY A 380 0.75 -4.18 -2.82
C GLY A 380 0.47 -4.71 -1.42
N TRP A 381 1.54 -5.02 -0.69
CA TRP A 381 1.41 -5.48 0.68
C TRP A 381 2.00 -4.46 1.64
N ILE A 382 1.41 -4.34 2.82
CA ILE A 382 1.98 -3.51 3.88
C ILE A 382 2.14 -4.33 5.14
N GLY A 383 2.96 -3.85 6.06
CA GLY A 383 3.19 -4.56 7.31
C GLY A 383 2.76 -3.76 8.52
N VAL A 384 2.71 -4.41 9.67
CA VAL A 384 2.42 -3.73 10.93
C VAL A 384 3.07 -4.48 12.11
N TYR A 385 3.83 -3.77 12.92
CA TYR A 385 4.54 -4.37 14.03
C TYR A 385 4.05 -3.81 15.37
N VAL A 386 3.39 -4.66 16.14
CA VAL A 386 2.86 -4.27 17.45
C VAL A 386 3.72 -4.83 18.58
N THR A 387 4.20 -3.94 19.44
CA THR A 387 5.03 -4.35 20.55
C THR A 387 4.76 -3.50 21.79
N THR A 388 5.01 -4.07 22.96
CA THR A 388 4.83 -3.36 24.23
C THR A 388 6.02 -2.45 24.51
N GLY A 389 7.13 -2.70 23.83
CA GLY A 389 8.33 -1.90 24.00
C GLY A 389 8.48 -0.85 22.91
N SER A 390 9.72 -0.61 22.51
CA SER A 390 10.01 0.39 21.48
C SER A 390 10.82 -0.23 20.34
N PHE A 391 10.97 0.52 19.25
CA PHE A 391 11.82 0.10 18.16
C PHE A 391 13.15 0.83 18.23
N SER A 392 14.23 0.11 18.02
CA SER A 392 15.57 0.69 18.11
C SER A 392 15.78 1.78 17.07
N ARG A 393 16.75 2.65 17.32
CA ARG A 393 17.02 3.76 16.41
C ARG A 393 17.45 3.25 15.04
N GLN A 394 18.28 2.22 15.04
CA GLN A 394 18.79 1.66 13.80
C GLN A 394 17.68 1.04 12.96
N ALA A 395 16.70 0.43 13.63
CA ALA A 395 15.55 -0.15 12.94
C ALA A 395 14.78 0.92 12.19
N GLN A 396 14.44 2.00 12.90
CA GLN A 396 13.72 3.12 12.32
C GLN A 396 14.51 3.76 11.19
N VAL A 397 15.82 3.88 11.37
CA VAL A 397 16.70 4.44 10.36
C VAL A 397 16.67 3.59 9.07
N GLU A 398 16.75 2.28 9.23
CA GLU A 398 16.72 1.38 8.09
C GLU A 398 15.33 1.34 7.44
N ILE A 399 14.29 1.62 8.22
CA ILE A 399 12.95 1.70 7.68
C ILE A 399 12.76 2.95 6.82
N ILE A 400 13.25 4.09 7.34
CA ILE A 400 13.16 5.36 6.63
C ILE A 400 14.02 5.37 5.37
N ASP A 401 15.27 4.93 5.50
CA ASP A 401 16.21 4.94 4.37
C ASP A 401 15.78 4.04 3.23
N ASP A 402 15.50 2.78 3.54
CA ASP A 402 15.15 1.80 2.51
C ASP A 402 13.66 1.79 2.21
N GLN A 403 12.94 2.75 2.78
CA GLN A 403 11.51 2.93 2.53
C GLN A 403 10.68 1.67 2.81
N TYR A 404 10.74 1.19 4.05
CA TYR A 404 9.98 0.00 4.43
C TYR A 404 8.52 0.37 4.73
N PRO A 405 7.59 -0.21 3.96
CA PRO A 405 6.16 0.04 4.16
C PRO A 405 5.61 -0.73 5.37
N VAL A 406 6.05 -0.33 6.57
CA VAL A 406 5.59 -1.00 7.79
C VAL A 406 5.10 0.01 8.82
N VAL A 407 3.90 -0.24 9.34
CA VAL A 407 3.32 0.61 10.37
C VAL A 407 3.85 0.19 11.74
N LEU A 408 4.38 1.16 12.48
CA LEU A 408 4.96 0.88 13.80
C LEU A 408 3.98 1.19 14.93
N ILE A 409 3.72 0.20 15.75
CA ILE A 409 2.88 0.38 16.94
C ILE A 409 3.63 -0.03 18.19
N ALA A 410 4.21 0.96 18.87
CA ALA A 410 4.99 0.72 20.07
C ALA A 410 4.14 0.80 21.33
N GLY A 411 4.79 0.89 22.48
CA GLY A 411 4.11 0.85 23.77
C GLY A 411 3.07 1.92 24.00
N GLY A 412 3.41 3.17 23.69
CA GLY A 412 2.50 4.29 23.89
C GLY A 412 1.27 4.19 23.01
N THR A 413 1.49 3.94 21.73
CA THR A 413 0.40 3.81 20.77
C THR A 413 -0.50 2.62 21.14
N LEU A 414 0.12 1.51 21.52
CA LEU A 414 -0.61 0.32 21.93
C LEU A 414 -1.48 0.60 23.16
N ALA A 415 -0.88 1.25 24.16
CA ALA A 415 -1.59 1.57 25.39
C ALA A 415 -2.76 2.51 25.15
N ALA A 416 -2.52 3.57 24.38
CA ALA A 416 -3.56 4.54 24.06
C ALA A 416 -4.70 3.90 23.29
N THR A 417 -4.35 3.11 22.28
CA THR A 417 -5.33 2.43 21.44
C THR A 417 -6.17 1.46 22.26
N VAL A 418 -5.50 0.64 23.07
CA VAL A 418 -6.18 -0.33 23.92
C VAL A 418 -7.12 0.35 24.91
N ARG A 419 -6.66 1.44 25.51
CA ARG A 419 -7.49 2.22 26.43
C ARG A 419 -8.73 2.77 25.73
N ARG A 420 -8.54 3.29 24.52
CA ARG A 420 -9.66 3.80 23.73
C ARG A 420 -10.68 2.70 23.43
N MET A 421 -10.17 1.55 22.96
CA MET A 421 -11.01 0.40 22.63
C MET A 421 -11.83 -0.05 23.84
N VAL A 422 -11.15 -0.21 24.97
CA VAL A 422 -11.77 -0.68 26.20
C VAL A 422 -12.82 0.30 26.71
N GLN A 423 -12.49 1.58 26.70
CA GLN A 423 -13.42 2.61 27.15
C GLN A 423 -14.64 2.74 26.23
N ALA A 424 -14.44 2.50 24.95
CA ALA A 424 -15.51 2.69 23.96
C ALA A 424 -16.33 1.43 23.69
N ASN A 425 -15.87 0.28 24.18
CA ASN A 425 -16.54 -0.98 23.89
C ASN A 425 -16.94 -1.81 25.11
N TYR A 426 -16.15 -1.75 26.17
CA TYR A 426 -16.35 -2.64 27.31
C TYR A 426 -16.52 -1.89 28.63
N GLY A 427 -17.05 -0.67 28.57
CA GLY A 427 -17.32 0.12 29.76
C GLY A 427 -16.10 0.39 30.61
N GLY A 428 -14.93 0.44 29.97
CA GLY A 428 -13.69 0.73 30.68
C GLY A 428 -13.15 -0.45 31.46
N ASP A 429 -13.55 -1.66 31.06
CA ASP A 429 -13.06 -2.88 31.71
C ASP A 429 -12.05 -3.61 30.82
N LEU A 430 -10.77 -3.44 31.16
CA LEU A 430 -9.68 -4.03 30.40
C LEU A 430 -9.75 -5.56 30.39
N ASP A 431 -10.20 -6.11 31.52
CA ASP A 431 -10.30 -7.56 31.68
C ASP A 431 -11.21 -8.20 30.64
N ALA A 432 -12.25 -7.49 30.23
CA ALA A 432 -13.16 -8.02 29.22
C ALA A 432 -12.42 -8.27 27.91
N LEU A 433 -11.66 -7.26 27.48
CA LEU A 433 -10.86 -7.38 26.27
C LEU A 433 -9.78 -8.44 26.39
N LEU A 434 -9.05 -8.42 27.50
CA LEU A 434 -7.95 -9.38 27.68
C LEU A 434 -8.46 -10.83 27.68
N ALA A 435 -9.51 -11.08 28.46
CA ALA A 435 -10.13 -12.40 28.52
C ALA A 435 -10.72 -12.80 27.18
N SER A 436 -11.21 -11.81 26.44
CA SER A 436 -11.68 -12.05 25.08
C SER A 436 -10.53 -12.59 24.22
N THR A 437 -9.39 -11.92 24.30
CA THR A 437 -8.21 -12.33 23.54
C THR A 437 -7.70 -13.72 23.94
N VAL A 438 -7.78 -14.01 25.24
CA VAL A 438 -7.34 -15.33 25.73
C VAL A 438 -8.29 -16.44 25.27
N ASP A 439 -9.59 -16.15 25.27
CA ASP A 439 -10.59 -17.16 24.96
C ASP A 439 -10.83 -17.35 23.46
N GLU A 440 -10.48 -16.37 22.65
CA GLU A 440 -10.85 -16.41 21.24
C GLU A 440 -9.69 -16.47 20.24
N TYR A 441 -8.46 -16.64 20.72
CA TYR A 441 -7.31 -16.63 19.82
C TYR A 441 -7.17 -17.92 19.02
N GLY A 442 -7.59 -19.04 19.60
CA GLY A 442 -7.50 -20.32 18.94
C GLY A 442 -8.42 -20.44 17.75
N ALA A 443 -9.62 -19.87 17.86
CA ALA A 443 -10.61 -19.93 16.80
C ALA A 443 -10.39 -18.88 15.73
N ALA A 444 -9.37 -18.04 15.93
CA ALA A 444 -9.04 -16.99 14.98
C ALA A 444 -7.89 -17.43 14.07
N VAL A 445 -7.58 -18.72 14.09
CA VAL A 445 -6.44 -19.26 13.37
C VAL A 445 -6.85 -20.05 12.13
N THR A 446 -6.32 -19.65 10.98
CA THR A 446 -6.46 -20.42 9.75
C THR A 446 -5.07 -20.65 9.17
N HIS A 447 -4.94 -21.65 8.29
CA HIS A 447 -3.65 -21.94 7.67
C HIS A 447 -3.64 -21.51 6.21
N ARG A 448 -4.40 -20.46 5.92
CA ARG A 448 -4.51 -19.96 4.55
C ARG A 448 -3.35 -19.06 4.18
N ARG A 449 -3.06 -18.96 2.88
CA ARG A 449 -2.06 -18.03 2.39
C ARG A 449 -2.55 -16.60 2.61
N PRO A 450 -1.61 -15.66 2.83
CA PRO A 450 -1.97 -14.25 3.02
C PRO A 450 -2.78 -13.71 1.85
N GLU A 451 -2.40 -14.09 0.63
CA GLU A 451 -3.10 -13.66 -0.58
C GLU A 451 -4.60 -13.94 -0.51
N GLU A 452 -4.95 -15.09 0.06
CA GLU A 452 -6.34 -15.51 0.18
C GLU A 452 -7.20 -14.51 0.94
N VAL A 453 -6.58 -13.57 1.65
CA VAL A 453 -7.31 -12.54 2.37
C VAL A 453 -8.09 -11.65 1.41
N ILE A 454 -7.72 -11.68 0.13
CA ILE A 454 -8.45 -10.94 -0.88
C ILE A 454 -9.87 -11.50 -1.05
N SER A 455 -10.03 -12.79 -0.80
CA SER A 455 -11.32 -13.45 -0.96
C SER A 455 -12.29 -13.17 0.19
N LEU A 456 -11.84 -12.40 1.18
CA LEU A 456 -12.69 -12.03 2.30
C LEU A 456 -13.54 -10.82 1.95
N LYS B 5 -61.48 -13.84 22.71
CA LYS B 5 -60.55 -13.13 21.84
C LYS B 5 -59.13 -13.21 22.39
N ALA B 6 -59.00 -13.62 23.65
CA ALA B 6 -57.69 -13.75 24.28
C ALA B 6 -57.00 -15.04 23.87
N ASP B 7 -57.74 -16.15 23.91
CA ASP B 7 -57.20 -17.45 23.54
C ASP B 7 -56.88 -17.50 22.06
N ILE B 8 -57.72 -16.87 21.25
CA ILE B 8 -57.53 -16.82 19.81
C ILE B 8 -56.27 -16.03 19.46
N ALA B 9 -56.10 -14.87 20.12
CA ALA B 9 -54.94 -14.03 19.90
C ALA B 9 -53.67 -14.71 20.38
N TRP B 10 -53.78 -15.43 21.49
CA TRP B 10 -52.65 -16.18 22.04
C TRP B 10 -52.22 -17.28 21.07
N ALA B 11 -53.18 -18.03 20.57
CA ALA B 11 -52.90 -19.11 19.63
C ALA B 11 -52.33 -18.59 18.32
N ALA B 12 -52.86 -17.46 17.85
CA ALA B 12 -52.39 -16.85 16.62
C ALA B 12 -50.96 -16.37 16.76
N SER B 13 -50.70 -15.59 17.81
CA SER B 13 -49.36 -15.07 18.08
C SER B 13 -48.35 -16.20 18.27
N ALA B 14 -48.77 -17.26 18.97
CA ALA B 14 -47.91 -18.41 19.18
C ALA B 14 -47.59 -19.11 17.86
N GLU B 15 -48.61 -19.25 17.01
CA GLU B 15 -48.45 -19.89 15.72
C GLU B 15 -47.52 -19.08 14.83
N VAL B 16 -47.55 -17.76 14.99
CA VAL B 16 -46.65 -16.88 14.24
C VAL B 16 -45.21 -17.01 14.74
N ALA B 17 -45.05 -16.99 16.06
CA ALA B 17 -43.73 -17.07 16.69
C ALA B 17 -43.13 -18.47 16.58
N ASN B 18 -43.93 -19.44 16.14
CA ASN B 18 -43.48 -20.81 16.01
C ASN B 18 -42.81 -21.07 14.66
N LYS B 19 -43.22 -20.35 13.63
CA LYS B 19 -42.73 -20.56 12.27
C LYS B 19 -41.64 -19.55 11.88
N PRO B 20 -40.48 -20.05 11.46
CA PRO B 20 -39.38 -19.19 10.98
C PRO B 20 -39.79 -18.42 9.73
N ARG B 21 -39.76 -17.09 9.81
CA ARG B 21 -40.14 -16.26 8.68
C ARG B 21 -38.91 -15.55 8.13
N LEU B 22 -38.29 -16.16 7.11
CA LEU B 22 -37.02 -15.69 6.60
C LEU B 22 -37.16 -14.73 5.42
N VAL B 23 -36.17 -13.86 5.25
CA VAL B 23 -36.06 -13.03 4.06
C VAL B 23 -34.59 -12.87 3.70
N PHE B 24 -34.26 -13.12 2.43
CA PHE B 24 -32.87 -13.08 2.01
C PHE B 24 -32.53 -11.79 1.28
N VAL B 25 -31.25 -11.46 1.22
CA VAL B 25 -30.79 -10.29 0.48
C VAL B 25 -31.03 -10.49 -1.01
N GLY B 26 -31.78 -9.56 -1.61
CA GLY B 26 -32.08 -9.64 -3.03
C GLY B 26 -33.52 -10.05 -3.30
N ASP B 27 -34.19 -10.55 -2.26
CA ASP B 27 -35.59 -10.95 -2.38
C ASP B 27 -36.48 -9.76 -2.72
N GLU B 28 -37.34 -9.95 -3.71
CA GLU B 28 -38.26 -8.90 -4.15
C GLU B 28 -39.59 -9.00 -3.42
N LEU B 29 -40.04 -7.88 -2.86
CA LEU B 29 -41.25 -7.85 -2.07
C LEU B 29 -42.24 -6.83 -2.63
N ARG B 30 -43.51 -7.23 -2.72
CA ARG B 30 -44.55 -6.32 -3.19
C ARG B 30 -44.94 -5.36 -2.08
N TYR B 31 -44.71 -4.07 -2.30
CA TYR B 31 -45.06 -3.07 -1.31
C TYR B 31 -46.30 -2.28 -1.69
N ALA B 32 -47.37 -2.49 -0.92
CA ALA B 32 -48.59 -1.71 -1.07
C ALA B 32 -48.96 -1.16 0.30
N GLN B 33 -48.83 0.16 0.46
CA GLN B 33 -49.07 0.81 1.73
C GLN B 33 -50.51 0.62 2.25
N GLY B 34 -51.43 0.38 1.32
CA GLY B 34 -52.82 0.19 1.67
C GLY B 34 -53.25 -1.26 1.71
N ALA B 35 -52.29 -2.18 1.60
CA ALA B 35 -52.58 -3.60 1.62
C ALA B 35 -52.86 -4.09 3.04
N ASN B 36 -52.99 -5.41 3.18
CA ASN B 36 -53.24 -6.01 4.48
C ASN B 36 -52.01 -6.73 5.03
N GLN B 37 -52.18 -7.41 6.16
CA GLN B 37 -51.08 -8.10 6.81
C GLN B 37 -51.37 -9.60 6.94
N ARG B 38 -52.40 -10.06 6.25
CA ARG B 38 -52.81 -11.46 6.33
C ARG B 38 -52.30 -12.29 5.17
N ASP B 39 -52.49 -11.79 3.95
CA ASP B 39 -52.07 -12.50 2.75
C ASP B 39 -50.55 -12.60 2.67
N VAL B 40 -50.05 -13.82 2.45
CA VAL B 40 -48.62 -14.05 2.37
C VAL B 40 -48.05 -13.57 1.04
N GLU B 41 -48.86 -13.63 -0.02
CA GLU B 41 -48.43 -13.23 -1.35
C GLU B 41 -49.33 -12.15 -1.90
N LEU B 42 -48.73 -11.19 -2.60
CA LEU B 42 -49.49 -10.08 -3.17
C LEU B 42 -48.98 -9.75 -4.57
N ASP B 43 -49.83 -9.99 -5.57
CA ASP B 43 -49.50 -9.72 -6.97
C ASP B 43 -48.24 -10.45 -7.44
N GLY B 44 -48.12 -11.72 -7.07
CA GLY B 44 -47.02 -12.55 -7.54
C GLY B 44 -45.74 -12.40 -6.73
N PHE B 45 -45.79 -11.63 -5.66
CA PHE B 45 -44.63 -11.43 -4.80
C PHE B 45 -45.00 -11.59 -3.33
N VAL B 46 -43.99 -11.81 -2.49
CA VAL B 46 -44.21 -11.90 -1.05
C VAL B 46 -44.68 -10.56 -0.51
N ASN B 47 -45.83 -10.57 0.16
CA ASN B 47 -46.40 -9.35 0.74
C ASN B 47 -45.49 -8.76 1.80
N TYR B 48 -45.07 -7.51 1.59
CA TYR B 48 -44.16 -6.83 2.51
C TYR B 48 -44.73 -6.73 3.92
N HIS B 49 -46.00 -6.35 4.02
CA HIS B 49 -46.62 -6.10 5.31
C HIS B 49 -46.89 -7.38 6.10
N TRP B 50 -46.99 -8.51 5.40
CA TRP B 50 -47.11 -9.79 6.08
C TRP B 50 -45.76 -10.22 6.65
N LEU B 51 -44.72 -9.99 5.87
CA LEU B 51 -43.35 -10.35 6.27
C LEU B 51 -42.89 -9.51 7.44
N THR B 52 -43.13 -8.21 7.37
CA THR B 52 -42.66 -7.29 8.40
C THR B 52 -43.55 -7.24 9.63
N SER B 53 -44.84 -7.48 9.44
CA SER B 53 -45.79 -7.45 10.54
C SER B 53 -47.00 -8.33 10.26
N PRO B 54 -46.87 -9.64 10.47
CA PRO B 54 -47.96 -10.59 10.24
C PRO B 54 -49.15 -10.29 11.15
N GLY B 55 -50.36 -10.49 10.63
CA GLY B 55 -51.57 -10.15 11.35
C GLY B 55 -51.81 -10.97 12.61
N GLY B 56 -51.16 -12.12 12.70
CA GLY B 56 -51.31 -12.98 13.86
C GLY B 56 -50.78 -12.37 15.14
N LEU B 57 -49.91 -11.37 14.99
CA LEU B 57 -49.33 -10.69 16.14
C LEU B 57 -50.21 -9.55 16.63
N GLY B 58 -51.08 -9.06 15.75
CA GLY B 58 -51.97 -7.97 16.10
C GLY B 58 -51.25 -6.65 16.24
N LEU B 59 -50.04 -6.58 15.70
CA LEU B 59 -49.22 -5.38 15.77
C LEU B 59 -49.46 -4.49 14.55
N PRO B 60 -49.29 -3.17 14.71
CA PRO B 60 -49.44 -2.23 13.61
C PRO B 60 -48.42 -2.46 12.49
N LYS B 61 -48.63 -1.82 11.36
CA LYS B 61 -47.73 -1.96 10.21
C LYS B 61 -46.39 -1.28 10.45
N VAL B 62 -45.33 -1.88 9.93
CA VAL B 62 -44.05 -1.21 9.84
C VAL B 62 -44.01 -0.51 8.49
N MET B 63 -44.43 0.74 8.46
CA MET B 63 -44.56 1.49 7.21
C MET B 63 -43.19 1.77 6.59
N LEU B 64 -43.14 1.70 5.26
CA LEU B 64 -41.90 1.95 4.53
C LEU B 64 -42.08 3.12 3.56
N GLU B 65 -42.31 4.32 4.12
CA GLU B 65 -42.37 5.51 3.30
C GLU B 65 -40.97 5.86 2.83
N ALA B 66 -40.88 6.56 1.70
CA ALA B 66 -39.58 6.92 1.12
C ALA B 66 -38.69 7.66 2.10
N GLY B 67 -37.61 7.02 2.52
CA GLY B 67 -36.66 7.63 3.44
C GLY B 67 -36.40 6.80 4.68
N ILE B 68 -36.55 7.44 5.84
CA ILE B 68 -36.23 6.81 7.11
C ILE B 68 -37.48 6.57 7.95
N ASN B 69 -37.77 5.30 8.21
CA ASN B 69 -38.96 4.92 8.96
C ASN B 69 -38.60 4.21 10.26
N ALA B 70 -39.50 4.29 11.23
CA ALA B 70 -39.33 3.60 12.51
C ALA B 70 -40.64 3.54 13.27
N PRO B 71 -41.02 2.34 13.74
CA PRO B 71 -42.23 2.15 14.55
C PRO B 71 -42.09 2.81 15.92
N ALA B 72 -43.16 2.71 16.73
CA ALA B 72 -43.15 3.32 18.06
C ALA B 72 -42.16 2.62 18.99
N GLU B 73 -41.67 3.35 19.98
CA GLU B 73 -40.70 2.83 20.92
C GLU B 73 -41.31 1.74 21.80
N VAL B 74 -40.62 0.62 21.93
CA VAL B 74 -41.11 -0.50 22.72
C VAL B 74 -40.68 -0.38 24.18
N VAL B 75 -41.66 -0.28 25.08
CA VAL B 75 -41.38 -0.20 26.50
C VAL B 75 -41.34 -1.60 27.12
N GLY B 76 -40.14 -2.17 27.18
CA GLY B 76 -39.97 -3.49 27.77
C GLY B 76 -39.97 -3.42 29.28
N PRO B 77 -39.80 -4.58 29.94
CA PRO B 77 -39.77 -4.63 31.40
C PRO B 77 -38.45 -4.11 31.94
N ASP B 78 -37.43 -4.04 31.07
CA ASP B 78 -36.11 -3.57 31.46
C ASP B 78 -35.90 -2.10 31.12
N ARG B 79 -36.03 -1.79 29.84
CA ARG B 79 -35.80 -0.45 29.32
C ARG B 79 -36.74 -0.19 28.16
N SER B 80 -36.69 1.03 27.61
CA SER B 80 -37.45 1.36 26.43
C SER B 80 -36.54 1.29 25.21
N ARG B 81 -37.03 0.74 24.11
CA ARG B 81 -36.18 0.51 22.95
C ARG B 81 -36.87 0.75 21.61
N ARG B 82 -36.06 1.10 20.60
CA ARG B 82 -36.54 1.21 19.24
C ARG B 82 -36.47 -0.16 18.58
N ALA B 83 -37.59 -0.59 18.03
CA ALA B 83 -37.67 -1.91 17.40
C ALA B 83 -36.66 -2.06 16.26
N LEU B 84 -36.77 -1.18 15.28
CA LEU B 84 -35.86 -1.18 14.14
C LEU B 84 -35.96 0.12 13.36
N ILE B 85 -35.07 0.29 12.39
CA ILE B 85 -35.17 1.40 11.46
C ILE B 85 -35.30 0.89 10.04
N ALA B 86 -36.49 1.05 9.46
CA ALA B 86 -36.75 0.60 8.10
C ALA B 86 -36.43 1.70 7.10
N ILE B 87 -35.41 1.46 6.28
CA ILE B 87 -34.95 2.45 5.31
C ILE B 87 -35.29 2.06 3.88
N ARG B 88 -35.93 2.98 3.16
CA ARG B 88 -36.27 2.76 1.76
C ARG B 88 -35.48 3.67 0.83
N SER B 89 -34.57 3.09 0.05
CA SER B 89 -33.84 3.85 -0.96
C SER B 89 -34.64 3.84 -2.26
N SER B 90 -35.08 5.02 -2.68
CA SER B 90 -36.04 5.15 -3.78
C SER B 90 -35.50 5.17 -5.23
N PRO B 91 -34.48 5.99 -5.54
CA PRO B 91 -34.10 6.15 -6.95
C PRO B 91 -33.58 4.88 -7.62
N TRP B 92 -34.15 4.55 -8.77
CA TRP B 92 -33.71 3.41 -9.56
C TRP B 92 -33.10 3.93 -10.86
N LYS B 93 -31.85 4.38 -10.78
CA LYS B 93 -31.22 5.10 -11.86
C LYS B 93 -30.42 4.21 -12.80
N ALA B 94 -29.76 3.21 -12.22
CA ALA B 94 -28.82 2.37 -12.96
C ALA B 94 -27.69 3.22 -13.53
N GLY B 95 -27.44 4.34 -12.87
CA GLY B 95 -26.45 5.30 -13.32
C GLY B 95 -27.06 6.62 -13.78
N HIS B 96 -28.36 6.62 -14.08
CA HIS B 96 -29.01 7.81 -14.61
C HIS B 96 -29.54 8.78 -13.55
N GLU B 97 -28.84 8.86 -12.42
CA GLU B 97 -29.26 9.75 -11.34
C GLU B 97 -28.73 11.17 -11.57
N THR B 98 -29.55 12.15 -11.24
CA THR B 98 -29.15 13.55 -11.40
C THR B 98 -28.66 14.15 -10.09
N ASN B 99 -28.76 13.38 -9.02
CA ASN B 99 -28.29 13.82 -7.72
C ASN B 99 -26.97 13.16 -7.35
N PRO B 100 -25.88 13.95 -7.27
CA PRO B 100 -24.53 13.46 -6.98
C PRO B 100 -24.46 12.74 -5.64
N TRP B 101 -25.25 13.18 -4.68
CA TRP B 101 -25.26 12.56 -3.35
C TRP B 101 -26.40 11.57 -3.20
N HIS B 102 -26.37 10.52 -4.01
CA HIS B 102 -27.36 9.46 -3.94
C HIS B 102 -26.80 8.26 -3.19
N ASP B 103 -27.68 7.39 -2.73
CA ASP B 103 -27.26 6.21 -1.97
C ASP B 103 -26.44 5.25 -2.82
N GLU B 104 -25.28 4.85 -2.29
CA GLU B 104 -24.40 3.92 -2.97
C GLU B 104 -24.48 2.54 -2.33
N PHE B 105 -24.58 1.51 -3.17
CA PHE B 105 -24.72 0.14 -2.69
C PHE B 105 -23.56 -0.74 -3.12
N ASP B 106 -22.89 -1.33 -2.12
CA ASP B 106 -21.83 -2.29 -2.37
C ASP B 106 -22.11 -3.53 -1.51
N LEU B 107 -23.22 -4.20 -1.80
CA LEU B 107 -23.68 -5.33 -1.00
C LEU B 107 -22.74 -6.52 -1.09
N ASP B 108 -21.96 -6.59 -2.15
CA ASP B 108 -20.97 -7.65 -2.33
C ASP B 108 -19.89 -7.58 -1.25
N HIS B 109 -19.65 -6.39 -0.72
CA HIS B 109 -18.66 -6.21 0.33
C HIS B 109 -19.28 -5.65 1.61
N GLY B 110 -20.61 -5.74 1.70
CA GLY B 110 -21.33 -5.34 2.89
C GLY B 110 -21.15 -3.89 3.28
N HIS B 111 -21.06 -3.02 2.29
CA HIS B 111 -20.87 -1.59 2.54
C HIS B 111 -21.93 -0.76 1.81
N VAL B 112 -22.61 0.11 2.55
CA VAL B 112 -23.61 0.97 1.95
C VAL B 112 -23.43 2.42 2.38
N ARG B 113 -23.36 3.34 1.42
CA ARG B 113 -23.32 4.75 1.73
C ARG B 113 -24.71 5.36 1.64
N TYR B 114 -25.20 5.87 2.77
CA TYR B 114 -26.57 6.39 2.84
C TYR B 114 -26.58 7.86 3.24
N PHE B 115 -27.51 8.62 2.67
CA PHE B 115 -27.63 10.05 2.98
C PHE B 115 -28.93 10.40 3.67
N GLY B 116 -28.87 11.33 4.62
CA GLY B 116 -30.02 11.69 5.43
C GLY B 116 -31.12 12.41 4.69
N ASP B 117 -32.09 12.94 5.44
CA ASP B 117 -33.28 13.55 4.87
C ASP B 117 -33.36 15.06 5.12
N HIS B 118 -32.21 15.70 5.30
CA HIS B 118 -32.16 17.15 5.45
C HIS B 118 -32.45 17.77 4.09
N LYS B 119 -33.30 18.79 4.07
CA LYS B 119 -33.72 19.43 2.82
C LYS B 119 -33.25 20.88 2.75
N PRO B 120 -33.27 21.47 1.55
CA PRO B 120 -32.93 22.90 1.42
C PRO B 120 -33.89 23.79 2.21
N SER B 121 -35.15 23.38 2.31
CA SER B 121 -36.16 24.16 3.03
C SER B 121 -36.11 23.91 4.52
N THR B 122 -35.26 22.98 4.94
CA THR B 122 -35.11 22.67 6.36
C THR B 122 -34.38 23.80 7.07
N VAL B 123 -34.94 24.25 8.19
CA VAL B 123 -34.30 25.27 9.00
C VAL B 123 -33.80 24.71 10.32
N GLY B 124 -32.49 24.80 10.53
CA GLY B 124 -31.88 24.27 11.74
C GLY B 124 -30.72 23.35 11.46
N LEU B 125 -30.11 22.82 12.52
CA LEU B 125 -28.96 21.94 12.40
C LEU B 125 -29.40 20.49 12.20
N PRO B 126 -28.57 19.70 11.51
CA PRO B 126 -28.82 18.25 11.41
C PRO B 126 -28.64 17.58 12.76
N GLY B 127 -29.64 16.83 13.20
CA GLY B 127 -30.85 16.62 12.42
C GLY B 127 -32.11 17.10 13.10
N GLU B 128 -32.61 18.25 12.67
CA GLU B 128 -33.89 18.75 13.16
C GLU B 128 -35.04 17.96 12.53
N THR B 129 -34.75 17.31 11.41
CA THR B 129 -35.73 16.46 10.74
C THR B 129 -35.86 15.12 11.46
N LYS B 130 -37.00 14.45 11.24
CA LYS B 130 -37.30 13.20 11.93
C LYS B 130 -36.30 12.09 11.62
N GLY B 131 -36.04 11.88 10.34
CA GLY B 131 -35.15 10.82 9.89
C GLY B 131 -33.74 10.92 10.46
N ASN B 132 -33.14 12.09 10.32
CA ASN B 132 -31.79 12.32 10.85
C ASN B 132 -31.74 12.21 12.37
N ARG B 133 -32.84 12.54 13.03
CA ARG B 133 -32.93 12.37 14.48
C ARG B 133 -32.92 10.90 14.83
N LEU B 134 -33.68 10.11 14.08
CA LEU B 134 -33.70 8.66 14.26
C LEU B 134 -32.32 8.07 14.04
N LEU B 135 -31.63 8.54 13.00
CA LEU B 135 -30.30 8.06 12.68
C LEU B 135 -29.27 8.43 13.74
N LEU B 136 -29.36 9.64 14.29
CA LEU B 136 -28.45 10.08 15.33
C LEU B 136 -28.67 9.30 16.63
N GLU B 137 -29.94 9.19 17.03
CA GLU B 137 -30.30 8.44 18.23
C GLU B 137 -29.94 6.97 18.10
N ALA B 138 -29.99 6.46 16.88
CA ALA B 138 -29.57 5.08 16.61
C ALA B 138 -28.06 4.95 16.73
N ALA B 139 -27.34 5.87 16.09
CA ALA B 139 -25.88 5.86 16.09
C ALA B 139 -25.32 5.99 17.49
N ARG B 140 -26.07 6.65 18.37
CA ARG B 140 -25.72 6.73 19.78
C ARG B 140 -25.59 5.33 20.39
N LEU B 141 -26.44 4.42 19.93
CA LEU B 141 -26.46 3.06 20.45
C LEU B 141 -25.57 2.10 19.67
N HIS B 142 -25.46 2.34 18.36
CA HIS B 142 -24.60 1.53 17.50
C HIS B 142 -23.15 1.67 17.92
N ALA B 143 -22.82 2.83 18.48
CA ALA B 143 -21.51 3.04 19.07
C ALA B 143 -21.61 3.03 20.58
N GLY B 144 -22.51 2.18 21.09
CA GLY B 144 -22.69 2.02 22.52
C GLY B 144 -21.44 1.51 23.19
N THR B 145 -21.15 2.03 24.38
CA THR B 145 -19.91 1.73 25.09
C THR B 145 -19.99 0.44 25.90
N THR B 146 -21.18 -0.15 25.98
CA THR B 146 -21.35 -1.42 26.68
C THR B 146 -22.24 -2.34 25.87
N ARG B 147 -22.28 -3.62 26.26
CA ARG B 147 -23.14 -4.59 25.60
C ARG B 147 -24.60 -4.24 25.85
N GLU B 148 -24.88 -3.70 27.04
CA GLU B 148 -26.23 -3.31 27.42
C GLU B 148 -26.78 -2.21 26.51
N GLU B 149 -25.92 -1.28 26.12
CA GLU B 149 -26.34 -0.21 25.21
C GLU B 149 -26.54 -0.73 23.80
N ARG B 150 -25.64 -1.61 23.37
CA ARG B 150 -25.72 -2.18 22.03
C ARG B 150 -26.91 -3.14 21.89
N LEU B 151 -27.41 -3.61 23.02
CA LEU B 151 -28.60 -4.46 23.05
C LEU B 151 -29.81 -3.68 22.58
N LEU B 152 -29.82 -2.38 22.86
CA LEU B 152 -30.95 -1.51 22.57
C LEU B 152 -30.91 -0.97 21.15
N ALA B 153 -29.74 -1.08 20.52
CA ALA B 153 -29.53 -0.52 19.18
C ALA B 153 -30.46 -1.15 18.15
N PRO B 154 -31.30 -0.32 17.51
CA PRO B 154 -32.21 -0.79 16.47
C PRO B 154 -31.48 -1.07 15.16
N PRO B 155 -31.65 -2.29 14.63
CA PRO B 155 -31.02 -2.66 13.36
C PRO B 155 -31.60 -1.86 12.19
N LEU B 156 -30.74 -1.41 11.28
CA LEU B 156 -31.20 -0.71 10.09
C LEU B 156 -31.50 -1.68 8.96
N PHE B 157 -32.78 -2.00 8.80
CA PHE B 157 -33.20 -2.86 7.69
C PHE B 157 -33.27 -2.06 6.40
N LEU B 158 -32.49 -2.46 5.41
CA LEU B 158 -32.37 -1.72 4.17
C LEU B 158 -33.30 -2.24 3.09
N PHE B 159 -33.98 -1.32 2.42
CA PHE B 159 -34.85 -1.67 1.29
C PHE B 159 -34.56 -0.74 0.12
N ARG B 160 -34.45 -1.32 -1.07
CA ARG B 160 -34.16 -0.54 -2.27
C ARG B 160 -35.19 -0.78 -3.36
N ALA B 161 -35.89 0.29 -3.77
CA ALA B 161 -36.89 0.21 -4.81
C ALA B 161 -36.28 -0.23 -6.13
N VAL B 162 -36.59 -1.44 -6.56
CA VAL B 162 -36.03 -2.02 -7.79
C VAL B 162 -37.12 -2.46 -8.75
N THR B 163 -36.97 -2.09 -10.02
CA THR B 163 -37.91 -2.50 -11.06
C THR B 163 -37.87 -4.01 -11.26
N VAL B 164 -38.99 -4.66 -11.03
CA VAL B 164 -39.08 -6.12 -11.14
C VAL B 164 -39.61 -6.56 -12.49
N HIS B 165 -39.52 -7.87 -12.75
CA HIS B 165 -40.02 -8.44 -14.00
C HIS B 165 -40.74 -9.76 -13.73
N ARG B 166 -42.01 -9.83 -14.12
CA ARG B 166 -42.82 -11.02 -13.87
C ARG B 166 -43.25 -11.68 -15.17
N ALA B 167 -42.39 -12.57 -15.69
CA ALA B 167 -42.66 -13.32 -16.91
C ALA B 167 -42.99 -12.44 -18.11
N GLY B 168 -42.13 -11.46 -18.38
CA GLY B 168 -42.28 -10.59 -19.52
C GLY B 168 -42.99 -9.29 -19.21
N ARG B 169 -43.16 -9.00 -17.92
CA ARG B 169 -43.83 -7.78 -17.49
C ARG B 169 -43.00 -7.01 -16.48
N ALA B 170 -42.40 -5.91 -16.93
CA ALA B 170 -41.57 -5.07 -16.06
C ALA B 170 -42.41 -4.01 -15.35
N VAL B 171 -42.31 -3.99 -14.03
CA VAL B 171 -43.05 -3.02 -13.22
C VAL B 171 -42.09 -2.08 -12.50
N VAL B 172 -42.25 -0.78 -12.74
CA VAL B 172 -41.32 0.23 -12.22
C VAL B 172 -41.47 0.46 -10.72
N LYS B 173 -42.71 0.53 -10.23
CA LYS B 173 -42.96 0.85 -8.84
C LYS B 173 -43.77 -0.23 -8.12
N GLY B 174 -43.79 -0.15 -6.80
CA GLY B 174 -44.58 -1.06 -5.98
C GLY B 174 -43.81 -2.25 -5.45
N HIS B 175 -42.49 -2.24 -5.64
CA HIS B 175 -41.66 -3.36 -5.18
C HIS B 175 -40.36 -2.90 -4.53
N VAL B 176 -40.05 -3.48 -3.38
CA VAL B 176 -38.81 -3.18 -2.68
C VAL B 176 -37.92 -4.41 -2.57
N GLU B 177 -36.61 -4.18 -2.56
CA GLU B 177 -35.64 -5.27 -2.46
C GLU B 177 -34.94 -5.23 -1.12
N PHE B 178 -34.98 -6.33 -0.39
CA PHE B 178 -34.32 -6.42 0.90
C PHE B 178 -32.81 -6.48 0.72
N CYS B 179 -32.10 -5.53 1.33
CA CYS B 179 -30.66 -5.40 1.16
C CYS B 179 -29.88 -5.67 2.44
N GLY B 180 -30.55 -6.25 3.44
CA GLY B 180 -29.88 -6.68 4.65
C GLY B 180 -30.04 -5.79 5.87
N ALA B 181 -29.50 -6.25 6.99
CA ALA B 181 -29.50 -5.49 8.23
C ALA B 181 -28.13 -4.85 8.43
N ALA B 182 -28.11 -3.56 8.72
CA ALA B 182 -26.85 -2.83 8.77
C ALA B 182 -26.54 -2.18 10.11
N ILE B 183 -25.26 -2.03 10.40
CA ILE B 183 -24.78 -1.30 11.56
C ILE B 183 -24.17 0.03 11.10
N ILE B 184 -24.56 1.11 11.74
CA ILE B 184 -23.97 2.42 11.44
C ILE B 184 -22.51 2.43 11.82
N GLU B 185 -21.65 2.21 10.83
CA GLU B 185 -20.20 2.15 11.06
C GLU B 185 -19.61 3.55 11.19
N ARG B 186 -20.12 4.49 10.42
CA ARG B 186 -19.67 5.88 10.50
C ARG B 186 -20.80 6.85 10.22
N LEU B 187 -20.76 8.01 10.87
CA LEU B 187 -21.74 9.06 10.63
C LEU B 187 -21.06 10.42 10.69
N GLU B 188 -21.08 11.14 9.58
CA GLU B 188 -20.39 12.42 9.50
C GLU B 188 -21.23 13.53 8.88
N HIS B 189 -20.73 14.75 8.94
CA HIS B 189 -21.41 15.90 8.38
C HIS B 189 -21.09 16.02 6.90
N VAL B 190 -22.09 16.38 6.11
CA VAL B 190 -21.87 16.57 4.67
C VAL B 190 -22.58 17.83 4.19
N VAL B 191 -22.03 18.47 3.16
CA VAL B 191 -22.72 19.59 2.52
C VAL B 191 -23.01 19.24 1.07
N GLN B 192 -24.29 19.30 0.71
CA GLN B 192 -24.73 18.90 -0.61
C GLN B 192 -25.30 20.08 -1.39
N ARG B 193 -25.47 19.88 -2.69
CA ARG B 193 -26.10 20.89 -3.55
C ARG B 193 -27.22 20.23 -4.34
N ASP B 194 -28.34 20.95 -4.49
CA ASP B 194 -29.47 20.45 -5.26
C ASP B 194 -29.37 20.96 -6.70
N PRO B 195 -29.09 20.06 -7.65
CA PRO B 195 -28.85 20.41 -9.05
C PRO B 195 -30.05 21.02 -9.77
N GLU B 196 -31.22 21.01 -9.14
CA GLU B 196 -32.43 21.53 -9.79
C GLU B 196 -32.78 22.95 -9.33
N THR B 197 -32.67 23.20 -8.03
CA THR B 197 -32.98 24.51 -7.48
C THR B 197 -31.72 25.34 -7.22
N GLY B 198 -30.57 24.68 -7.25
CA GLY B 198 -29.30 25.36 -7.08
C GLY B 198 -29.00 25.78 -5.66
N ARG B 199 -29.72 25.18 -4.71
CA ARG B 199 -29.54 25.52 -3.30
C ARG B 199 -28.66 24.49 -2.60
N SER B 200 -27.77 24.96 -1.74
CA SER B 200 -26.89 24.09 -0.98
C SER B 200 -27.39 23.94 0.45
N PHE B 201 -27.12 22.78 1.05
CA PHE B 201 -27.63 22.48 2.38
C PHE B 201 -26.81 21.42 3.10
N PRO B 202 -26.74 21.52 4.44
CA PRO B 202 -26.06 20.49 5.24
C PRO B 202 -26.91 19.23 5.35
N ASN B 203 -26.29 18.12 5.73
CA ASN B 203 -26.97 16.83 5.84
C ASN B 203 -26.06 15.83 6.53
N LEU B 204 -26.58 14.63 6.79
CA LEU B 204 -25.80 13.57 7.42
C LEU B 204 -25.42 12.49 6.42
N SER B 205 -24.15 12.07 6.47
CA SER B 205 -23.66 10.99 5.63
C SER B 205 -23.35 9.78 6.50
N LEU B 206 -23.72 8.60 6.03
CA LEU B 206 -23.58 7.38 6.82
C LEU B 206 -22.88 6.26 6.07
N ASP B 207 -21.84 5.70 6.69
CA ASP B 207 -21.22 4.48 6.22
C ASP B 207 -21.80 3.30 7.01
N LEU B 208 -22.49 2.42 6.30
CA LEU B 208 -23.19 1.31 6.92
C LEU B 208 -22.54 -0.03 6.57
N ALA B 209 -22.42 -0.88 7.59
CA ALA B 209 -21.88 -2.22 7.41
C ALA B 209 -23.00 -3.25 7.46
N VAL B 210 -23.32 -3.81 6.29
CA VAL B 210 -24.34 -4.86 6.22
C VAL B 210 -23.76 -6.16 6.73
N VAL B 211 -24.32 -6.67 7.82
CA VAL B 211 -23.79 -7.85 8.48
C VAL B 211 -24.10 -9.15 7.74
N SER B 212 -23.25 -10.15 7.94
CA SER B 212 -23.45 -11.46 7.35
C SER B 212 -24.55 -12.21 8.10
N GLY B 213 -25.38 -12.94 7.36
CA GLY B 213 -26.46 -13.68 7.97
C GLY B 213 -26.02 -15.05 8.46
N GLY B 214 -24.80 -15.44 8.09
CA GLY B 214 -24.26 -16.72 8.49
C GLY B 214 -24.87 -17.88 7.73
N GLU B 215 -25.64 -18.71 8.43
CA GLU B 215 -26.24 -19.90 7.85
C GLU B 215 -27.18 -19.58 6.69
N ILE B 216 -27.76 -18.40 6.71
CA ILE B 216 -28.62 -17.94 5.63
C ILE B 216 -28.17 -16.55 5.17
N ASP B 217 -28.31 -16.28 3.87
CA ASP B 217 -27.98 -14.97 3.34
C ASP B 217 -29.15 -14.00 3.52
N GLY B 218 -29.53 -13.77 4.77
CA GLY B 218 -30.61 -12.87 5.11
C GLY B 218 -30.89 -12.89 6.59
N VAL B 219 -32.15 -12.66 6.96
CA VAL B 219 -32.53 -12.65 8.37
C VAL B 219 -33.84 -13.39 8.64
N ASP B 220 -34.01 -13.82 9.89
CA ASP B 220 -35.28 -14.36 10.37
C ASP B 220 -36.06 -13.19 10.96
N PHE B 221 -37.20 -12.86 10.37
CA PHE B 221 -37.95 -11.68 10.77
C PHE B 221 -38.62 -11.82 12.14
N ARG B 222 -38.47 -12.98 12.77
CA ARG B 222 -38.95 -13.17 14.14
C ARG B 222 -38.06 -12.40 15.11
N TRP B 223 -36.87 -12.05 14.65
CA TRP B 223 -35.94 -11.21 15.40
C TRP B 223 -36.60 -9.86 15.71
N ILE B 224 -37.20 -9.26 14.68
CA ILE B 224 -37.89 -8.00 14.82
C ILE B 224 -39.17 -8.18 15.63
N ASP B 225 -39.83 -9.32 15.45
CA ASP B 225 -41.03 -9.65 16.20
C ASP B 225 -40.73 -9.65 17.71
N ASP B 226 -39.55 -10.18 18.06
CA ASP B 226 -39.11 -10.17 19.45
C ASP B 226 -38.72 -8.76 19.87
N ARG B 227 -38.12 -8.01 18.96
CA ARG B 227 -37.76 -6.61 19.25
C ARG B 227 -38.98 -5.70 19.35
N ARG B 228 -40.13 -6.17 18.87
CA ARG B 228 -41.37 -5.40 18.95
C ARG B 228 -42.23 -5.85 20.12
N ASN B 229 -41.87 -6.97 20.73
CA ASN B 229 -42.62 -7.51 21.86
C ASN B 229 -42.19 -6.89 23.18
N ALA B 230 -43.11 -6.17 23.82
CA ALA B 230 -42.82 -5.45 25.05
C ALA B 230 -42.60 -6.37 26.24
N ALA B 231 -43.07 -7.61 26.12
CA ALA B 231 -42.93 -8.58 27.20
C ALA B 231 -41.50 -9.08 27.33
N LEU B 232 -40.67 -8.73 26.35
CA LEU B 232 -39.29 -9.20 26.30
C LEU B 232 -38.30 -8.10 26.63
N ALA B 233 -37.23 -8.45 27.32
CA ALA B 233 -36.12 -7.54 27.58
C ALA B 233 -35.24 -7.47 26.33
N ALA B 234 -34.35 -6.49 26.28
CA ALA B 234 -33.46 -6.31 25.13
C ALA B 234 -32.50 -7.48 24.96
N GLY B 235 -32.21 -8.15 26.07
CA GLY B 235 -31.32 -9.30 26.04
C GLY B 235 -32.06 -10.59 25.73
N GLU B 236 -33.37 -10.48 25.53
CA GLU B 236 -34.20 -11.64 25.24
C GLU B 236 -34.67 -11.63 23.79
N THR B 237 -34.06 -10.78 22.97
CA THR B 237 -34.48 -10.61 21.59
C THR B 237 -33.42 -11.07 20.58
N LEU B 238 -32.42 -11.78 21.07
CA LEU B 238 -31.31 -12.22 20.23
C LEU B 238 -31.39 -13.70 19.86
N ARG B 239 -32.50 -14.35 20.23
CA ARG B 239 -32.65 -15.78 20.00
C ARG B 239 -32.78 -16.14 18.52
N HIS B 240 -33.27 -15.20 17.73
CA HIS B 240 -33.42 -15.41 16.28
C HIS B 240 -32.55 -14.45 15.49
N ALA B 241 -31.71 -13.69 16.18
CA ALA B 241 -30.83 -12.73 15.53
C ALA B 241 -29.67 -13.44 14.84
N PRO B 242 -29.11 -12.82 13.79
CA PRO B 242 -27.91 -13.36 13.15
C PRO B 242 -26.75 -13.46 14.14
N GLU B 243 -25.91 -14.48 13.99
CA GLU B 243 -24.78 -14.69 14.88
C GLU B 243 -23.79 -13.53 14.82
N SER B 244 -23.67 -12.92 13.65
CA SER B 244 -22.80 -11.76 13.47
C SER B 244 -23.27 -10.61 14.34
N TRP B 245 -24.59 -10.46 14.46
CA TRP B 245 -25.16 -9.38 15.24
C TRP B 245 -24.96 -9.62 16.73
N ILE B 246 -25.06 -10.88 17.15
CA ILE B 246 -24.81 -11.26 18.53
C ILE B 246 -23.35 -10.99 18.87
N ARG B 247 -22.47 -11.30 17.91
CA ARG B 247 -21.05 -11.04 18.05
C ARG B 247 -20.78 -9.55 18.17
N TRP B 248 -21.52 -8.74 17.41
CA TRP B 248 -21.36 -7.28 17.50
C TRP B 248 -21.88 -6.74 18.83
N VAL B 249 -22.97 -7.31 19.32
CA VAL B 249 -23.53 -6.90 20.61
C VAL B 249 -22.51 -7.20 21.71
N ARG B 250 -21.82 -8.33 21.58
CA ARG B 250 -20.81 -8.71 22.56
C ARG B 250 -19.53 -7.87 22.48
N GLN B 251 -18.91 -7.84 21.29
CA GLN B 251 -17.59 -7.24 21.11
C GLN B 251 -17.62 -5.74 20.84
N GLY B 252 -18.56 -5.31 19.99
CA GLY B 252 -18.71 -3.90 19.68
C GLY B 252 -18.03 -3.49 18.39
N ARG B 253 -17.24 -2.42 18.47
CA ARG B 253 -16.52 -1.89 17.31
C ARG B 253 -15.54 -2.92 16.74
N LEU B 254 -15.04 -3.79 17.60
CA LEU B 254 -14.05 -4.78 17.21
C LEU B 254 -14.62 -5.86 16.28
N ALA B 255 -15.94 -6.04 16.34
CA ALA B 255 -16.60 -7.07 15.55
C ALA B 255 -16.83 -6.62 14.10
N ILE B 256 -17.01 -5.31 13.91
CA ILE B 256 -17.32 -4.73 12.61
C ILE B 256 -16.43 -5.17 11.43
N PRO B 257 -15.10 -5.13 11.58
CA PRO B 257 -14.28 -5.49 10.41
C PRO B 257 -14.28 -6.99 10.09
N GLY B 258 -15.04 -7.79 10.84
CA GLY B 258 -15.06 -9.22 10.63
C GLY B 258 -16.44 -9.82 10.48
N ILE B 259 -17.47 -8.98 10.34
CA ILE B 259 -18.84 -9.47 10.24
C ILE B 259 -19.54 -9.01 8.96
N ARG B 260 -18.85 -8.21 8.15
CA ARG B 260 -19.45 -7.67 6.94
C ARG B 260 -19.81 -8.76 5.93
N ARG B 261 -20.94 -8.57 5.26
CA ARG B 261 -21.41 -9.50 4.24
C ARG B 261 -20.41 -9.57 3.08
N ARG B 262 -20.23 -10.76 2.53
CA ARG B 262 -19.29 -10.95 1.43
C ARG B 262 -19.84 -11.92 0.39
N VAL B 263 -19.99 -11.41 -0.85
CA VAL B 263 -20.41 -12.24 -1.97
C VAL B 263 -19.23 -12.54 -2.87
N LEU B 264 -18.94 -13.82 -3.06
CA LEU B 264 -17.84 -14.24 -3.91
C LEU B 264 -18.21 -14.12 -5.38
N ALA B 265 -17.79 -13.01 -6.00
CA ALA B 265 -18.07 -12.78 -7.41
C ALA B 265 -16.83 -12.30 -8.14
N SER B 266 -16.89 -12.32 -9.48
CA SER B 266 -15.78 -11.86 -10.30
C SER B 266 -15.68 -10.33 -10.28
N ALA B 267 -14.48 -9.82 -10.11
CA ALA B 267 -14.25 -8.39 -10.10
C ALA B 267 -14.14 -7.86 -11.54
N VAL B 268 -14.14 -8.78 -12.50
CA VAL B 268 -14.08 -8.41 -13.90
C VAL B 268 -15.37 -7.72 -14.34
N GLN B 269 -15.26 -6.43 -14.64
CA GLN B 269 -16.41 -5.64 -15.06
C GLN B 269 -16.40 -5.46 -16.57
N SER B 270 -17.56 -5.67 -17.20
CA SER B 270 -17.68 -5.47 -18.63
C SER B 270 -17.59 -3.99 -18.94
N SER B 271 -17.50 -3.65 -20.23
CA SER B 271 -17.41 -2.26 -20.65
C SER B 271 -18.67 -1.48 -20.29
N LYS B 272 -19.78 -2.20 -20.12
CA LYS B 272 -21.04 -1.57 -19.75
C LYS B 272 -21.08 -1.24 -18.26
N GLU B 273 -20.47 -2.10 -17.46
CA GLU B 273 -20.41 -1.88 -16.01
C GLU B 273 -19.40 -0.80 -15.66
N GLN B 274 -18.45 -0.56 -16.55
CA GLN B 274 -17.42 0.46 -16.33
C GLN B 274 -17.87 1.81 -16.87
N GLN B 275 -18.84 1.78 -17.79
CA GLN B 275 -19.36 3.01 -18.39
C GLN B 275 -20.66 3.42 -17.70
N PRO B 276 -20.96 4.73 -17.70
CA PRO B 276 -22.20 5.23 -17.12
C PRO B 276 -23.42 4.80 -17.92
N ALA B 277 -24.61 4.96 -17.36
CA ALA B 277 -25.85 4.60 -18.04
C ALA B 277 -26.01 5.42 -19.33
N SER B 278 -26.79 4.88 -20.27
CA SER B 278 -26.96 5.50 -21.58
C SER B 278 -27.52 6.92 -21.52
N GLY B 279 -28.68 7.08 -20.89
CA GLY B 279 -29.32 8.38 -20.78
C GLY B 279 -28.96 9.12 -19.51
N SER B 280 -27.87 8.68 -18.86
CA SER B 280 -27.45 9.27 -17.60
C SER B 280 -26.88 10.67 -17.78
N ALA B 281 -26.85 11.42 -16.68
CA ALA B 281 -26.19 12.72 -16.67
C ALA B 281 -24.69 12.47 -16.64
N GLU B 282 -24.30 11.31 -16.11
CA GLU B 282 -22.91 10.90 -16.07
C GLU B 282 -22.37 10.65 -17.48
N ALA B 283 -23.25 10.18 -18.37
CA ALA B 283 -22.87 9.94 -19.75
C ALA B 283 -22.58 11.26 -20.46
N ALA B 284 -23.46 12.24 -20.27
CA ALA B 284 -23.29 13.56 -20.84
C ALA B 284 -22.02 14.21 -20.29
N THR B 285 -21.82 14.06 -18.99
CA THR B 285 -20.63 14.59 -18.34
C THR B 285 -19.37 13.99 -18.94
N LEU B 286 -19.38 12.67 -19.10
CA LEU B 286 -18.24 11.94 -19.66
C LEU B 286 -17.97 12.35 -21.09
N GLN B 287 -19.03 12.57 -21.87
CA GLN B 287 -18.89 13.01 -23.25
C GLN B 287 -18.29 14.41 -23.31
N THR B 288 -18.72 15.28 -22.41
CA THR B 288 -18.15 16.62 -22.33
C THR B 288 -16.67 16.54 -21.97
N LEU B 289 -16.34 15.68 -21.02
CA LEU B 289 -14.96 15.49 -20.59
C LEU B 289 -14.08 14.98 -21.73
N TYR B 290 -14.61 14.06 -22.52
CA TYR B 290 -13.88 13.52 -23.66
C TYR B 290 -13.68 14.56 -24.74
N LYS B 291 -14.74 15.28 -25.08
CA LYS B 291 -14.68 16.32 -26.11
C LYS B 291 -13.78 17.47 -25.69
N PHE B 292 -13.61 17.65 -24.40
CA PHE B 292 -12.77 18.71 -23.87
C PHE B 292 -11.29 18.31 -23.82
N TYR B 293 -11.03 17.14 -23.25
CA TYR B 293 -9.66 16.69 -23.03
C TYR B 293 -9.10 15.82 -24.15
N ASP B 294 -9.79 15.79 -25.28
CA ASP B 294 -9.32 15.04 -26.44
C ASP B 294 -7.99 15.59 -26.95
N GLY B 295 -7.80 16.90 -26.78
CA GLY B 295 -6.58 17.56 -27.19
C GLY B 295 -5.86 18.24 -26.04
N ARG B 296 -6.32 17.98 -24.82
CA ARG B 296 -5.70 18.54 -23.63
C ARG B 296 -5.21 17.43 -22.70
N LYS B 297 -4.04 16.89 -23.00
CA LYS B 297 -3.48 15.75 -22.28
C LYS B 297 -3.14 16.04 -20.82
N HIS B 298 -2.29 17.04 -20.61
CA HIS B 298 -1.75 17.32 -19.29
C HIS B 298 -2.75 17.98 -18.36
N ALA B 299 -3.69 18.73 -18.93
CA ALA B 299 -4.80 19.29 -18.17
C ALA B 299 -5.65 18.14 -17.63
N PHE B 300 -5.83 17.13 -18.47
CA PHE B 300 -6.53 15.92 -18.07
C PHE B 300 -5.73 15.15 -17.03
N GLU B 301 -4.40 15.29 -17.08
CA GLU B 301 -3.54 14.68 -16.08
C GLU B 301 -3.75 15.34 -14.71
N LEU B 302 -3.84 16.66 -14.70
CA LEU B 302 -4.12 17.39 -13.46
C LEU B 302 -5.50 17.04 -12.92
N LEU B 303 -6.48 17.02 -13.82
CA LEU B 303 -7.84 16.61 -13.47
C LEU B 303 -7.83 15.21 -12.85
N ALA B 304 -7.05 14.31 -13.42
CA ALA B 304 -6.97 12.93 -12.95
C ALA B 304 -6.31 12.86 -11.58
N SER B 305 -5.33 13.72 -11.35
CA SER B 305 -4.69 13.78 -10.04
C SER B 305 -5.69 14.23 -8.99
N ARG B 306 -6.50 15.23 -9.33
CA ARG B 306 -7.53 15.72 -8.42
C ARG B 306 -8.62 14.67 -8.16
N VAL B 307 -9.03 13.98 -9.22
CA VAL B 307 -10.05 12.93 -9.12
C VAL B 307 -9.56 11.78 -8.25
N ALA B 308 -8.32 11.34 -8.48
CA ALA B 308 -7.71 10.29 -7.68
C ALA B 308 -7.62 10.72 -6.23
N ALA B 309 -7.28 12.00 -6.02
CA ALA B 309 -7.26 12.56 -4.67
C ALA B 309 -8.63 12.45 -4.02
N GLU B 310 -9.68 12.71 -4.80
CA GLU B 310 -11.04 12.66 -4.27
C GLU B 310 -11.48 11.22 -3.94
N VAL B 311 -11.07 10.28 -4.79
CA VAL B 311 -11.40 8.87 -4.61
C VAL B 311 -10.71 8.31 -3.37
N PHE B 312 -9.43 8.64 -3.21
CA PHE B 312 -8.65 8.13 -2.08
C PHE B 312 -9.04 8.74 -0.74
N ARG B 313 -9.81 9.82 -0.76
CA ARG B 313 -10.19 10.52 0.46
C ARG B 313 -11.62 10.22 0.92
N GLU B 314 -12.35 9.44 0.13
CA GLU B 314 -13.73 9.10 0.46
C GLU B 314 -13.83 8.36 1.79
N SER B 315 -12.98 7.34 1.95
CA SER B 315 -12.94 6.55 3.17
C SER B 315 -12.44 7.37 4.35
N GLY B 316 -11.70 8.44 4.06
CA GLY B 316 -11.15 9.29 5.08
C GLY B 316 -9.64 9.14 5.16
N ALA B 317 -9.07 8.41 4.22
CA ALA B 317 -7.63 8.20 4.16
C ALA B 317 -6.90 9.51 3.92
N ARG B 318 -5.70 9.61 4.48
CA ARG B 318 -4.92 10.84 4.40
C ARG B 318 -4.11 10.90 3.11
N TYR B 319 -4.73 11.47 2.06
CA TYR B 319 -4.07 11.59 0.78
C TYR B 319 -3.38 12.94 0.65
N LYS B 320 -2.09 12.91 0.34
CA LYS B 320 -1.32 14.13 0.14
C LYS B 320 -1.16 14.42 -1.34
N GLU B 321 -1.42 15.67 -1.71
CA GLU B 321 -1.23 16.12 -3.08
C GLU B 321 0.26 16.12 -3.43
N GLY B 322 0.60 15.51 -4.56
CA GLY B 322 1.98 15.48 -5.00
C GLY B 322 2.21 16.43 -6.15
N TRP B 323 2.40 15.88 -7.34
CA TRP B 323 2.70 16.73 -8.51
C TRP B 323 2.50 16.01 -9.84
N LEU B 324 2.47 16.79 -10.92
CA LEU B 324 2.44 16.21 -12.26
C LEU B 324 3.86 15.96 -12.76
N SER B 325 4.05 14.83 -13.44
CA SER B 325 5.38 14.42 -13.87
C SER B 325 5.89 15.23 -15.06
N ARG B 326 4.97 15.66 -15.92
CA ARG B 326 5.36 16.30 -17.18
C ARG B 326 4.44 17.45 -17.57
N SER B 327 5.00 18.42 -18.29
CA SER B 327 4.23 19.50 -18.88
C SER B 327 4.16 19.29 -20.39
N SER B 328 5.01 18.41 -20.88
CA SER B 328 5.04 18.06 -22.30
C SER B 328 5.59 16.65 -22.47
N GLY B 329 5.25 16.02 -23.59
CA GLY B 329 5.71 14.67 -23.87
C GLY B 329 4.87 13.62 -23.15
N ASP B 330 5.28 12.37 -23.24
CA ASP B 330 4.54 11.28 -22.63
C ASP B 330 5.45 10.36 -21.83
N GLY B 331 4.91 9.77 -20.77
CA GLY B 331 5.66 8.85 -19.93
C GLY B 331 4.77 7.82 -19.28
N GLY B 332 5.39 6.92 -18.51
CA GLY B 332 4.65 5.86 -17.84
C GLY B 332 3.81 6.38 -16.68
N VAL B 333 4.35 7.35 -15.95
CA VAL B 333 3.64 7.92 -14.81
C VAL B 333 3.31 9.39 -15.09
N ASP B 334 2.05 9.76 -14.90
CA ASP B 334 1.59 11.12 -15.19
C ASP B 334 1.52 11.99 -13.95
N PHE B 335 1.29 11.38 -12.79
CA PHE B 335 1.27 12.14 -11.55
C PHE B 335 1.67 11.31 -10.32
N ILE B 336 2.06 12.02 -9.27
CA ILE B 336 2.51 11.41 -8.02
C ILE B 336 1.68 11.94 -6.86
N GLY B 337 1.28 11.03 -5.97
CA GLY B 337 0.58 11.37 -4.75
C GLY B 337 1.11 10.57 -3.57
N ARG B 338 0.47 10.72 -2.42
CA ARG B 338 0.93 10.03 -1.21
C ARG B 338 -0.21 9.73 -0.25
N ILE B 339 -0.17 8.55 0.37
CA ILE B 339 -1.19 8.16 1.35
C ILE B 339 -0.56 7.69 2.65
N ASP B 340 -0.68 8.51 3.69
CA ASP B 340 -0.18 8.15 5.01
C ASP B 340 -1.17 7.20 5.69
N MET B 341 -0.75 5.96 5.93
CA MET B 341 -1.69 4.95 6.41
C MET B 341 -1.53 4.52 7.86
N GLY B 342 -2.65 4.56 8.58
CA GLY B 342 -2.78 3.90 9.88
C GLY B 342 -2.28 4.65 11.10
N SER B 343 -0.97 4.54 11.34
CA SER B 343 -0.35 4.94 12.61
C SER B 343 -0.77 6.28 13.22
N LEU B 344 -0.64 7.36 12.44
CA LEU B 344 -0.93 8.73 12.91
C LEU B 344 0.05 9.23 13.97
N LYS B 345 0.87 8.32 14.50
CA LYS B 345 1.92 8.67 15.45
C LYS B 345 3.26 8.56 14.74
N ALA B 346 3.52 7.39 14.19
CA ALA B 346 4.68 7.19 13.32
C ALA B 346 4.18 6.75 11.95
N SER B 347 3.61 7.71 11.22
CA SER B 347 2.91 7.41 9.98
C SER B 347 3.80 6.84 8.90
N THR B 348 3.30 5.82 8.22
CA THR B 348 3.98 5.25 7.07
C THR B 348 3.32 5.78 5.80
N PRO B 349 4.12 6.42 4.94
CA PRO B 349 3.66 6.98 3.68
C PRO B 349 3.62 5.93 2.57
N VAL B 350 2.63 6.05 1.69
CA VAL B 350 2.50 5.14 0.55
C VAL B 350 2.54 5.94 -0.73
N VAL B 351 3.59 5.72 -1.53
CA VAL B 351 3.77 6.45 -2.76
C VAL B 351 2.74 6.04 -3.81
N VAL B 352 2.04 7.02 -4.35
CA VAL B 352 1.00 6.77 -5.35
C VAL B 352 1.48 7.17 -6.74
N LEU B 353 1.55 6.21 -7.63
CA LEU B 353 1.93 6.46 -9.02
C LEU B 353 0.69 6.49 -9.90
N GLY B 354 0.44 7.64 -10.50
CA GLY B 354 -0.77 7.84 -11.29
C GLY B 354 -0.53 7.93 -12.78
N GLN B 355 -1.48 7.40 -13.55
CA GLN B 355 -1.44 7.48 -15.00
C GLN B 355 -2.80 7.85 -15.56
N ALA B 356 -2.83 8.91 -16.37
CA ALA B 356 -4.07 9.37 -16.98
C ALA B 356 -4.03 9.14 -18.48
N LYS B 357 -5.15 8.69 -19.05
CA LYS B 357 -5.22 8.48 -20.49
C LYS B 357 -6.63 8.69 -21.03
N CYS B 358 -6.81 9.77 -21.77
CA CYS B 358 -8.12 10.10 -22.34
C CYS B 358 -8.31 9.43 -23.70
N ILE B 359 -9.18 8.42 -23.74
CA ILE B 359 -9.51 7.73 -24.97
C ILE B 359 -11.01 7.82 -25.21
N GLN B 360 -11.47 7.23 -26.31
CA GLN B 360 -12.90 7.18 -26.60
C GLN B 360 -13.60 6.35 -25.54
N PRO B 361 -14.71 6.86 -24.99
CA PRO B 361 -15.50 6.19 -23.95
C PRO B 361 -15.89 4.76 -24.33
N THR B 362 -16.01 4.48 -25.62
CA THR B 362 -16.37 3.14 -26.08
C THR B 362 -15.13 2.24 -26.21
N SER B 363 -13.95 2.83 -26.09
CA SER B 363 -12.71 2.07 -26.16
C SER B 363 -12.24 1.64 -24.78
N SER B 364 -11.26 0.76 -24.73
CA SER B 364 -10.77 0.25 -23.45
C SER B 364 -9.25 0.30 -23.34
N VAL B 365 -8.74 0.03 -22.13
CA VAL B 365 -7.30 0.07 -21.88
C VAL B 365 -6.69 -1.34 -21.87
N SER B 366 -5.67 -1.52 -22.69
CA SER B 366 -5.01 -2.82 -22.82
C SER B 366 -4.16 -3.14 -21.59
N PRO B 367 -3.89 -4.44 -21.35
CA PRO B 367 -3.07 -4.87 -20.21
C PRO B 367 -1.64 -4.34 -20.26
N GLU B 368 -1.13 -4.11 -21.46
CA GLU B 368 0.21 -3.55 -21.63
C GLU B 368 0.28 -2.14 -21.04
N GLN B 369 -0.72 -1.33 -21.34
CA GLN B 369 -0.79 0.05 -20.87
C GLN B 369 -0.87 0.11 -19.35
N VAL B 370 -1.60 -0.82 -18.75
CA VAL B 370 -1.72 -0.89 -17.30
C VAL B 370 -0.39 -1.32 -16.68
N ALA B 371 0.20 -2.36 -17.26
CA ALA B 371 1.46 -2.90 -16.77
C ALA B 371 2.61 -1.92 -16.92
N ARG B 372 2.47 -0.94 -17.81
CA ARG B 372 3.48 0.10 -17.95
C ARG B 372 3.52 0.96 -16.69
N VAL B 373 2.37 1.09 -16.04
CA VAL B 373 2.27 1.86 -14.81
C VAL B 373 2.61 0.97 -13.62
N VAL B 374 2.18 -0.29 -13.70
CA VAL B 374 2.43 -1.25 -12.61
C VAL B 374 3.91 -1.56 -12.44
N ALA B 375 4.63 -1.65 -13.55
CA ALA B 375 6.05 -1.99 -13.53
C ALA B 375 6.89 -0.98 -12.76
N ARG B 376 6.40 0.26 -12.67
CA ARG B 376 7.11 1.32 -11.99
C ARG B 376 6.94 1.26 -10.47
N LEU B 377 5.98 0.45 -10.02
CA LEU B 377 5.67 0.36 -8.60
C LEU B 377 6.71 -0.42 -7.80
N ARG B 378 7.19 0.19 -6.73
CA ARG B 378 8.09 -0.48 -5.79
C ARG B 378 7.27 -1.13 -4.68
N ARG B 379 7.95 -1.50 -3.59
CA ARG B 379 7.27 -2.05 -2.44
C ARG B 379 6.64 -0.93 -1.61
N GLY B 380 5.37 -1.11 -1.25
CA GLY B 380 4.66 -0.11 -0.47
C GLY B 380 4.16 1.04 -1.32
N TRP B 381 4.20 0.84 -2.63
CA TRP B 381 3.67 1.82 -3.57
C TRP B 381 2.39 1.30 -4.18
N ILE B 382 1.47 2.18 -4.54
CA ILE B 382 0.28 1.76 -5.26
C ILE B 382 0.03 2.62 -6.49
N GLY B 383 -0.58 2.02 -7.51
CA GLY B 383 -0.86 2.73 -8.74
C GLY B 383 -2.30 3.16 -8.85
N VAL B 384 -2.57 4.09 -9.74
CA VAL B 384 -3.93 4.50 -10.05
C VAL B 384 -4.03 4.91 -11.52
N TYR B 385 -5.03 4.37 -12.22
CA TYR B 385 -5.17 4.62 -13.66
C TYR B 385 -6.53 5.25 -13.96
N VAL B 386 -6.50 6.48 -14.45
CA VAL B 386 -7.72 7.21 -14.77
C VAL B 386 -7.93 7.33 -16.27
N THR B 387 -9.12 6.95 -16.74
CA THR B 387 -9.44 7.02 -18.15
C THR B 387 -10.91 7.32 -18.40
N THR B 388 -11.21 7.93 -19.54
CA THR B 388 -12.59 8.24 -19.93
C THR B 388 -13.26 7.00 -20.50
N GLY B 389 -12.46 6.08 -21.01
CA GLY B 389 -12.97 4.82 -21.53
C GLY B 389 -13.06 3.78 -20.44
N SER B 390 -12.85 2.53 -20.81
CA SER B 390 -12.94 1.43 -19.87
C SER B 390 -11.61 0.67 -19.81
N PHE B 391 -11.62 -0.46 -19.10
CA PHE B 391 -10.47 -1.35 -19.06
C PHE B 391 -10.86 -2.69 -19.66
N SER B 392 -10.05 -3.17 -20.60
CA SER B 392 -10.33 -4.42 -21.30
C SER B 392 -10.40 -5.58 -20.31
N ARG B 393 -11.11 -6.65 -20.69
CA ARG B 393 -11.27 -7.81 -19.84
C ARG B 393 -9.92 -8.43 -19.48
N GLN B 394 -9.03 -8.51 -20.47
CA GLN B 394 -7.73 -9.12 -20.27
C GLN B 394 -6.88 -8.32 -19.29
N ALA B 395 -7.00 -6.99 -19.36
CA ALA B 395 -6.30 -6.12 -18.42
C ALA B 395 -6.78 -6.39 -17.00
N GLN B 396 -8.09 -6.52 -16.85
CA GLN B 396 -8.69 -6.78 -15.55
C GLN B 396 -8.25 -8.12 -14.98
N VAL B 397 -8.35 -9.18 -15.78
CA VAL B 397 -7.98 -10.51 -15.33
C VAL B 397 -6.48 -10.62 -15.07
N GLU B 398 -5.70 -9.79 -15.76
CA GLU B 398 -4.26 -9.77 -15.55
C GLU B 398 -3.92 -9.04 -14.26
N ILE B 399 -4.72 -8.03 -13.92
CA ILE B 399 -4.58 -7.33 -12.65
C ILE B 399 -4.97 -8.24 -11.48
N ILE B 400 -6.07 -8.97 -11.67
CA ILE B 400 -6.58 -9.87 -10.64
C ILE B 400 -5.68 -11.06 -10.39
N ASP B 401 -5.32 -11.78 -11.46
CA ASP B 401 -4.53 -12.99 -11.33
C ASP B 401 -3.13 -12.75 -10.75
N ASP B 402 -2.57 -11.56 -11.02
CA ASP B 402 -1.24 -11.24 -10.56
C ASP B 402 -1.24 -10.29 -9.37
N GLN B 403 -2.44 -9.95 -8.90
CA GLN B 403 -2.62 -9.09 -7.74
C GLN B 403 -1.93 -7.74 -7.89
N TYR B 404 -2.23 -7.04 -8.97
CA TYR B 404 -1.64 -5.73 -9.23
C TYR B 404 -2.27 -4.65 -8.34
N PRO B 405 -1.46 -3.98 -7.53
CA PRO B 405 -1.93 -2.93 -6.62
C PRO B 405 -2.22 -1.63 -7.36
N VAL B 406 -3.19 -1.66 -8.27
CA VAL B 406 -3.57 -0.47 -9.03
C VAL B 406 -5.07 -0.23 -8.97
N VAL B 407 -5.46 0.99 -8.61
CA VAL B 407 -6.87 1.37 -8.58
C VAL B 407 -7.33 1.81 -9.96
N LEU B 408 -8.43 1.23 -10.42
CA LEU B 408 -8.96 1.55 -11.74
C LEU B 408 -10.08 2.58 -11.67
N ILE B 409 -9.96 3.62 -12.48
CA ILE B 409 -10.99 4.65 -12.58
C ILE B 409 -11.44 4.79 -14.03
N ALA B 410 -12.56 4.14 -14.36
CA ALA B 410 -13.10 4.16 -15.71
C ALA B 410 -14.00 5.38 -15.91
N GLY B 411 -14.72 5.39 -17.03
CA GLY B 411 -15.55 6.52 -17.39
C GLY B 411 -16.69 6.82 -16.45
N GLY B 412 -17.33 5.78 -15.93
CA GLY B 412 -18.44 5.94 -15.02
C GLY B 412 -18.03 6.58 -13.70
N THR B 413 -17.03 5.97 -13.06
CA THR B 413 -16.50 6.46 -11.80
C THR B 413 -15.92 7.87 -11.97
N LEU B 414 -15.23 8.09 -13.08
CA LEU B 414 -14.65 9.40 -13.38
C LEU B 414 -15.74 10.47 -13.52
N ALA B 415 -16.78 10.15 -14.28
CA ALA B 415 -17.88 11.09 -14.51
C ALA B 415 -18.60 11.40 -13.20
N ALA B 416 -18.90 10.38 -12.43
CA ALA B 416 -19.58 10.55 -11.15
C ALA B 416 -18.75 11.40 -10.20
N THR B 417 -17.45 11.10 -10.12
CA THR B 417 -16.54 11.82 -9.24
C THR B 417 -16.45 13.28 -9.63
N VAL B 418 -16.17 13.54 -10.90
CA VAL B 418 -16.06 14.91 -11.40
C VAL B 418 -17.36 15.69 -11.18
N ARG B 419 -18.49 15.02 -11.40
CA ARG B 419 -19.78 15.65 -11.19
C ARG B 419 -19.99 16.04 -9.73
N ARG B 420 -19.63 15.15 -8.82
CA ARG B 420 -19.73 15.44 -7.39
C ARG B 420 -18.80 16.57 -6.95
N MET B 421 -17.57 16.56 -7.47
CA MET B 421 -16.60 17.60 -7.17
C MET B 421 -17.09 18.97 -7.63
N VAL B 422 -17.55 19.01 -8.88
CA VAL B 422 -18.07 20.23 -9.47
C VAL B 422 -19.28 20.76 -8.69
N GLN B 423 -20.22 19.86 -8.37
CA GLN B 423 -21.40 20.26 -7.61
C GLN B 423 -21.06 20.72 -6.20
N ALA B 424 -19.97 20.20 -5.64
CA ALA B 424 -19.62 20.48 -4.24
C ALA B 424 -18.60 21.61 -4.08
N ASN B 425 -18.04 22.10 -5.19
CA ASN B 425 -17.01 23.13 -5.11
C ASN B 425 -17.18 24.31 -6.05
N TYR B 426 -17.76 24.06 -7.23
CA TYR B 426 -17.88 25.11 -8.24
C TYR B 426 -19.33 25.44 -8.59
N GLY B 427 -20.23 25.23 -7.64
CA GLY B 427 -21.63 25.57 -7.83
C GLY B 427 -22.29 24.88 -9.01
N GLY B 428 -21.80 23.70 -9.36
CA GLY B 428 -22.36 22.93 -10.45
C GLY B 428 -21.84 23.37 -11.81
N ASP B 429 -20.78 24.17 -11.80
CA ASP B 429 -20.18 24.66 -13.04
C ASP B 429 -18.94 23.84 -13.43
N LEU B 430 -19.11 22.96 -14.41
CA LEU B 430 -18.05 22.07 -14.86
C LEU B 430 -16.87 22.85 -15.45
N ASP B 431 -17.20 23.93 -16.17
CA ASP B 431 -16.21 24.74 -16.85
C ASP B 431 -15.21 25.39 -15.90
N ALA B 432 -15.65 25.67 -14.68
CA ALA B 432 -14.75 26.23 -13.67
C ALA B 432 -13.62 25.26 -13.38
N LEU B 433 -13.99 24.00 -13.16
CA LEU B 433 -13.02 22.94 -12.92
C LEU B 433 -12.12 22.69 -14.13
N LEU B 434 -12.75 22.55 -15.30
CA LEU B 434 -11.99 22.27 -16.52
C LEU B 434 -10.97 23.37 -16.81
N ALA B 435 -11.43 24.62 -16.79
CA ALA B 435 -10.56 25.76 -17.03
C ALA B 435 -9.51 25.91 -15.93
N SER B 436 -9.86 25.51 -14.71
CA SER B 436 -8.88 25.50 -13.62
C SER B 436 -7.74 24.55 -13.97
N THR B 437 -8.11 23.36 -14.48
CA THR B 437 -7.11 22.38 -14.90
C THR B 437 -6.26 22.91 -16.06
N VAL B 438 -6.90 23.64 -16.97
CA VAL B 438 -6.18 24.22 -18.10
C VAL B 438 -5.16 25.27 -17.65
N ASP B 439 -5.56 26.09 -16.68
CA ASP B 439 -4.70 27.18 -16.23
C ASP B 439 -3.59 26.72 -15.28
N GLU B 440 -3.87 25.68 -14.50
CA GLU B 440 -2.99 25.31 -13.39
C GLU B 440 -2.14 24.06 -13.62
N TYR B 441 -2.24 23.44 -14.79
CA TYR B 441 -1.50 22.19 -15.02
C TYR B 441 0.00 22.42 -15.18
N GLY B 442 0.37 23.54 -15.80
CA GLY B 442 1.77 23.84 -16.04
C GLY B 442 2.55 24.11 -14.76
N ALA B 443 1.93 24.81 -13.83
CA ALA B 443 2.57 25.16 -12.56
C ALA B 443 2.52 24.02 -11.55
N ALA B 444 1.74 22.99 -11.87
CA ALA B 444 1.60 21.84 -10.98
C ALA B 444 2.66 20.78 -11.27
N VAL B 445 3.57 21.11 -12.18
CA VAL B 445 4.60 20.17 -12.61
C VAL B 445 5.93 20.41 -11.92
N THR B 446 6.49 19.35 -11.35
CA THR B 446 7.86 19.38 -10.84
C THR B 446 8.65 18.28 -11.54
N HIS B 447 9.96 18.24 -11.29
CA HIS B 447 10.79 17.19 -11.87
C HIS B 447 11.43 16.36 -10.77
N ARG B 448 10.67 16.12 -9.70
CA ARG B 448 11.16 15.37 -8.56
C ARG B 448 10.89 13.87 -8.71
N ARG B 449 11.67 13.06 -8.02
CA ARG B 449 11.43 11.64 -7.94
C ARG B 449 10.18 11.38 -7.10
N PRO B 450 9.43 10.31 -7.42
CA PRO B 450 8.22 9.96 -6.68
C PRO B 450 8.45 9.84 -5.18
N GLU B 451 9.56 9.23 -4.79
CA GLU B 451 9.91 9.05 -3.38
C GLU B 451 9.95 10.37 -2.62
N GLU B 452 10.37 11.43 -3.31
CA GLU B 452 10.46 12.75 -2.70
C GLU B 452 9.11 13.23 -2.15
N VAL B 453 8.03 12.60 -2.58
CA VAL B 453 6.69 12.95 -2.10
C VAL B 453 6.57 12.70 -0.60
N ILE B 454 7.49 11.91 -0.05
CA ILE B 454 7.51 11.64 1.39
C ILE B 454 7.84 12.91 2.16
N SER B 455 8.57 13.83 1.55
CA SER B 455 8.96 15.07 2.20
C SER B 455 7.91 16.16 2.12
N LEU B 456 6.75 15.82 1.55
CA LEU B 456 5.64 16.77 1.45
C LEU B 456 4.78 16.74 2.70
N ILE C 8 51.73 42.71 -18.21
CA ILE C 8 50.96 41.48 -18.24
C ILE C 8 49.52 41.71 -17.78
N ALA C 9 49.12 42.97 -17.72
CA ALA C 9 47.76 43.33 -17.32
C ALA C 9 46.76 42.96 -18.41
N TRP C 10 47.26 42.74 -19.62
CA TRP C 10 46.42 42.39 -20.75
C TRP C 10 46.84 41.07 -21.36
N ALA C 11 48.15 40.89 -21.54
CA ALA C 11 48.70 39.69 -22.17
C ALA C 11 48.34 38.41 -21.42
N ALA C 12 48.43 38.46 -20.09
CA ALA C 12 48.07 37.31 -19.26
C ALA C 12 46.57 37.08 -19.30
N SER C 13 45.81 38.17 -19.23
CA SER C 13 44.35 38.10 -19.31
C SER C 13 43.90 37.65 -20.70
N ALA C 14 44.71 37.96 -21.70
CA ALA C 14 44.43 37.51 -23.07
C ALA C 14 44.73 36.03 -23.22
N GLU C 15 45.81 35.58 -22.61
CA GLU C 15 46.16 34.15 -22.60
C GLU C 15 45.11 33.36 -21.86
N VAL C 16 44.54 33.95 -20.83
CA VAL C 16 43.44 33.34 -20.09
C VAL C 16 42.19 33.31 -20.97
N ALA C 17 41.96 34.39 -21.70
CA ALA C 17 40.76 34.54 -22.52
C ALA C 17 40.73 33.62 -23.74
N ASN C 18 41.89 33.22 -24.23
CA ASN C 18 41.96 32.37 -25.41
C ASN C 18 42.07 30.87 -25.10
N LYS C 19 42.06 30.53 -23.82
CA LYS C 19 42.13 29.13 -23.40
C LYS C 19 40.88 28.70 -22.64
N PRO C 20 40.14 27.76 -23.22
CA PRO C 20 38.90 27.25 -22.60
C PRO C 20 39.18 26.40 -21.36
N ARG C 21 38.32 26.51 -20.36
CA ARG C 21 38.41 25.66 -19.18
C ARG C 21 37.18 24.76 -19.09
N LEU C 22 37.21 23.67 -19.84
CA LEU C 22 36.10 22.73 -19.86
C LEU C 22 36.02 21.93 -18.57
N VAL C 23 34.92 22.11 -17.84
CA VAL C 23 34.68 21.36 -16.61
C VAL C 23 33.45 20.48 -16.81
N PHE C 24 33.66 19.17 -16.73
CA PHE C 24 32.60 18.21 -17.00
C PHE C 24 31.93 17.75 -15.71
N VAL C 25 30.68 17.34 -15.80
CA VAL C 25 29.94 16.85 -14.65
C VAL C 25 30.53 15.54 -14.13
N GLY C 26 31.03 15.58 -12.89
CA GLY C 26 31.65 14.42 -12.29
C GLY C 26 33.12 14.63 -12.03
N ASP C 27 33.67 15.71 -12.58
CA ASP C 27 35.08 16.04 -12.41
C ASP C 27 35.41 16.34 -10.94
N GLU C 28 36.35 15.60 -10.39
CA GLU C 28 36.79 15.80 -9.02
C GLU C 28 37.84 16.90 -8.95
N LEU C 29 37.54 17.95 -8.20
CA LEU C 29 38.41 19.10 -8.11
C LEU C 29 39.03 19.22 -6.72
N ARG C 30 40.21 19.82 -6.65
CA ARG C 30 40.89 20.04 -5.37
C ARG C 30 40.54 21.41 -4.78
N TYR C 31 39.90 21.39 -3.61
CA TYR C 31 39.58 22.64 -2.93
C TYR C 31 40.33 22.74 -1.61
N ALA C 32 41.27 23.67 -1.54
CA ALA C 32 42.07 23.87 -0.33
C ALA C 32 41.92 25.28 0.22
N GLN C 33 42.19 25.43 1.51
CA GLN C 33 42.12 26.73 2.15
C GLN C 33 43.41 27.51 1.88
N GLY C 34 43.27 28.67 1.25
CA GLY C 34 44.42 29.47 0.88
C GLY C 34 45.15 28.88 -0.31
N ALA C 35 44.38 28.37 -1.26
CA ALA C 35 44.95 27.75 -2.46
C ALA C 35 45.32 28.80 -3.50
N ASN C 36 46.35 28.50 -4.27
CA ASN C 36 46.83 29.40 -5.32
C ASN C 36 45.89 29.38 -6.53
N GLN C 37 45.90 30.47 -7.29
CA GLN C 37 45.03 30.59 -8.46
C GLN C 37 45.80 30.35 -9.75
N ARG C 38 47.11 30.12 -9.63
CA ARG C 38 47.95 29.91 -10.80
C ARG C 38 48.21 28.43 -11.08
N ASP C 39 48.28 27.64 -10.02
CA ASP C 39 48.52 26.21 -10.15
C ASP C 39 47.32 25.50 -10.77
N VAL C 40 47.55 24.83 -11.90
CA VAL C 40 46.48 24.15 -12.62
C VAL C 40 46.06 22.86 -11.91
N GLU C 41 46.97 21.88 -11.92
CA GLU C 41 46.70 20.60 -11.27
C GLU C 41 47.32 20.58 -9.87
N LEU C 42 46.56 20.07 -8.90
CA LEU C 42 47.01 20.03 -7.52
C LEU C 42 46.71 18.68 -6.87
N ASP C 43 47.75 18.04 -6.35
CA ASP C 43 47.63 16.75 -5.66
C ASP C 43 46.93 15.68 -6.49
N GLY C 44 47.18 15.68 -7.79
CA GLY C 44 46.59 14.69 -8.68
C GLY C 44 45.20 15.08 -9.17
N PHE C 45 44.74 16.26 -8.76
CA PHE C 45 43.44 16.76 -9.18
C PHE C 45 43.55 18.20 -9.68
N VAL C 46 42.52 18.66 -10.38
CA VAL C 46 42.48 20.04 -10.85
C VAL C 46 42.21 21.00 -9.71
N ASN C 47 43.02 22.05 -9.61
CA ASN C 47 42.82 23.08 -8.60
C ASN C 47 41.56 23.88 -8.89
N TYR C 48 40.71 24.01 -7.88
CA TYR C 48 39.44 24.71 -8.02
C TYR C 48 39.62 26.20 -8.26
N HIS C 49 40.47 26.83 -7.46
CA HIS C 49 40.63 28.28 -7.50
C HIS C 49 41.17 28.79 -8.84
N TRP C 50 42.10 28.04 -9.43
CA TRP C 50 42.60 28.38 -10.75
C TRP C 50 41.49 28.21 -11.79
N LEU C 51 40.65 27.20 -11.58
CA LEU C 51 39.58 26.89 -12.51
C LEU C 51 38.53 27.99 -12.54
N THR C 52 38.09 28.42 -11.36
CA THR C 52 37.07 29.47 -11.25
C THR C 52 37.66 30.86 -11.43
N SER C 53 38.94 31.01 -11.12
CA SER C 53 39.63 32.29 -11.31
C SER C 53 41.09 32.09 -11.66
N PRO C 54 41.41 32.09 -12.96
CA PRO C 54 42.74 31.76 -13.49
C PRO C 54 43.91 32.56 -12.90
N GLY C 55 43.60 33.72 -12.31
CA GLY C 55 44.63 34.59 -11.76
C GLY C 55 45.30 35.52 -12.76
N GLY C 56 45.16 35.19 -14.04
CA GLY C 56 45.67 36.02 -15.11
C GLY C 56 44.78 37.23 -15.30
N LEU C 57 43.58 37.16 -14.74
CA LEU C 57 42.61 38.24 -14.81
C LEU C 57 42.89 39.28 -13.73
N GLY C 58 43.47 38.82 -12.63
CA GLY C 58 43.77 39.70 -11.50
C GLY C 58 42.56 39.89 -10.61
N LEU C 59 41.52 39.10 -10.85
CA LEU C 59 40.29 39.18 -10.08
C LEU C 59 40.38 38.33 -8.80
N PRO C 60 39.64 38.73 -7.76
CA PRO C 60 39.54 37.94 -6.53
C PRO C 60 38.99 36.54 -6.84
N LYS C 61 39.44 35.53 -6.11
CA LYS C 61 39.01 34.17 -6.38
C LYS C 61 37.59 33.90 -5.89
N VAL C 62 36.90 33.00 -6.59
CA VAL C 62 35.54 32.63 -6.23
C VAL C 62 35.55 31.58 -5.12
N MET C 63 35.20 32.01 -3.91
CA MET C 63 35.21 31.11 -2.75
C MET C 63 34.13 30.05 -2.85
N LEU C 64 34.45 28.86 -2.35
CA LEU C 64 33.48 27.76 -2.33
C LEU C 64 33.39 27.14 -0.95
N GLU C 65 32.83 27.89 -0.01
CA GLU C 65 32.58 27.38 1.33
C GLU C 65 31.33 26.52 1.31
N ALA C 66 31.16 25.69 2.33
CA ALA C 66 30.01 24.80 2.42
C ALA C 66 28.70 25.59 2.48
N GLY C 67 27.96 25.56 1.37
CA GLY C 67 26.70 26.28 1.31
C GLY C 67 26.63 27.21 0.11
N ILE C 68 26.09 28.40 0.34
CA ILE C 68 25.85 29.36 -0.73
C ILE C 68 26.97 30.42 -0.78
N ASN C 69 27.61 30.52 -1.93
CA ASN C 69 28.68 31.50 -2.15
C ASN C 69 28.41 32.37 -3.37
N ALA C 70 28.94 33.59 -3.35
CA ALA C 70 28.80 34.50 -4.47
C ALA C 70 29.79 35.65 -4.39
N PRO C 71 30.51 35.91 -5.48
CA PRO C 71 31.46 37.04 -5.53
C PRO C 71 30.73 38.38 -5.56
N ALA C 72 31.49 39.46 -5.51
CA ALA C 72 30.92 40.80 -5.48
C ALA C 72 30.13 41.11 -6.76
N GLU C 73 29.20 42.05 -6.65
CA GLU C 73 28.39 42.48 -7.79
C GLU C 73 29.26 43.10 -8.88
N VAL C 74 29.02 42.67 -10.12
CA VAL C 74 29.75 43.19 -11.26
C VAL C 74 28.95 44.29 -11.95
N VAL C 75 29.33 45.53 -11.71
CA VAL C 75 28.65 46.68 -12.31
C VAL C 75 29.09 46.89 -13.75
N GLY C 76 28.26 46.46 -14.69
CA GLY C 76 28.56 46.61 -16.10
C GLY C 76 28.39 48.04 -16.57
N PRO C 77 28.56 48.27 -17.88
CA PRO C 77 28.42 49.61 -18.47
C PRO C 77 27.01 50.18 -18.30
N ASP C 78 26.00 49.32 -18.31
CA ASP C 78 24.61 49.77 -18.19
C ASP C 78 23.93 49.22 -16.95
N ARG C 79 23.99 47.90 -16.77
CA ARG C 79 23.32 47.24 -15.66
C ARG C 79 24.29 46.60 -14.68
N SER C 80 23.91 46.56 -13.42
CA SER C 80 24.69 45.84 -12.40
C SER C 80 24.18 44.41 -12.31
N ARG C 81 25.10 43.47 -12.16
CA ARG C 81 24.72 42.06 -12.18
C ARG C 81 25.55 41.22 -11.21
N ARG C 82 24.98 40.09 -10.80
CA ARG C 82 25.72 39.09 -10.03
C ARG C 82 26.32 38.09 -11.00
N ALA C 83 27.63 37.90 -10.92
CA ALA C 83 28.33 37.04 -11.86
C ALA C 83 27.84 35.59 -11.79
N LEU C 84 27.88 35.02 -10.60
CA LEU C 84 27.43 33.65 -10.39
C LEU C 84 27.19 33.35 -8.93
N ILE C 85 26.56 32.21 -8.66
CA ILE C 85 26.38 31.74 -7.29
C ILE C 85 26.89 30.31 -7.17
N ALA C 86 28.05 30.15 -6.56
CA ALA C 86 28.65 28.83 -6.36
C ALA C 86 28.04 28.12 -5.16
N ILE C 87 27.37 27.01 -5.43
CA ILE C 87 26.71 26.23 -4.39
C ILE C 87 27.54 25.00 -4.02
N ARG C 88 27.68 24.74 -2.74
CA ARG C 88 28.39 23.56 -2.27
C ARG C 88 27.54 22.78 -1.27
N SER C 89 27.08 21.60 -1.69
CA SER C 89 26.27 20.75 -0.83
C SER C 89 27.11 20.28 0.36
N SER C 90 26.53 20.28 1.56
CA SER C 90 27.30 20.07 2.77
C SER C 90 27.54 18.60 3.16
N PRO C 91 26.48 17.79 3.32
CA PRO C 91 26.74 16.42 3.78
C PRO C 91 26.61 15.35 2.69
N TRP C 92 27.39 14.28 2.83
CA TRP C 92 27.33 13.13 1.92
C TRP C 92 28.19 11.98 2.45
N LYS C 93 27.57 10.85 2.72
CA LYS C 93 28.28 9.68 3.25
C LYS C 93 27.45 8.40 3.14
N ALA C 94 27.03 8.07 1.92
CA ALA C 94 26.22 6.88 1.62
C ALA C 94 24.78 6.96 2.16
N GLY C 95 24.57 7.83 3.14
CA GLY C 95 23.24 8.14 3.63
C GLY C 95 22.51 7.03 4.36
N HIS C 96 22.72 6.83 5.67
CA HIS C 96 23.74 7.49 6.51
C HIS C 96 23.78 9.02 6.56
N GLU C 97 22.63 9.64 6.37
CA GLU C 97 22.50 11.09 6.37
C GLU C 97 21.03 11.42 6.53
N THR C 98 20.37 10.64 7.38
CA THR C 98 18.92 10.66 7.51
C THR C 98 18.39 11.96 8.13
N ASN C 99 17.86 12.83 7.28
CA ASN C 99 17.22 14.07 7.70
C ASN C 99 16.42 14.66 6.55
N PRO C 100 15.18 15.09 6.84
CA PRO C 100 14.21 15.51 5.82
C PRO C 100 14.61 16.76 5.03
N TRP C 101 15.60 17.51 5.51
CA TRP C 101 16.05 18.71 4.80
C TRP C 101 17.35 18.47 4.04
N HIS C 102 17.60 17.21 3.68
CA HIS C 102 18.81 16.86 2.96
C HIS C 102 18.68 17.18 1.47
N ASP C 103 19.76 17.69 0.89
CA ASP C 103 19.78 18.00 -0.54
C ASP C 103 19.66 16.73 -1.36
N GLU C 104 18.80 16.76 -2.37
CA GLU C 104 18.57 15.59 -3.21
C GLU C 104 19.15 15.80 -4.61
N PHE C 105 20.12 14.97 -4.96
CA PHE C 105 20.77 15.08 -6.27
C PHE C 105 20.35 13.96 -7.21
N ASP C 106 19.71 14.35 -8.32
CA ASP C 106 19.32 13.42 -9.37
C ASP C 106 19.83 13.95 -10.71
N LEU C 107 21.15 13.92 -10.88
CA LEU C 107 21.81 14.56 -12.01
C LEU C 107 21.47 13.92 -13.36
N ASP C 108 21.09 12.65 -13.35
CA ASP C 108 20.71 11.95 -14.57
C ASP C 108 19.46 12.56 -15.20
N HIS C 109 18.60 13.12 -14.37
CA HIS C 109 17.39 13.77 -14.85
C HIS C 109 17.48 15.28 -14.76
N GLY C 110 18.68 15.77 -14.42
CA GLY C 110 18.93 17.20 -14.35
C GLY C 110 18.12 17.91 -13.27
N HIS C 111 17.95 17.24 -12.13
CA HIS C 111 17.17 17.80 -11.03
C HIS C 111 17.97 17.85 -9.74
N VAL C 112 17.92 18.99 -9.06
CA VAL C 112 18.58 19.13 -7.76
C VAL C 112 17.69 19.88 -6.76
N ARG C 113 17.34 19.21 -5.67
CA ARG C 113 16.62 19.85 -4.58
C ARG C 113 17.63 20.36 -3.56
N TYR C 114 17.72 21.68 -3.41
CA TYR C 114 18.71 22.26 -2.50
C TYR C 114 18.07 23.06 -1.37
N PHE C 115 18.59 22.88 -0.16
CA PHE C 115 18.07 23.61 0.99
C PHE C 115 18.99 24.75 1.42
N GLY C 116 18.39 25.88 1.75
CA GLY C 116 19.14 27.08 2.08
C GLY C 116 19.94 26.99 3.37
N ASP C 117 20.50 28.13 3.78
CA ASP C 117 21.39 28.17 4.94
C ASP C 117 20.78 28.85 6.17
N HIS C 118 19.46 28.89 6.25
CA HIS C 118 18.81 29.49 7.41
C HIS C 118 19.02 28.60 8.64
N LYS C 119 19.36 29.21 9.76
CA LYS C 119 19.68 28.47 10.97
C LYS C 119 18.62 28.69 12.05
N PRO C 120 18.50 27.73 12.99
CA PRO C 120 17.55 27.86 14.11
C PRO C 120 17.88 29.03 15.03
N SER C 121 19.13 29.50 14.99
CA SER C 121 19.56 30.62 15.82
C SER C 121 19.42 31.94 15.08
N THR C 122 19.14 31.86 13.77
CA THR C 122 18.99 33.04 12.95
C THR C 122 17.72 33.82 13.32
N VAL C 123 17.89 35.07 13.73
CA VAL C 123 16.76 35.92 14.04
C VAL C 123 16.15 36.50 12.77
N GLY C 124 14.82 36.57 12.72
CA GLY C 124 14.13 37.10 11.57
C GLY C 124 13.60 36.03 10.64
N LEU C 125 13.45 36.39 9.37
CA LEU C 125 12.87 35.50 8.37
C LEU C 125 13.83 35.29 7.20
N PRO C 126 13.62 34.22 6.41
CA PRO C 126 14.44 34.04 5.21
C PRO C 126 14.18 35.14 4.19
N GLY C 127 15.23 35.70 3.60
CA GLY C 127 16.58 35.27 3.92
C GLY C 127 17.36 36.31 4.72
N GLU C 128 17.35 36.16 6.03
CA GLU C 128 18.08 37.06 6.91
C GLU C 128 19.57 36.77 6.82
N THR C 129 19.90 35.56 6.36
CA THR C 129 21.27 35.19 6.08
C THR C 129 21.66 35.68 4.69
N LYS C 130 22.96 35.81 4.44
CA LYS C 130 23.44 36.31 3.17
C LYS C 130 23.10 35.36 2.02
N GLY C 131 23.33 34.07 2.24
CA GLY C 131 23.09 33.06 1.22
C GLY C 131 21.66 33.02 0.72
N ASN C 132 20.71 32.94 1.65
CA ASN C 132 19.29 32.92 1.29
C ASN C 132 18.85 34.22 0.62
N ARG C 133 19.46 35.34 1.02
CA ARG C 133 19.19 36.62 0.37
C ARG C 133 19.64 36.55 -1.07
N LEU C 134 20.80 35.93 -1.30
CA LEU C 134 21.31 35.73 -2.64
C LEU C 134 20.38 34.81 -3.43
N LEU C 135 19.77 33.86 -2.73
CA LEU C 135 18.84 32.92 -3.36
C LEU C 135 17.56 33.61 -3.82
N LEU C 136 17.01 34.48 -2.98
CA LEU C 136 15.83 35.25 -3.35
C LEU C 136 16.16 36.21 -4.50
N GLU C 137 17.29 36.90 -4.35
CA GLU C 137 17.78 37.83 -5.36
C GLU C 137 17.94 37.16 -6.72
N ALA C 138 18.48 35.95 -6.71
CA ALA C 138 18.70 35.21 -7.95
C ALA C 138 17.42 34.65 -8.52
N ALA C 139 16.59 34.05 -7.67
CA ALA C 139 15.35 33.45 -8.11
C ALA C 139 14.39 34.49 -8.68
N ARG C 140 14.52 35.72 -8.24
CA ARG C 140 13.71 36.81 -8.77
C ARG C 140 14.02 37.03 -10.25
N LEU C 141 15.25 36.73 -10.64
CA LEU C 141 15.68 36.88 -12.03
C LEU C 141 15.50 35.59 -12.83
N HIS C 142 15.60 34.45 -12.15
CA HIS C 142 15.41 33.16 -12.80
C HIS C 142 13.96 32.93 -13.17
N ALA C 143 13.07 33.73 -12.57
CA ALA C 143 11.65 33.65 -12.88
C ALA C 143 11.22 34.84 -13.74
N GLY C 144 12.19 35.42 -14.44
CA GLY C 144 11.94 36.58 -15.28
C GLY C 144 11.07 36.26 -16.48
N THR C 145 10.14 37.18 -16.78
CA THR C 145 9.23 37.00 -17.91
C THR C 145 9.86 37.58 -19.18
N THR C 146 10.82 38.48 -19.00
CA THR C 146 11.50 39.11 -20.12
C THR C 146 12.88 38.50 -20.35
N ARG C 147 13.45 38.77 -21.52
CA ARG C 147 14.76 38.24 -21.86
C ARG C 147 15.88 38.94 -21.09
N GLU C 148 15.67 40.22 -20.77
CA GLU C 148 16.64 41.00 -20.03
C GLU C 148 16.85 40.46 -18.61
N GLU C 149 15.74 40.12 -17.96
CA GLU C 149 15.79 39.56 -16.61
C GLU C 149 16.58 38.26 -16.58
N ARG C 150 16.23 37.34 -17.48
CA ARG C 150 16.91 36.06 -17.57
C ARG C 150 18.37 36.25 -18.01
N LEU C 151 18.64 37.36 -18.68
CA LEU C 151 19.99 37.68 -19.12
C LEU C 151 20.83 38.13 -17.92
N LEU C 152 20.20 38.84 -16.99
CA LEU C 152 20.89 39.32 -15.79
C LEU C 152 20.98 38.24 -14.71
N ALA C 153 20.26 37.15 -14.91
CA ALA C 153 20.20 36.07 -13.92
C ALA C 153 21.54 35.34 -13.78
N PRO C 154 22.03 35.23 -12.53
CA PRO C 154 23.29 34.54 -12.24
C PRO C 154 23.14 33.02 -12.25
N PRO C 155 24.04 32.32 -12.95
CA PRO C 155 24.03 30.85 -12.97
C PRO C 155 24.40 30.28 -11.61
N LEU C 156 23.78 29.16 -11.25
CA LEU C 156 24.10 28.48 -10.00
C LEU C 156 25.00 27.28 -10.27
N PHE C 157 26.28 27.43 -9.96
CA PHE C 157 27.24 26.34 -10.14
C PHE C 157 27.23 25.43 -8.92
N LEU C 158 26.97 24.14 -9.16
CA LEU C 158 26.82 23.17 -8.07
C LEU C 158 28.09 22.35 -7.84
N PHE C 159 28.46 22.20 -6.57
CA PHE C 159 29.61 21.40 -6.18
C PHE C 159 29.24 20.54 -4.98
N ARG C 160 29.91 19.39 -4.85
CA ARG C 160 29.62 18.45 -3.76
C ARG C 160 30.86 17.88 -3.11
N ALA C 161 30.87 17.81 -1.78
CA ALA C 161 31.93 17.13 -1.06
C ALA C 161 31.95 15.64 -1.40
N VAL C 162 33.08 15.17 -1.93
CA VAL C 162 33.18 13.80 -2.41
C VAL C 162 34.43 13.09 -1.88
N THR C 163 34.26 11.83 -1.49
CA THR C 163 35.37 10.99 -1.06
C THR C 163 36.08 10.39 -2.27
N VAL C 164 37.36 10.72 -2.43
CA VAL C 164 38.11 10.31 -3.61
C VAL C 164 39.17 9.26 -3.28
N HIS C 165 39.88 8.81 -4.31
CA HIS C 165 40.96 7.85 -4.14
C HIS C 165 42.14 8.14 -5.07
N ARG C 166 43.13 8.86 -4.57
CA ARG C 166 44.35 9.10 -5.31
C ARG C 166 45.37 8.01 -5.01
N ALA C 167 45.78 7.26 -6.02
CA ALA C 167 46.76 6.21 -5.81
C ALA C 167 46.35 5.21 -4.72
N GLY C 168 45.05 4.87 -4.66
CA GLY C 168 44.57 3.83 -3.77
C GLY C 168 44.32 4.13 -2.29
N ARG C 169 44.37 5.41 -1.91
CA ARG C 169 44.12 5.79 -0.51
C ARG C 169 42.87 6.67 -0.41
N ALA C 170 41.97 6.38 0.51
CA ALA C 170 40.71 7.11 0.52
C ALA C 170 40.86 8.48 1.17
N VAL C 171 40.28 9.49 0.54
CA VAL C 171 40.33 10.86 1.07
C VAL C 171 38.92 11.45 1.15
N VAL C 172 38.45 11.65 2.38
CA VAL C 172 37.08 12.11 2.60
C VAL C 172 36.90 13.60 2.28
N LYS C 173 37.80 14.43 2.79
CA LYS C 173 37.69 15.87 2.63
C LYS C 173 38.76 16.44 1.71
N GLY C 174 38.67 17.74 1.43
CA GLY C 174 39.64 18.42 0.60
C GLY C 174 39.35 18.31 -0.88
N HIS C 175 38.23 17.71 -1.23
CA HIS C 175 37.86 17.53 -2.63
C HIS C 175 36.39 17.84 -2.89
N VAL C 176 36.13 18.45 -4.03
CA VAL C 176 34.75 18.72 -4.45
C VAL C 176 34.47 18.03 -5.78
N GLU C 177 33.22 18.14 -6.23
CA GLU C 177 32.79 17.51 -7.47
C GLU C 177 31.77 18.40 -8.16
N PHE C 178 32.09 18.78 -9.39
CA PHE C 178 31.22 19.62 -10.20
C PHE C 178 29.96 18.86 -10.60
N CYS C 179 28.81 19.52 -10.48
CA CYS C 179 27.53 18.87 -10.75
C CYS C 179 26.75 19.59 -11.83
N GLY C 180 27.34 20.65 -12.40
CA GLY C 180 26.72 21.39 -13.48
C GLY C 180 26.21 22.76 -13.08
N ALA C 181 25.74 23.51 -14.08
CA ALA C 181 25.11 24.80 -13.84
C ALA C 181 23.61 24.64 -13.97
N ALA C 182 22.87 25.11 -12.97
CA ALA C 182 21.43 24.87 -12.91
C ALA C 182 20.60 26.15 -12.95
N ILE C 183 19.33 25.99 -13.31
CA ILE C 183 18.37 27.08 -13.31
C ILE C 183 17.41 26.89 -12.14
N ILE C 184 17.16 27.97 -11.39
CA ILE C 184 16.18 27.93 -10.32
C ILE C 184 14.78 27.88 -10.93
N GLU C 185 14.18 26.69 -10.96
CA GLU C 185 12.84 26.56 -11.50
C GLU C 185 11.75 26.63 -10.42
N ARG C 186 12.15 26.46 -9.16
CA ARG C 186 11.20 26.65 -8.06
C ARG C 186 11.85 27.13 -6.76
N LEU C 187 11.21 28.07 -6.09
CA LEU C 187 11.61 28.49 -4.75
C LEU C 187 10.40 28.48 -3.85
N GLU C 188 10.49 27.75 -2.73
CA GLU C 188 9.41 27.72 -1.76
C GLU C 188 9.94 27.90 -0.35
N HIS C 189 9.04 28.20 0.58
CA HIS C 189 9.41 28.35 1.98
C HIS C 189 9.04 27.11 2.79
N VAL C 190 9.99 26.63 3.59
CA VAL C 190 9.77 25.44 4.40
C VAL C 190 10.02 25.71 5.87
N VAL C 191 9.59 24.78 6.72
CA VAL C 191 9.84 24.88 8.15
C VAL C 191 10.51 23.60 8.64
N GLN C 192 11.70 23.74 9.22
CA GLN C 192 12.47 22.58 9.62
C GLN C 192 12.62 22.51 11.13
N ARG C 193 12.82 21.31 11.66
CA ARG C 193 13.10 21.14 13.08
C ARG C 193 14.47 20.52 13.29
N ASP C 194 15.36 21.28 13.93
CA ASP C 194 16.69 20.79 14.24
C ASP C 194 16.62 19.79 15.40
N PRO C 195 17.27 18.63 15.24
CA PRO C 195 17.23 17.58 16.26
C PRO C 195 17.94 17.99 17.54
N GLU C 196 19.06 18.69 17.41
CA GLU C 196 19.84 19.11 18.57
C GLU C 196 19.20 20.31 19.27
N THR C 197 18.34 21.02 18.55
CA THR C 197 17.68 22.20 19.10
C THR C 197 16.25 21.89 19.53
N GLY C 198 15.53 21.14 18.70
CA GLY C 198 14.14 20.81 18.97
C GLY C 198 13.21 21.95 18.58
N ARG C 199 13.79 23.07 18.18
CA ARG C 199 13.02 24.24 17.80
C ARG C 199 12.85 24.33 16.29
N SER C 200 11.68 24.80 15.86
CA SER C 200 11.40 24.95 14.44
C SER C 200 11.94 26.30 13.92
N PHE C 201 12.43 26.27 12.69
CA PHE C 201 12.95 27.47 12.05
C PHE C 201 12.60 27.47 10.56
N PRO C 202 12.32 28.66 10.01
CA PRO C 202 12.01 28.78 8.59
C PRO C 202 13.25 28.57 7.73
N ASN C 203 13.05 28.23 6.46
CA ASN C 203 14.16 28.00 5.54
C ASN C 203 13.67 28.07 4.10
N LEU C 204 14.60 28.09 3.16
CA LEU C 204 14.26 28.13 1.74
C LEU C 204 14.52 26.77 1.08
N SER C 205 13.72 26.47 0.06
CA SER C 205 13.87 25.24 -0.69
C SER C 205 13.86 25.54 -2.19
N LEU C 206 14.84 24.98 -2.89
CA LEU C 206 15.01 25.23 -4.32
C LEU C 206 14.90 23.96 -5.17
N ASP C 207 14.02 24.01 -6.16
CA ASP C 207 14.04 23.01 -7.23
C ASP C 207 14.84 23.59 -8.38
N LEU C 208 15.97 22.94 -8.66
CA LEU C 208 16.93 23.40 -9.66
C LEU C 208 16.98 22.46 -10.84
N ALA C 209 17.01 23.03 -12.04
CA ALA C 209 17.09 22.25 -13.27
C ALA C 209 18.46 22.39 -13.94
N VAL C 210 19.31 21.37 -13.76
CA VAL C 210 20.63 21.38 -14.35
C VAL C 210 20.55 21.26 -15.87
N VAL C 211 21.05 22.28 -16.57
CA VAL C 211 20.96 22.32 -18.02
C VAL C 211 21.88 21.30 -18.68
N SER C 212 21.59 20.98 -19.94
CA SER C 212 22.41 20.06 -20.70
C SER C 212 23.63 20.80 -21.27
N GLY C 213 24.78 20.14 -21.25
CA GLY C 213 25.99 20.71 -21.80
C GLY C 213 26.24 20.20 -23.20
N GLY C 214 25.22 19.56 -23.78
CA GLY C 214 25.36 18.96 -25.10
C GLY C 214 25.95 17.57 -24.99
N GLU C 215 26.61 17.13 -26.06
CA GLU C 215 27.27 15.83 -26.06
C GLU C 215 28.55 15.87 -25.23
N ILE C 216 29.08 17.07 -25.03
CA ILE C 216 30.29 17.25 -24.23
C ILE C 216 29.98 17.05 -22.74
N ASP C 217 28.80 17.48 -22.32
CA ASP C 217 28.38 17.41 -20.93
C ASP C 217 29.35 18.13 -20.00
N GLY C 218 29.55 19.42 -20.27
CA GLY C 218 30.44 20.24 -19.45
C GLY C 218 30.28 21.70 -19.78
N VAL C 219 30.90 22.57 -18.99
CA VAL C 219 30.83 24.01 -19.23
C VAL C 219 32.21 24.66 -19.24
N ASP C 220 32.38 25.67 -20.08
CA ASP C 220 33.62 26.43 -20.12
C ASP C 220 33.57 27.54 -19.07
N PHE C 221 34.53 27.53 -18.16
CA PHE C 221 34.55 28.50 -17.06
C PHE C 221 34.99 29.89 -17.48
N ARG C 222 35.21 30.09 -18.78
CA ARG C 222 35.46 31.41 -19.33
C ARG C 222 34.17 32.20 -19.34
N TRP C 223 33.05 31.48 -19.28
CA TRP C 223 31.73 32.08 -19.15
C TRP C 223 31.70 32.91 -17.87
N ILE C 224 32.22 32.33 -16.80
CA ILE C 224 32.34 33.02 -15.52
C ILE C 224 33.20 34.27 -15.67
N ASP C 225 34.30 34.14 -16.42
CA ASP C 225 35.20 35.26 -16.68
C ASP C 225 34.46 36.40 -17.37
N ASP C 226 33.61 36.05 -18.32
CA ASP C 226 32.82 37.05 -19.05
C ASP C 226 31.79 37.71 -18.13
N ARG C 227 31.15 36.92 -17.29
CA ARG C 227 30.15 37.45 -16.36
C ARG C 227 30.79 38.30 -15.25
N ARG C 228 32.07 38.07 -14.98
CA ARG C 228 32.78 38.86 -13.98
C ARG C 228 33.43 40.09 -14.62
N ASN C 229 33.37 40.16 -15.94
CA ASN C 229 33.97 41.26 -16.67
C ASN C 229 33.09 42.50 -16.63
N ALA C 230 33.56 43.54 -15.94
CA ALA C 230 32.79 44.76 -15.75
C ALA C 230 32.66 45.57 -17.04
N ALA C 231 33.56 45.33 -17.99
CA ALA C 231 33.54 46.03 -19.26
C ALA C 231 32.45 45.50 -20.18
N LEU C 232 32.02 44.27 -19.92
CA LEU C 232 31.03 43.62 -20.76
C LEU C 232 29.61 43.80 -20.23
N ALA C 233 28.67 44.12 -21.11
CA ALA C 233 27.27 44.14 -20.77
C ALA C 233 26.77 42.70 -20.67
N ALA C 234 25.58 42.52 -20.11
CA ALA C 234 25.03 41.18 -19.91
C ALA C 234 24.82 40.44 -21.23
N GLY C 235 24.55 41.20 -22.29
CA GLY C 235 24.30 40.62 -23.60
C GLY C 235 25.55 40.13 -24.31
N GLU C 236 26.71 40.50 -23.77
CA GLU C 236 27.99 40.13 -24.37
C GLU C 236 28.75 39.10 -23.53
N THR C 237 28.03 38.30 -22.76
CA THR C 237 28.67 37.33 -21.88
C THR C 237 28.18 35.90 -22.11
N LEU C 238 27.62 35.63 -23.29
CA LEU C 238 27.06 34.30 -23.58
C LEU C 238 27.84 33.51 -24.63
N ARG C 239 29.04 33.95 -24.97
CA ARG C 239 29.86 33.26 -25.96
C ARG C 239 30.24 31.86 -25.50
N HIS C 240 30.75 31.75 -24.28
CA HIS C 240 31.28 30.49 -23.77
C HIS C 240 30.26 29.74 -22.92
N ALA C 241 29.03 30.22 -22.95
CA ALA C 241 27.93 29.57 -22.23
C ALA C 241 27.36 28.44 -23.07
N PRO C 242 26.86 27.38 -22.41
CA PRO C 242 26.24 26.26 -23.13
C PRO C 242 24.98 26.69 -23.88
N GLU C 243 24.70 26.06 -25.01
CA GLU C 243 23.58 26.43 -25.85
C GLU C 243 22.23 26.29 -25.15
N SER C 244 22.15 25.37 -24.20
CA SER C 244 20.93 25.17 -23.44
C SER C 244 20.57 26.41 -22.63
N TRP C 245 21.58 27.01 -21.98
CA TRP C 245 21.37 28.19 -21.17
C TRP C 245 20.94 29.38 -22.02
N ILE C 246 21.59 29.55 -23.17
CA ILE C 246 21.24 30.60 -24.11
C ILE C 246 19.82 30.41 -24.60
N ARG C 247 19.44 29.16 -24.83
CA ARG C 247 18.09 28.81 -25.23
C ARG C 247 17.10 29.19 -24.12
N TRP C 248 17.52 29.03 -22.87
CA TRP C 248 16.68 29.43 -21.75
C TRP C 248 16.49 30.93 -21.67
N VAL C 249 17.60 31.66 -21.81
CA VAL C 249 17.56 33.12 -21.76
C VAL C 249 16.69 33.68 -22.87
N ARG C 250 16.80 33.09 -24.06
CA ARG C 250 16.03 33.56 -25.21
C ARG C 250 14.55 33.18 -25.16
N GLN C 251 14.27 31.94 -24.73
CA GLN C 251 12.90 31.43 -24.76
C GLN C 251 12.18 31.56 -23.41
N GLY C 252 12.85 31.14 -22.33
CA GLY C 252 12.28 31.25 -21.01
C GLY C 252 11.87 29.91 -20.40
N ARG C 253 10.71 29.90 -19.74
CA ARG C 253 10.23 28.73 -19.02
C ARG C 253 9.92 27.56 -19.95
N LEU C 254 9.45 27.87 -21.16
CA LEU C 254 9.06 26.85 -22.11
C LEU C 254 10.25 26.04 -22.65
N ALA C 255 11.46 26.57 -22.46
CA ALA C 255 12.66 25.92 -22.96
C ALA C 255 13.21 24.90 -21.97
N ILE C 256 12.88 25.07 -20.69
CA ILE C 256 13.41 24.22 -19.62
C ILE C 256 13.24 22.69 -19.81
N PRO C 257 12.03 22.22 -20.12
CA PRO C 257 11.86 20.75 -20.21
C PRO C 257 12.72 20.09 -21.30
N GLY C 258 13.14 20.86 -22.29
CA GLY C 258 13.92 20.31 -23.39
C GLY C 258 15.42 20.51 -23.26
N ILE C 259 15.82 21.43 -22.39
CA ILE C 259 17.24 21.77 -22.25
C ILE C 259 17.88 21.21 -20.99
N ARG C 260 17.08 20.55 -20.15
CA ARG C 260 17.60 19.98 -18.92
C ARG C 260 18.50 18.78 -19.22
N ARG C 261 19.39 18.49 -18.29
CA ARG C 261 20.36 17.40 -18.46
C ARG C 261 19.67 16.04 -18.44
N ARG C 262 20.04 15.18 -19.37
CA ARG C 262 19.48 13.83 -19.46
C ARG C 262 20.55 12.81 -19.81
N VAL C 263 20.98 12.03 -18.82
CA VAL C 263 22.02 11.04 -19.03
C VAL C 263 21.58 9.65 -18.59
N LEU C 264 21.62 8.70 -19.53
CA LEU C 264 21.27 7.32 -19.24
C LEU C 264 22.43 6.61 -18.55
N ALA C 265 22.11 5.58 -17.77
CA ALA C 265 23.13 4.82 -17.06
C ALA C 265 23.97 3.99 -18.03
N SER C 266 23.35 3.57 -19.13
CA SER C 266 24.06 2.79 -20.16
C SER C 266 23.63 3.24 -21.55
N ALA C 267 24.29 2.68 -22.56
CA ALA C 267 24.03 3.06 -23.95
C ALA C 267 22.75 2.45 -24.49
N VAL C 268 22.29 3.00 -25.61
CA VAL C 268 21.08 2.52 -26.27
C VAL C 268 21.39 2.04 -27.68
N GLN C 269 21.05 0.78 -27.97
CA GLN C 269 21.26 0.24 -29.30
C GLN C 269 20.22 0.76 -30.28
N SER C 270 20.67 1.22 -31.44
CA SER C 270 19.75 1.62 -32.49
C SER C 270 19.15 0.37 -33.13
N SER C 271 18.10 0.56 -33.92
CA SER C 271 17.46 -0.56 -34.59
C SER C 271 18.43 -1.25 -35.55
N LYS C 272 19.33 -0.47 -36.14
CA LYS C 272 20.37 -1.01 -37.01
C LYS C 272 21.32 -1.91 -36.24
N GLU C 273 21.64 -1.52 -35.01
CA GLU C 273 22.54 -2.29 -34.16
C GLU C 273 21.92 -3.61 -33.74
N GLN C 274 20.61 -3.62 -33.56
CA GLN C 274 19.91 -4.81 -33.10
C GLN C 274 19.53 -5.75 -34.25
N GLN C 275 19.60 -5.22 -35.47
CA GLN C 275 19.25 -6.00 -36.66
C GLN C 275 20.51 -6.45 -37.40
N PRO C 276 20.43 -7.62 -38.06
CA PRO C 276 21.55 -8.14 -38.86
C PRO C 276 21.96 -7.19 -39.98
N ALA C 277 23.24 -7.23 -40.35
CA ALA C 277 23.75 -6.39 -41.41
C ALA C 277 23.10 -6.74 -42.75
N SER C 278 23.03 -5.76 -43.64
CA SER C 278 22.42 -5.97 -44.96
C SER C 278 23.28 -6.91 -45.80
N GLY C 279 22.63 -7.87 -46.47
CA GLY C 279 23.32 -8.79 -47.34
C GLY C 279 24.01 -9.92 -46.60
N SER C 280 23.89 -9.91 -45.27
CA SER C 280 24.51 -10.95 -44.45
C SER C 280 23.68 -12.23 -44.47
N ALA C 281 24.29 -13.33 -44.04
CA ALA C 281 23.61 -14.62 -44.00
C ALA C 281 22.49 -14.62 -42.97
N GLU C 282 22.76 -14.03 -41.81
CA GLU C 282 21.79 -14.00 -40.72
C GLU C 282 20.64 -13.04 -41.01
N ALA C 283 20.81 -12.19 -42.03
CA ALA C 283 19.73 -11.32 -42.47
C ALA C 283 18.68 -12.15 -43.21
N ALA C 284 19.14 -12.94 -44.17
CA ALA C 284 18.26 -13.85 -44.90
C ALA C 284 17.71 -14.92 -43.96
N THR C 285 18.52 -15.30 -42.98
CA THR C 285 18.10 -16.26 -41.97
C THR C 285 16.94 -15.70 -41.16
N LEU C 286 17.09 -14.43 -40.74
CA LEU C 286 16.03 -13.75 -39.99
C LEU C 286 14.78 -13.59 -40.84
N GLN C 287 14.97 -13.32 -42.13
CA GLN C 287 13.84 -13.20 -43.05
C GLN C 287 13.07 -14.52 -43.16
N THR C 288 13.81 -15.62 -43.25
CA THR C 288 13.19 -16.94 -43.30
C THR C 288 12.49 -17.26 -41.98
N LEU C 289 13.08 -16.81 -40.88
CA LEU C 289 12.51 -17.01 -39.56
C LEU C 289 11.17 -16.28 -39.41
N TYR C 290 11.14 -15.03 -39.85
CA TYR C 290 9.90 -14.26 -39.78
C TYR C 290 8.85 -14.82 -40.74
N LYS C 291 9.29 -15.20 -41.94
CA LYS C 291 8.40 -15.77 -42.93
C LYS C 291 7.77 -17.05 -42.41
N PHE C 292 8.55 -17.84 -41.68
CA PHE C 292 8.10 -19.12 -41.15
C PHE C 292 7.18 -18.95 -39.94
N TYR C 293 7.61 -18.15 -38.97
CA TYR C 293 6.89 -18.02 -37.72
C TYR C 293 5.85 -16.89 -37.71
N ASP C 294 5.52 -16.38 -38.89
CA ASP C 294 4.51 -15.33 -38.99
C ASP C 294 3.13 -15.90 -38.68
N GLY C 295 2.96 -17.19 -38.92
CA GLY C 295 1.71 -17.87 -38.65
C GLY C 295 1.85 -18.96 -37.61
N ARG C 296 3.06 -19.12 -37.09
CA ARG C 296 3.33 -20.13 -36.07
C ARG C 296 3.80 -19.49 -34.77
N LYS C 297 2.84 -19.04 -33.97
CA LYS C 297 3.13 -18.33 -32.73
C LYS C 297 3.80 -19.23 -31.68
N HIS C 298 3.12 -20.32 -31.34
CA HIS C 298 3.59 -21.24 -30.31
C HIS C 298 4.95 -21.84 -30.66
N ALA C 299 5.15 -22.17 -31.93
CA ALA C 299 6.42 -22.70 -32.40
C ALA C 299 7.53 -21.69 -32.17
N PHE C 300 7.23 -20.42 -32.38
CA PHE C 300 8.20 -19.35 -32.15
C PHE C 300 8.41 -19.13 -30.66
N GLU C 301 7.41 -19.48 -29.86
CA GLU C 301 7.55 -19.41 -28.41
C GLU C 301 8.55 -20.47 -27.94
N LEU C 302 8.42 -21.68 -28.47
CA LEU C 302 9.35 -22.75 -28.18
C LEU C 302 10.75 -22.40 -28.64
N LEU C 303 10.86 -21.92 -29.89
CA LEU C 303 12.14 -21.49 -30.44
C LEU C 303 12.77 -20.44 -29.55
N ALA C 304 11.95 -19.51 -29.06
CA ALA C 304 12.43 -18.45 -28.17
C ALA C 304 12.95 -19.04 -26.86
N SER C 305 12.26 -20.06 -26.35
CA SER C 305 12.69 -20.72 -25.12
C SER C 305 14.06 -21.36 -25.30
N ARG C 306 14.23 -22.06 -26.42
CA ARG C 306 15.51 -22.73 -26.72
C ARG C 306 16.64 -21.72 -26.94
N VAL C 307 16.35 -20.67 -27.69
CA VAL C 307 17.32 -19.61 -27.95
C VAL C 307 17.77 -18.93 -26.66
N ALA C 308 16.81 -18.56 -25.82
CA ALA C 308 17.11 -17.92 -24.54
C ALA C 308 17.92 -18.87 -23.66
N ALA C 309 17.56 -20.15 -23.69
CA ALA C 309 18.31 -21.16 -22.95
C ALA C 309 19.77 -21.20 -23.38
N GLU C 310 19.99 -21.20 -24.69
CA GLU C 310 21.35 -21.21 -25.22
C GLU C 310 22.10 -19.93 -24.85
N VAL C 311 21.41 -18.81 -24.87
CA VAL C 311 21.98 -17.51 -24.52
C VAL C 311 22.47 -17.49 -23.07
N PHE C 312 21.62 -17.94 -22.15
CA PHE C 312 22.00 -18.01 -20.75
C PHE C 312 23.05 -19.10 -20.49
N ARG C 313 23.10 -20.09 -21.39
CA ARG C 313 24.05 -21.18 -21.26
C ARG C 313 25.44 -20.76 -21.73
N GLU C 314 25.47 -19.80 -22.66
CA GLU C 314 26.73 -19.39 -23.30
C GLU C 314 27.74 -18.80 -22.34
N SER C 315 27.27 -18.12 -21.30
CA SER C 315 28.15 -17.48 -20.34
C SER C 315 28.76 -18.49 -19.36
N GLY C 316 28.27 -19.72 -19.40
CA GLY C 316 28.72 -20.75 -18.49
C GLY C 316 27.80 -20.83 -17.29
N ALA C 317 26.77 -19.98 -17.28
CA ALA C 317 25.79 -19.96 -16.21
C ALA C 317 24.93 -21.22 -16.23
N ARG C 318 24.32 -21.53 -15.10
CA ARG C 318 23.50 -22.73 -14.96
C ARG C 318 22.04 -22.42 -15.29
N TYR C 319 21.57 -22.94 -16.43
CA TYR C 319 20.19 -22.71 -16.85
C TYR C 319 19.40 -24.00 -16.87
N LYS C 320 18.10 -23.89 -16.58
CA LYS C 320 17.20 -25.03 -16.57
C LYS C 320 15.91 -24.68 -17.29
N GLU C 321 15.68 -25.33 -18.41
CA GLU C 321 14.45 -25.13 -19.18
C GLU C 321 13.24 -25.65 -18.41
N GLY C 322 12.08 -25.08 -18.69
CA GLY C 322 10.85 -25.49 -18.03
C GLY C 322 9.78 -25.90 -19.01
N TRP C 323 8.73 -25.07 -19.11
CA TRP C 323 7.58 -25.38 -19.95
C TRP C 323 7.04 -24.12 -20.61
N LEU C 324 6.12 -24.32 -21.56
CA LEU C 324 5.44 -23.20 -22.20
C LEU C 324 4.11 -22.94 -21.49
N SER C 325 3.70 -21.68 -21.44
CA SER C 325 2.50 -21.29 -20.73
C SER C 325 1.23 -21.84 -21.38
N ARG C 326 0.88 -21.31 -22.55
CA ARG C 326 -0.34 -21.72 -23.24
C ARG C 326 -0.06 -22.12 -24.68
N SER C 327 -0.75 -23.16 -25.15
CA SER C 327 -0.65 -23.59 -26.53
C SER C 327 -1.65 -22.80 -27.38
N SER C 328 -2.56 -22.11 -26.71
CA SER C 328 -3.56 -21.29 -27.38
C SER C 328 -3.96 -20.12 -26.50
N GLY C 329 -4.28 -18.99 -27.13
CA GLY C 329 -4.68 -17.80 -26.40
C GLY C 329 -3.55 -16.78 -26.30
N ASP C 330 -3.76 -15.74 -25.51
CA ASP C 330 -2.78 -14.67 -25.35
C ASP C 330 -2.54 -14.35 -23.88
N GLY C 331 -1.30 -14.00 -23.54
CA GLY C 331 -0.94 -13.70 -22.17
C GLY C 331 0.33 -12.88 -22.06
N GLY C 332 0.79 -12.68 -20.82
CA GLY C 332 1.96 -11.88 -20.56
C GLY C 332 3.26 -12.67 -20.59
N VAL C 333 3.18 -13.95 -20.25
CA VAL C 333 4.36 -14.82 -20.26
C VAL C 333 4.14 -16.01 -21.18
N ASP C 334 5.21 -16.43 -21.86
CA ASP C 334 5.12 -17.55 -22.79
C ASP C 334 5.83 -18.79 -22.27
N PHE C 335 7.09 -18.64 -21.87
CA PHE C 335 7.83 -19.78 -21.32
C PHE C 335 8.49 -19.47 -19.98
N ILE C 336 8.90 -20.51 -19.27
CA ILE C 336 9.48 -20.36 -17.94
C ILE C 336 10.79 -21.14 -17.81
N GLY C 337 11.81 -20.49 -17.25
CA GLY C 337 13.09 -21.12 -17.05
C GLY C 337 13.64 -20.86 -15.65
N ARG C 338 14.86 -21.29 -15.41
CA ARG C 338 15.49 -21.10 -14.11
C ARG C 338 17.01 -20.88 -14.24
N ILE C 339 17.57 -20.07 -13.35
CA ILE C 339 19.01 -19.84 -13.34
C ILE C 339 19.57 -20.10 -11.95
N ASP C 340 20.45 -21.11 -11.85
CA ASP C 340 21.05 -21.47 -10.57
C ASP C 340 22.22 -20.55 -10.23
N MET C 341 21.98 -19.60 -9.34
CA MET C 341 22.99 -18.62 -8.98
C MET C 341 23.76 -19.04 -7.74
N GLY C 342 25.06 -19.29 -7.91
CA GLY C 342 25.92 -19.73 -6.83
C GLY C 342 26.59 -21.05 -7.12
N SER C 343 27.38 -21.53 -6.18
CA SER C 343 28.09 -22.80 -6.33
C SER C 343 27.12 -23.98 -6.45
N LEU C 344 27.64 -25.11 -6.92
CA LEU C 344 26.81 -26.29 -7.12
C LEU C 344 26.25 -26.82 -5.81
N LYS C 345 24.98 -27.24 -5.86
CA LYS C 345 24.29 -27.81 -4.70
C LYS C 345 24.19 -26.86 -3.50
N ALA C 346 24.46 -25.59 -3.74
CA ALA C 346 24.38 -24.58 -2.69
C ALA C 346 23.94 -23.25 -3.29
N SER C 347 23.50 -23.30 -4.54
CA SER C 347 23.09 -22.11 -5.27
C SER C 347 21.70 -21.65 -4.85
N THR C 348 21.18 -20.64 -5.55
CA THR C 348 19.85 -20.14 -5.31
C THR C 348 19.11 -19.97 -6.64
N PRO C 349 17.92 -20.58 -6.75
CA PRO C 349 17.15 -20.54 -8.00
C PRO C 349 16.62 -19.15 -8.34
N VAL C 350 16.77 -18.76 -9.60
CA VAL C 350 16.26 -17.50 -10.11
C VAL C 350 15.27 -17.77 -11.23
N VAL C 351 13.98 -17.57 -10.94
CA VAL C 351 12.93 -17.83 -11.92
C VAL C 351 13.04 -16.88 -13.10
N VAL C 352 12.90 -17.42 -14.30
CA VAL C 352 12.99 -16.62 -15.52
C VAL C 352 11.69 -16.65 -16.30
N LEU C 353 11.14 -15.47 -16.58
CA LEU C 353 9.92 -15.37 -17.39
C LEU C 353 10.25 -14.90 -18.81
N GLY C 354 9.88 -15.71 -19.78
CA GLY C 354 10.20 -15.43 -21.16
C GLY C 354 8.99 -15.15 -22.03
N GLN C 355 9.11 -14.12 -22.86
CA GLN C 355 8.05 -13.74 -23.79
C GLN C 355 8.55 -13.79 -25.23
N ALA C 356 7.73 -14.34 -26.12
CA ALA C 356 8.07 -14.40 -27.53
C ALA C 356 7.11 -13.55 -28.35
N LYS C 357 7.64 -12.82 -29.33
CA LYS C 357 6.80 -12.00 -30.19
C LYS C 357 7.38 -11.87 -31.59
N CYS C 358 6.84 -12.65 -32.53
CA CYS C 358 7.33 -12.61 -33.90
C CYS C 358 6.67 -11.48 -34.71
N ILE C 359 7.39 -10.38 -34.84
CA ILE C 359 6.92 -9.25 -35.63
C ILE C 359 7.90 -8.98 -36.78
N GLN C 360 7.56 -8.03 -37.64
CA GLN C 360 8.44 -7.62 -38.73
C GLN C 360 9.79 -7.18 -38.19
N PRO C 361 10.88 -7.63 -38.83
CA PRO C 361 12.25 -7.26 -38.44
C PRO C 361 12.45 -5.74 -38.38
N THR C 362 11.73 -5.01 -39.23
CA THR C 362 11.80 -3.55 -39.23
C THR C 362 11.00 -2.96 -38.07
N SER C 363 9.93 -3.65 -37.68
CA SER C 363 9.08 -3.17 -36.60
C SER C 363 9.76 -3.27 -35.23
N SER C 364 9.31 -2.45 -34.29
CA SER C 364 9.92 -2.40 -32.96
C SER C 364 8.94 -2.78 -31.85
N VAL C 365 9.50 -3.15 -30.71
CA VAL C 365 8.72 -3.52 -29.53
C VAL C 365 8.57 -2.32 -28.60
N SER C 366 7.33 -1.96 -28.29
CA SER C 366 7.04 -0.77 -27.49
C SER C 366 7.33 -1.01 -26.00
N PRO C 367 7.52 0.09 -25.24
CA PRO C 367 7.75 -0.01 -23.80
C PRO C 367 6.61 -0.70 -23.05
N GLU C 368 5.39 -0.57 -23.58
CA GLU C 368 4.22 -1.15 -22.93
C GLU C 368 4.28 -2.67 -22.87
N GLN C 369 4.48 -3.29 -24.03
CA GLN C 369 4.51 -4.75 -24.14
C GLN C 369 5.74 -5.37 -23.46
N VAL C 370 6.76 -4.56 -23.24
CA VAL C 370 7.91 -4.99 -22.45
C VAL C 370 7.54 -4.94 -20.97
N ALA C 371 6.86 -3.87 -20.59
CA ALA C 371 6.42 -3.67 -19.22
C ALA C 371 5.37 -4.71 -18.82
N ARG C 372 4.70 -5.31 -19.80
CA ARG C 372 3.75 -6.37 -19.53
C ARG C 372 4.47 -7.58 -18.94
N VAL C 373 5.70 -7.79 -19.39
CA VAL C 373 6.52 -8.88 -18.88
C VAL C 373 7.24 -8.46 -17.61
N VAL C 374 7.69 -7.20 -17.58
CA VAL C 374 8.38 -6.67 -16.41
C VAL C 374 7.49 -6.69 -15.15
N ALA C 375 6.22 -6.36 -15.33
CA ALA C 375 5.28 -6.26 -14.21
C ALA C 375 4.90 -7.62 -13.63
N ARG C 376 5.42 -8.70 -14.22
CA ARG C 376 5.15 -10.04 -13.72
C ARG C 376 6.24 -10.53 -12.78
N LEU C 377 7.35 -9.81 -12.77
CA LEU C 377 8.53 -10.26 -12.04
C LEU C 377 8.45 -9.99 -10.55
N ARG C 378 8.51 -11.05 -9.76
CA ARG C 378 8.60 -10.91 -8.31
C ARG C 378 10.06 -10.66 -7.94
N ARG C 379 10.33 -10.60 -6.65
CA ARG C 379 11.69 -10.46 -6.15
C ARG C 379 12.50 -11.70 -6.46
N GLY C 380 13.67 -11.51 -7.07
CA GLY C 380 14.55 -12.62 -7.41
C GLY C 380 14.21 -13.24 -8.74
N TRP C 381 13.29 -12.61 -9.47
CA TRP C 381 12.91 -13.09 -10.80
C TRP C 381 13.43 -12.16 -11.87
N ILE C 382 13.81 -12.72 -13.02
CA ILE C 382 14.21 -11.92 -14.16
C ILE C 382 13.42 -12.32 -15.39
N GLY C 383 13.54 -11.53 -16.46
CA GLY C 383 12.79 -11.78 -17.67
C GLY C 383 13.62 -11.75 -18.94
N VAL C 384 13.06 -12.29 -20.01
CA VAL C 384 13.72 -12.28 -21.31
C VAL C 384 12.70 -12.11 -22.44
N TYR C 385 12.95 -11.15 -23.31
CA TYR C 385 12.05 -10.86 -24.42
C TYR C 385 12.71 -11.21 -25.75
N VAL C 386 12.12 -12.16 -26.46
CA VAL C 386 12.64 -12.59 -27.76
C VAL C 386 11.71 -12.19 -28.90
N THR C 387 12.28 -11.50 -29.89
CA THR C 387 11.51 -11.03 -31.03
C THR C 387 12.36 -11.03 -32.30
N THR C 388 11.69 -11.03 -33.46
CA THR C 388 12.38 -10.96 -34.75
C THR C 388 12.65 -9.51 -35.11
N GLY C 389 12.00 -8.59 -34.39
CA GLY C 389 12.20 -7.17 -34.61
C GLY C 389 13.17 -6.58 -33.63
N SER C 390 13.12 -5.26 -33.46
CA SER C 390 14.02 -4.57 -32.55
C SER C 390 13.25 -4.05 -31.34
N PHE C 391 13.98 -3.52 -30.36
CA PHE C 391 13.37 -2.87 -29.22
C PHE C 391 13.47 -1.36 -29.38
N SER C 392 12.34 -0.68 -29.24
CA SER C 392 12.28 0.76 -29.42
C SER C 392 13.21 1.48 -28.45
N ARG C 393 13.62 2.69 -28.83
CA ARG C 393 14.53 3.48 -28.00
C ARG C 393 13.96 3.72 -26.61
N GLN C 394 12.69 4.10 -26.55
CA GLN C 394 12.05 4.42 -25.28
C GLN C 394 11.93 3.20 -24.37
N ALA C 395 11.75 2.03 -24.97
CA ALA C 395 11.71 0.78 -24.21
C ALA C 395 13.03 0.56 -23.49
N GLN C 396 14.12 0.69 -24.24
CA GLN C 396 15.46 0.56 -23.68
C GLN C 396 15.72 1.62 -22.62
N VAL C 397 15.21 2.82 -22.87
CA VAL C 397 15.34 3.93 -21.93
C VAL C 397 14.67 3.58 -20.60
N GLU C 398 13.47 3.02 -20.68
CA GLU C 398 12.73 2.64 -19.47
C GLU C 398 13.30 1.39 -18.81
N ILE C 399 14.06 0.60 -19.56
CA ILE C 399 14.73 -0.55 -18.98
C ILE C 399 15.98 -0.13 -18.22
N ILE C 400 16.73 0.80 -18.79
CA ILE C 400 17.96 1.31 -18.18
C ILE C 400 17.66 2.21 -16.98
N ASP C 401 16.74 3.15 -17.16
CA ASP C 401 16.48 4.18 -16.16
C ASP C 401 15.68 3.66 -14.97
N ASP C 402 14.73 2.77 -15.24
CA ASP C 402 13.88 2.22 -14.18
C ASP C 402 14.46 0.93 -13.60
N GLN C 403 15.63 0.55 -14.09
CA GLN C 403 16.36 -0.62 -13.60
C GLN C 403 15.58 -1.93 -13.72
N TYR C 404 15.04 -2.19 -14.91
CA TYR C 404 14.33 -3.43 -15.17
C TYR C 404 15.29 -4.58 -15.47
N PRO C 405 15.11 -5.71 -14.78
CA PRO C 405 15.93 -6.91 -15.00
C PRO C 405 15.44 -7.75 -16.18
N VAL C 406 15.68 -7.27 -17.40
CA VAL C 406 15.20 -7.98 -18.60
C VAL C 406 16.30 -8.12 -19.65
N VAL C 407 16.53 -9.36 -20.08
CA VAL C 407 17.47 -9.63 -21.17
C VAL C 407 16.78 -9.46 -22.52
N LEU C 408 17.35 -8.61 -23.37
CA LEU C 408 16.77 -8.34 -24.67
C LEU C 408 17.42 -9.16 -25.78
N ILE C 409 16.60 -9.93 -26.49
CA ILE C 409 17.09 -10.72 -27.63
C ILE C 409 16.35 -10.31 -28.90
N ALA C 410 16.96 -9.41 -29.66
CA ALA C 410 16.35 -8.90 -30.88
C ALA C 410 16.65 -9.78 -32.09
N GLY C 411 16.39 -9.25 -33.28
CA GLY C 411 16.57 -10.00 -34.51
C GLY C 411 17.98 -10.49 -34.77
N GLY C 412 18.96 -9.65 -34.44
CA GLY C 412 20.35 -10.00 -34.65
C GLY C 412 20.81 -11.15 -33.80
N THR C 413 20.62 -11.02 -32.49
CA THR C 413 20.99 -12.07 -31.53
C THR C 413 20.24 -13.35 -31.83
N LEU C 414 18.96 -13.22 -32.18
CA LEU C 414 18.12 -14.36 -32.53
C LEU C 414 18.70 -15.09 -33.73
N ALA C 415 19.00 -14.34 -34.79
CA ALA C 415 19.54 -14.91 -36.02
C ALA C 415 20.87 -15.62 -35.77
N ALA C 416 21.78 -14.93 -35.09
CA ALA C 416 23.10 -15.48 -34.79
C ALA C 416 23.01 -16.77 -33.97
N THR C 417 22.27 -16.71 -32.87
CA THR C 417 22.09 -17.88 -32.00
C THR C 417 21.43 -19.04 -32.74
N VAL C 418 20.48 -18.71 -33.61
CA VAL C 418 19.79 -19.73 -34.40
C VAL C 418 20.76 -20.41 -35.36
N ARG C 419 21.59 -19.62 -36.04
CA ARG C 419 22.59 -20.18 -36.95
C ARG C 419 23.61 -21.05 -36.21
N ARG C 420 24.03 -20.62 -35.02
CA ARG C 420 24.89 -21.44 -34.18
C ARG C 420 24.22 -22.76 -33.85
N MET C 421 22.97 -22.67 -33.40
CA MET C 421 22.19 -23.84 -33.02
C MET C 421 22.05 -24.84 -34.16
N VAL C 422 21.78 -24.34 -35.36
CA VAL C 422 21.59 -25.22 -36.50
C VAL C 422 22.93 -25.75 -37.01
N GLN C 423 24.01 -25.02 -36.74
CA GLN C 423 25.33 -25.46 -37.13
C GLN C 423 25.83 -26.60 -36.23
N ALA C 424 25.59 -26.48 -34.93
CA ALA C 424 26.07 -27.46 -33.97
C ALA C 424 25.10 -28.62 -33.72
N ASN C 425 23.88 -28.29 -33.28
CA ASN C 425 22.92 -29.32 -32.86
C ASN C 425 22.29 -30.12 -34.00
N TYR C 426 21.97 -29.47 -35.10
CA TYR C 426 21.24 -30.11 -36.19
C TYR C 426 22.15 -30.42 -37.39
N GLY C 427 23.35 -29.85 -37.38
CA GLY C 427 24.37 -30.15 -38.37
C GLY C 427 23.96 -29.99 -39.82
N GLY C 428 22.88 -29.26 -40.07
CA GLY C 428 22.40 -29.05 -41.42
C GLY C 428 21.78 -27.68 -41.60
N ASP C 429 20.81 -27.60 -42.50
CA ASP C 429 20.11 -26.35 -42.73
C ASP C 429 19.02 -26.13 -41.69
N LEU C 430 18.48 -24.92 -41.66
CA LEU C 430 17.52 -24.50 -40.64
C LEU C 430 16.25 -25.35 -40.62
N ASP C 431 15.86 -25.87 -41.77
CA ASP C 431 14.63 -26.64 -41.95
C ASP C 431 14.32 -27.60 -40.80
N ALA C 432 15.25 -28.53 -40.57
CA ALA C 432 15.11 -29.50 -39.48
C ALA C 432 14.75 -28.81 -38.17
N LEU C 433 15.55 -27.85 -37.77
CA LEU C 433 15.32 -27.10 -36.54
C LEU C 433 13.91 -26.56 -36.51
N LEU C 434 13.50 -25.94 -37.63
CA LEU C 434 12.16 -25.40 -37.75
C LEU C 434 11.10 -26.49 -37.50
N ALA C 435 11.27 -27.62 -38.18
CA ALA C 435 10.40 -28.78 -37.97
C ALA C 435 10.43 -29.19 -36.49
N SER C 436 11.61 -29.15 -35.89
CA SER C 436 11.77 -29.51 -34.48
C SER C 436 11.00 -28.56 -33.57
N THR C 437 10.82 -27.31 -34.02
CA THR C 437 10.08 -26.34 -33.23
C THR C 437 8.57 -26.56 -33.32
N VAL C 438 8.16 -27.49 -34.17
CA VAL C 438 6.74 -27.81 -34.34
C VAL C 438 6.44 -29.21 -33.80
N ASP C 439 7.32 -30.16 -34.09
CA ASP C 439 7.12 -31.56 -33.70
C ASP C 439 7.55 -31.87 -32.27
N GLU C 440 8.77 -31.48 -31.91
CA GLU C 440 9.31 -31.77 -30.58
C GLU C 440 8.48 -31.16 -29.46
N TYR C 441 8.08 -29.90 -29.64
CA TYR C 441 7.24 -29.22 -28.66
C TYR C 441 6.49 -28.05 -29.28
N GLY C 442 6.33 -26.98 -28.50
CA GLY C 442 5.55 -25.83 -28.93
C GLY C 442 4.12 -25.95 -28.45
N ALA C 443 3.76 -27.15 -28.00
CA ALA C 443 2.43 -27.41 -27.47
C ALA C 443 2.51 -27.85 -26.02
N ALA C 444 2.03 -26.99 -25.11
CA ALA C 444 2.07 -27.28 -23.70
C ALA C 444 0.97 -26.57 -22.93
N VAL C 445 -0.23 -27.15 -22.94
CA VAL C 445 -1.34 -26.61 -22.16
C VAL C 445 -1.18 -27.02 -20.70
N THR C 446 -0.09 -26.58 -20.11
CA THR C 446 0.27 -26.98 -18.75
C THR C 446 -0.45 -26.15 -17.70
N HIS C 447 -0.50 -26.68 -16.48
CA HIS C 447 -1.12 -25.99 -15.36
C HIS C 447 -0.10 -25.85 -14.23
N ARG C 448 0.91 -25.03 -14.46
CA ARG C 448 1.98 -24.88 -13.46
C ARG C 448 2.27 -23.42 -13.13
N ARG C 449 2.70 -23.20 -11.89
CA ARG C 449 3.03 -21.87 -11.40
C ARG C 449 4.50 -21.59 -11.71
N PRO C 450 4.83 -20.32 -11.99
CA PRO C 450 6.21 -19.94 -12.29
C PRO C 450 7.19 -20.32 -11.18
N GLU C 451 6.79 -20.16 -9.93
CA GLU C 451 7.65 -20.49 -8.79
C GLU C 451 7.95 -21.98 -8.69
N GLU C 452 6.99 -22.80 -9.12
CA GLU C 452 7.12 -24.26 -9.07
C GLU C 452 8.40 -24.78 -9.73
N VAL C 453 8.88 -24.04 -10.73
CA VAL C 453 10.09 -24.43 -11.46
C VAL C 453 11.31 -24.57 -10.53
N ILE C 454 11.22 -24.01 -9.33
CA ILE C 454 12.28 -24.11 -8.33
C ILE C 454 12.51 -25.55 -7.91
N SER C 455 11.45 -26.35 -7.96
CA SER C 455 11.54 -27.76 -7.57
C SER C 455 11.38 -28.69 -8.76
N LEU C 456 11.44 -28.13 -9.97
CA LEU C 456 11.30 -28.91 -11.19
C LEU C 456 12.49 -29.85 -11.38
N TRP D 10 -13.45 -65.08 1.29
CA TRP D 10 -12.64 -65.50 2.44
C TRP D 10 -11.15 -65.36 2.14
N ALA D 11 -10.62 -66.31 1.36
CA ALA D 11 -9.20 -66.31 1.02
C ALA D 11 -8.83 -65.09 0.19
N ALA D 12 -9.78 -64.60 -0.60
CA ALA D 12 -9.56 -63.41 -1.42
C ALA D 12 -9.56 -62.16 -0.56
N SER D 13 -10.50 -62.08 0.37
CA SER D 13 -10.58 -60.95 1.30
C SER D 13 -9.37 -60.94 2.22
N ALA D 14 -8.90 -62.12 2.61
CA ALA D 14 -7.72 -62.25 3.45
C ALA D 14 -6.47 -61.91 2.64
N GLU D 15 -6.51 -62.20 1.34
CA GLU D 15 -5.42 -61.83 0.44
C GLU D 15 -5.35 -60.31 0.33
N VAL D 16 -6.51 -59.68 0.32
CA VAL D 16 -6.59 -58.22 0.26
C VAL D 16 -6.07 -57.58 1.54
N ALA D 17 -6.51 -58.12 2.68
CA ALA D 17 -6.17 -57.55 3.98
C ALA D 17 -4.70 -57.74 4.37
N ASN D 18 -3.97 -58.50 3.57
CA ASN D 18 -2.55 -58.76 3.85
C ASN D 18 -1.60 -58.04 2.91
N LYS D 19 -2.15 -57.37 1.90
CA LYS D 19 -1.33 -56.62 0.94
C LYS D 19 -1.59 -55.12 1.06
N PRO D 20 -0.54 -54.36 1.39
CA PRO D 20 -0.66 -52.89 1.49
C PRO D 20 -0.95 -52.27 0.14
N ARG D 21 -1.83 -51.27 0.12
CA ARG D 21 -2.12 -50.54 -1.10
C ARG D 21 -1.79 -49.06 -0.94
N LEU D 22 -0.50 -48.74 -1.01
CA LEU D 22 -0.02 -47.38 -0.79
C LEU D 22 -0.29 -46.50 -2.01
N VAL D 23 -1.00 -45.40 -1.78
CA VAL D 23 -1.18 -44.39 -2.81
C VAL D 23 -0.55 -43.08 -2.36
N PHE D 24 0.35 -42.55 -3.17
CA PHE D 24 1.11 -41.36 -2.79
C PHE D 24 0.52 -40.10 -3.39
N VAL D 25 0.78 -38.97 -2.75
CA VAL D 25 0.27 -37.68 -3.22
C VAL D 25 0.92 -37.31 -4.55
N GLY D 26 0.12 -37.34 -5.62
CA GLY D 26 0.62 -37.01 -6.94
C GLY D 26 0.44 -38.16 -7.92
N ASP D 27 0.07 -39.33 -7.41
CA ASP D 27 -0.14 -40.49 -8.25
C ASP D 27 -1.36 -40.32 -9.14
N GLU D 28 -1.14 -40.46 -10.45
CA GLU D 28 -2.20 -40.29 -11.43
C GLU D 28 -2.99 -41.59 -11.58
N LEU D 29 -4.16 -41.63 -10.96
CA LEU D 29 -5.00 -42.82 -10.99
C LEU D 29 -5.89 -42.85 -12.23
N ARG D 30 -6.16 -44.05 -12.74
CA ARG D 30 -7.04 -44.22 -13.89
C ARG D 30 -8.50 -44.35 -13.43
N TYR D 31 -9.28 -43.31 -13.64
CA TYR D 31 -10.70 -43.37 -13.32
C TYR D 31 -11.50 -43.53 -14.62
N ALA D 32 -12.44 -44.47 -14.60
CA ALA D 32 -13.24 -44.74 -15.79
C ALA D 32 -14.60 -45.31 -15.43
N GLN D 33 -15.55 -45.17 -16.36
CA GLN D 33 -16.87 -45.75 -16.20
C GLN D 33 -16.79 -47.24 -16.47
N GLY D 34 -17.36 -48.03 -15.57
CA GLY D 34 -17.26 -49.47 -15.66
C GLY D 34 -15.94 -50.01 -15.12
N ALA D 35 -15.10 -50.51 -16.02
CA ALA D 35 -13.80 -51.08 -15.66
C ALA D 35 -13.89 -52.24 -14.67
N ASN D 36 -12.72 -52.67 -14.18
CA ASN D 36 -12.65 -53.83 -13.29
C ASN D 36 -12.02 -53.48 -11.95
N GLN D 37 -12.62 -53.97 -10.87
CA GLN D 37 -12.10 -53.75 -9.53
C GLN D 37 -10.96 -54.71 -9.23
N ARG D 38 -10.73 -55.67 -10.11
CA ARG D 38 -9.70 -56.67 -9.88
C ARG D 38 -8.35 -56.32 -10.52
N ASP D 39 -8.38 -55.68 -11.69
CA ASP D 39 -7.14 -55.30 -12.36
C ASP D 39 -6.39 -54.20 -11.62
N VAL D 40 -5.13 -54.47 -11.29
CA VAL D 40 -4.31 -53.54 -10.51
C VAL D 40 -3.93 -52.29 -11.30
N GLU D 41 -3.82 -52.43 -12.62
CA GLU D 41 -3.42 -51.32 -13.47
C GLU D 41 -4.32 -51.24 -14.70
N LEU D 42 -4.62 -50.02 -15.13
CA LEU D 42 -5.52 -49.81 -16.27
C LEU D 42 -5.06 -48.64 -17.13
N ASP D 43 -4.91 -48.90 -18.43
CA ASP D 43 -4.49 -47.89 -19.41
C ASP D 43 -3.15 -47.25 -19.05
N GLY D 44 -2.23 -48.06 -18.53
CA GLY D 44 -0.89 -47.59 -18.19
C GLY D 44 -0.86 -46.85 -16.86
N PHE D 45 -1.99 -46.82 -16.17
CA PHE D 45 -2.08 -46.13 -14.89
C PHE D 45 -2.76 -47.01 -13.84
N VAL D 46 -2.46 -46.76 -12.57
CA VAL D 46 -3.05 -47.50 -11.48
C VAL D 46 -4.56 -47.32 -11.46
N ASN D 47 -5.29 -48.43 -11.51
CA ASN D 47 -6.75 -48.39 -11.51
C ASN D 47 -7.29 -47.87 -10.17
N TYR D 48 -8.11 -46.82 -10.25
CA TYR D 48 -8.71 -46.21 -9.06
C TYR D 48 -9.65 -47.17 -8.35
N HIS D 49 -10.54 -47.80 -9.12
CA HIS D 49 -11.59 -48.65 -8.55
C HIS D 49 -11.04 -49.88 -7.84
N TRP D 50 -9.89 -50.38 -8.30
CA TRP D 50 -9.22 -51.47 -7.60
C TRP D 50 -8.56 -50.94 -6.34
N LEU D 51 -8.04 -49.73 -6.42
CA LEU D 51 -7.28 -49.12 -5.33
C LEU D 51 -8.18 -48.80 -4.14
N THR D 52 -9.39 -48.33 -4.41
CA THR D 52 -10.32 -47.99 -3.35
C THR D 52 -11.23 -49.16 -2.97
N SER D 53 -11.47 -50.06 -3.92
CA SER D 53 -12.29 -51.22 -3.67
C SER D 53 -11.76 -52.45 -4.40
N PRO D 54 -10.91 -53.24 -3.71
CA PRO D 54 -10.25 -54.41 -4.30
C PRO D 54 -11.21 -55.40 -4.95
N GLY D 55 -12.44 -55.47 -4.47
CA GLY D 55 -13.43 -56.37 -5.03
C GLY D 55 -13.43 -57.73 -4.35
N GLY D 56 -12.33 -58.04 -3.66
CA GLY D 56 -12.20 -59.29 -2.93
C GLY D 56 -12.92 -59.21 -1.60
N LEU D 57 -13.30 -57.99 -1.23
CA LEU D 57 -14.03 -57.73 -0.01
C LEU D 57 -15.52 -57.96 -0.22
N GLY D 58 -15.93 -57.98 -1.48
CA GLY D 58 -17.34 -58.14 -1.83
C GLY D 58 -18.10 -56.86 -1.55
N LEU D 59 -17.44 -55.72 -1.75
CA LEU D 59 -18.03 -54.42 -1.45
C LEU D 59 -18.22 -53.61 -2.73
N PRO D 60 -19.26 -52.76 -2.75
CA PRO D 60 -19.54 -51.87 -3.89
C PRO D 60 -18.40 -50.89 -4.14
N LYS D 61 -18.37 -50.31 -5.34
CA LYS D 61 -17.32 -49.37 -5.72
C LYS D 61 -17.41 -48.07 -4.94
N VAL D 62 -16.27 -47.43 -4.75
CA VAL D 62 -16.22 -46.10 -4.15
C VAL D 62 -16.25 -45.06 -5.28
N MET D 63 -17.45 -44.58 -5.60
CA MET D 63 -17.63 -43.68 -6.73
C MET D 63 -16.90 -42.35 -6.53
N LEU D 64 -16.26 -41.87 -7.59
CA LEU D 64 -15.56 -40.60 -7.55
C LEU D 64 -16.06 -39.68 -8.64
N GLU D 65 -17.23 -39.08 -8.42
CA GLU D 65 -17.80 -38.13 -9.36
C GLU D 65 -17.29 -36.73 -9.06
N ALA D 66 -17.71 -35.77 -9.87
CA ALA D 66 -17.33 -34.37 -9.66
C ALA D 66 -17.96 -33.86 -8.36
N GLY D 67 -17.11 -33.41 -7.44
CA GLY D 67 -17.60 -32.90 -6.17
C GLY D 67 -17.46 -33.91 -5.04
N ILE D 68 -18.45 -33.93 -4.16
CA ILE D 68 -18.40 -34.77 -2.97
C ILE D 68 -19.04 -36.13 -3.21
N ASN D 69 -18.37 -37.20 -2.77
CA ASN D 69 -18.89 -38.55 -2.90
C ASN D 69 -18.73 -39.33 -1.59
N ALA D 70 -19.60 -40.31 -1.39
CA ALA D 70 -19.52 -41.19 -0.23
C ALA D 70 -20.38 -42.44 -0.44
N PRO D 71 -19.82 -43.62 -0.14
CA PRO D 71 -20.57 -44.86 -0.23
C PRO D 71 -21.60 -44.98 0.89
N ALA D 72 -22.37 -46.06 0.90
CA ALA D 72 -23.39 -46.27 1.92
C ALA D 72 -22.77 -46.38 3.31
N GLU D 73 -23.56 -46.04 4.33
CA GLU D 73 -23.09 -46.08 5.71
C GLU D 73 -22.76 -47.51 6.15
N VAL D 74 -21.68 -47.65 6.89
CA VAL D 74 -21.26 -48.95 7.40
C VAL D 74 -21.91 -49.22 8.75
N VAL D 75 -22.77 -50.23 8.80
CA VAL D 75 -23.45 -50.59 10.03
C VAL D 75 -22.64 -51.58 10.85
N GLY D 76 -21.83 -51.05 11.77
CA GLY D 76 -21.03 -51.89 12.64
C GLY D 76 -21.89 -52.58 13.68
N PRO D 77 -21.30 -53.52 14.44
CA PRO D 77 -22.08 -54.31 15.41
C PRO D 77 -22.68 -53.47 16.53
N ASP D 78 -21.99 -52.41 16.94
CA ASP D 78 -22.45 -51.58 18.04
C ASP D 78 -22.97 -50.24 17.53
N ARG D 79 -22.26 -49.67 16.55
CA ARG D 79 -22.63 -48.36 16.01
C ARG D 79 -22.40 -48.31 14.50
N SER D 80 -23.03 -47.32 13.86
CA SER D 80 -22.87 -47.14 12.41
C SER D 80 -22.05 -45.89 12.11
N ARG D 81 -21.40 -45.89 10.95
CA ARG D 81 -20.49 -44.81 10.58
C ARG D 81 -20.40 -44.60 9.07
N ARG D 82 -19.86 -43.46 8.67
CA ARG D 82 -19.53 -43.20 7.27
C ARG D 82 -18.08 -43.60 7.04
N ALA D 83 -17.87 -44.46 6.04
CA ALA D 83 -16.53 -44.99 5.77
C ALA D 83 -15.54 -43.90 5.42
N LEU D 84 -15.85 -43.12 4.38
CA LEU D 84 -14.96 -42.06 3.93
C LEU D 84 -15.71 -41.03 3.09
N ILE D 85 -15.01 -39.97 2.72
CA ILE D 85 -15.55 -39.02 1.75
C ILE D 85 -14.58 -38.83 0.59
N ALA D 86 -14.97 -39.29 -0.58
CA ALA D 86 -14.14 -39.15 -1.77
C ALA D 86 -14.50 -37.87 -2.51
N ILE D 87 -13.62 -36.88 -2.42
CA ILE D 87 -13.85 -35.59 -3.06
C ILE D 87 -13.02 -35.46 -4.33
N ARG D 88 -13.65 -35.06 -5.43
CA ARG D 88 -12.92 -34.84 -6.68
C ARG D 88 -13.10 -33.41 -7.20
N SER D 89 -11.99 -32.69 -7.32
CA SER D 89 -11.99 -31.35 -7.88
C SER D 89 -11.66 -31.40 -9.36
N SER D 90 -12.38 -30.60 -10.14
CA SER D 90 -12.23 -30.61 -11.60
C SER D 90 -11.29 -29.54 -12.20
N PRO D 91 -11.48 -28.26 -11.84
CA PRO D 91 -10.72 -27.23 -12.56
C PRO D 91 -9.21 -27.26 -12.31
N TRP D 92 -8.46 -27.12 -13.40
CA TRP D 92 -7.01 -26.99 -13.34
C TRP D 92 -6.60 -25.75 -14.13
N LYS D 93 -7.09 -24.59 -13.68
CA LYS D 93 -6.94 -23.34 -14.42
C LYS D 93 -5.51 -22.87 -14.56
N ALA D 94 -4.86 -22.61 -13.42
CA ALA D 94 -3.52 -22.02 -13.37
C ALA D 94 -3.47 -20.69 -14.12
N GLY D 95 -4.49 -19.87 -13.92
CA GLY D 95 -4.56 -18.56 -14.55
C GLY D 95 -5.55 -18.50 -15.70
N HIS D 96 -5.88 -19.66 -16.24
CA HIS D 96 -6.80 -19.75 -17.38
C HIS D 96 -8.23 -19.37 -16.98
N GLU D 97 -8.69 -19.90 -15.85
CA GLU D 97 -10.02 -19.59 -15.34
C GLU D 97 -9.93 -18.82 -14.03
N THR D 98 -10.55 -17.64 -13.99
CA THR D 98 -10.50 -16.78 -12.82
C THR D 98 -11.82 -16.77 -12.06
N ASN D 99 -11.79 -17.22 -10.81
CA ASN D 99 -12.97 -17.24 -9.96
C ASN D 99 -12.59 -17.33 -8.48
N PRO D 100 -13.19 -16.47 -7.65
CA PRO D 100 -12.88 -16.43 -6.21
C PRO D 100 -13.41 -17.66 -5.46
N TRP D 101 -14.35 -18.38 -6.09
CA TRP D 101 -14.95 -19.55 -5.46
C TRP D 101 -14.25 -20.84 -5.90
N HIS D 102 -13.13 -20.70 -6.60
CA HIS D 102 -12.39 -21.88 -7.08
C HIS D 102 -11.66 -22.56 -5.94
N ASP D 103 -11.53 -23.89 -6.03
CA ASP D 103 -10.82 -24.65 -5.02
C ASP D 103 -9.35 -24.25 -4.99
N GLU D 104 -8.83 -23.98 -3.80
CA GLU D 104 -7.45 -23.53 -3.65
C GLU D 104 -6.59 -24.61 -3.00
N PHE D 105 -5.68 -25.18 -3.78
CA PHE D 105 -4.82 -26.25 -3.31
C PHE D 105 -3.42 -25.78 -2.95
N ASP D 106 -3.06 -25.94 -1.69
CA ASP D 106 -1.70 -25.65 -1.21
C ASP D 106 -1.20 -26.85 -0.42
N LEU D 107 -0.84 -27.90 -1.13
CA LEU D 107 -0.49 -29.19 -0.51
C LEU D 107 0.87 -29.17 0.19
N ASP D 108 1.74 -28.25 -0.22
CA ASP D 108 3.07 -28.13 0.39
C ASP D 108 2.96 -27.69 1.84
N HIS D 109 1.95 -26.88 2.14
CA HIS D 109 1.71 -26.45 3.51
C HIS D 109 0.49 -27.17 4.10
N GLY D 110 0.06 -28.23 3.41
CA GLY D 110 -1.02 -29.08 3.89
C GLY D 110 -2.33 -28.34 4.13
N HIS D 111 -2.71 -27.50 3.18
CA HIS D 111 -3.96 -26.75 3.30
C HIS D 111 -4.73 -26.72 1.99
N VAL D 112 -6.03 -26.99 2.06
CA VAL D 112 -6.89 -26.92 0.88
C VAL D 112 -8.16 -26.15 1.18
N ARG D 113 -8.50 -25.20 0.31
CA ARG D 113 -9.75 -24.48 0.44
C ARG D 113 -10.76 -25.06 -0.54
N TYR D 114 -11.75 -25.79 -0.02
CA TYR D 114 -12.72 -26.46 -0.88
C TYR D 114 -14.08 -25.75 -0.88
N PHE D 115 -14.86 -25.93 -1.93
CA PHE D 115 -16.18 -25.31 -2.01
C PHE D 115 -17.30 -26.31 -2.27
N GLY D 116 -18.45 -26.08 -1.67
CA GLY D 116 -19.57 -26.99 -1.73
C GLY D 116 -20.14 -27.24 -3.11
N ASP D 117 -21.13 -28.13 -3.19
CA ASP D 117 -21.72 -28.49 -4.46
C ASP D 117 -23.08 -27.83 -4.71
N HIS D 118 -23.36 -26.76 -3.96
CA HIS D 118 -24.59 -26.02 -4.16
C HIS D 118 -24.49 -25.23 -5.46
N LYS D 119 -25.50 -25.40 -6.32
CA LYS D 119 -25.46 -24.82 -7.66
C LYS D 119 -26.43 -23.65 -7.79
N PRO D 120 -26.21 -22.78 -8.80
CA PRO D 120 -27.11 -21.64 -9.05
C PRO D 120 -28.56 -22.09 -9.29
N SER D 121 -28.75 -23.30 -9.79
CA SER D 121 -30.08 -23.81 -10.10
C SER D 121 -30.66 -24.66 -8.97
N THR D 122 -29.95 -24.72 -7.84
CA THR D 122 -30.41 -25.50 -6.70
C THR D 122 -31.62 -24.83 -6.03
N VAL D 123 -32.67 -25.60 -5.81
CA VAL D 123 -33.91 -25.06 -5.25
C VAL D 123 -33.87 -25.03 -3.73
N GLY D 124 -33.33 -26.08 -3.13
CA GLY D 124 -33.28 -26.19 -1.68
C GLY D 124 -32.31 -25.23 -1.01
N LEU D 125 -32.34 -25.20 0.32
CA LEU D 125 -31.44 -24.37 1.10
C LEU D 125 -30.21 -25.20 1.46
N PRO D 126 -29.04 -24.55 1.50
CA PRO D 126 -27.80 -25.25 1.83
C PRO D 126 -27.76 -25.76 3.27
N GLY D 127 -27.29 -26.99 3.42
CA GLY D 127 -27.08 -27.81 2.25
C GLY D 127 -28.04 -28.97 2.25
N GLU D 128 -29.03 -28.91 1.37
CA GLU D 128 -29.95 -30.03 1.19
C GLU D 128 -29.44 -30.88 0.04
N THR D 129 -28.39 -30.39 -0.61
CA THR D 129 -27.72 -31.18 -1.63
C THR D 129 -26.97 -32.32 -0.95
N LYS D 130 -26.80 -33.43 -1.65
CA LYS D 130 -26.16 -34.62 -1.09
C LYS D 130 -24.74 -34.33 -0.62
N GLY D 131 -23.97 -33.66 -1.48
CA GLY D 131 -22.60 -33.29 -1.16
C GLY D 131 -22.47 -32.48 0.11
N ASN D 132 -23.17 -31.34 0.17
CA ASN D 132 -23.12 -30.48 1.33
C ASN D 132 -23.70 -31.11 2.59
N ARG D 133 -24.65 -32.01 2.42
CA ARG D 133 -25.21 -32.76 3.53
C ARG D 133 -24.13 -33.67 4.12
N LEU D 134 -23.43 -34.38 3.24
CA LEU D 134 -22.31 -35.21 3.64
C LEU D 134 -21.24 -34.38 4.34
N LEU D 135 -20.98 -33.19 3.80
CA LEU D 135 -19.97 -32.30 4.35
C LEU D 135 -20.33 -31.78 5.74
N LEU D 136 -21.62 -31.53 5.96
CA LEU D 136 -22.10 -31.12 7.27
C LEU D 136 -21.98 -32.26 8.27
N GLU D 137 -22.50 -33.41 7.87
CA GLU D 137 -22.42 -34.63 8.68
C GLU D 137 -20.99 -34.90 9.13
N ALA D 138 -20.06 -34.80 8.19
CA ALA D 138 -18.65 -35.03 8.47
C ALA D 138 -18.09 -33.93 9.37
N ALA D 139 -18.41 -32.68 9.05
CA ALA D 139 -17.88 -31.54 9.79
C ALA D 139 -18.28 -31.59 11.26
N ARG D 140 -19.48 -32.10 11.53
CA ARG D 140 -19.93 -32.25 12.92
C ARG D 140 -19.06 -33.21 13.70
N LEU D 141 -18.48 -34.19 13.01
CA LEU D 141 -17.66 -35.21 13.65
C LEU D 141 -16.19 -34.79 13.73
N HIS D 142 -15.73 -34.07 12.71
CA HIS D 142 -14.35 -33.58 12.67
C HIS D 142 -14.11 -32.52 13.75
N ALA D 143 -15.19 -31.88 14.19
CA ALA D 143 -15.09 -30.84 15.22
C ALA D 143 -15.41 -31.39 16.60
N GLY D 144 -15.55 -32.71 16.70
CA GLY D 144 -15.86 -33.36 17.95
C GLY D 144 -14.80 -33.12 19.00
N THR D 145 -15.24 -32.94 20.25
CA THR D 145 -14.33 -32.67 21.36
C THR D 145 -13.96 -33.96 22.09
N THR D 146 -14.59 -35.06 21.67
CA THR D 146 -14.32 -36.36 22.27
C THR D 146 -13.68 -37.32 21.28
N ARG D 147 -12.98 -38.32 21.79
CA ARG D 147 -12.32 -39.31 20.95
C ARG D 147 -13.34 -40.18 20.21
N GLU D 148 -14.49 -40.41 20.84
CA GLU D 148 -15.52 -41.26 20.25
C GLU D 148 -16.14 -40.63 19.01
N GLU D 149 -16.24 -39.30 19.02
CA GLU D 149 -16.80 -38.58 17.89
C GLU D 149 -15.80 -38.46 16.74
N ARG D 150 -14.52 -38.35 17.08
CA ARG D 150 -13.46 -38.26 16.07
C ARG D 150 -13.15 -39.63 15.46
N LEU D 151 -13.46 -40.69 16.20
CA LEU D 151 -13.28 -42.05 15.70
C LEU D 151 -14.25 -42.34 14.56
N LEU D 152 -15.44 -41.79 14.66
CA LEU D 152 -16.47 -41.99 13.63
C LEU D 152 -16.26 -41.05 12.46
N ALA D 153 -15.49 -39.98 12.68
CA ALA D 153 -15.28 -38.95 11.67
C ALA D 153 -14.66 -39.51 10.40
N PRO D 154 -15.39 -39.38 9.28
CA PRO D 154 -14.91 -39.87 7.98
C PRO D 154 -13.80 -38.99 7.43
N PRO D 155 -12.69 -39.61 6.98
CA PRO D 155 -11.59 -38.87 6.37
C PRO D 155 -11.98 -38.29 5.02
N LEU D 156 -11.38 -37.16 4.65
CA LEU D 156 -11.66 -36.57 3.35
C LEU D 156 -10.55 -36.86 2.35
N PHE D 157 -10.71 -37.94 1.59
CA PHE D 157 -9.74 -38.29 0.55
C PHE D 157 -9.90 -37.38 -0.66
N LEU D 158 -8.81 -36.69 -1.00
CA LEU D 158 -8.85 -35.67 -2.05
C LEU D 158 -8.27 -36.17 -3.36
N PHE D 159 -8.97 -35.83 -4.45
CA PHE D 159 -8.54 -36.18 -5.80
C PHE D 159 -8.79 -34.99 -6.71
N ARG D 160 -8.04 -34.92 -7.80
CA ARG D 160 -8.19 -33.81 -8.74
C ARG D 160 -7.97 -34.26 -10.19
N ALA D 161 -8.55 -33.52 -11.13
CA ALA D 161 -8.34 -33.79 -12.54
C ALA D 161 -6.94 -33.35 -12.95
N VAL D 162 -6.14 -34.32 -13.39
CA VAL D 162 -4.74 -34.03 -13.73
C VAL D 162 -4.46 -34.21 -15.22
N THR D 163 -3.28 -33.75 -15.64
CA THR D 163 -2.83 -33.91 -17.02
C THR D 163 -1.51 -34.66 -17.06
N VAL D 164 -1.46 -35.71 -17.87
CA VAL D 164 -0.26 -36.55 -17.96
C VAL D 164 -0.13 -37.25 -19.30
N HIS D 165 1.02 -37.04 -19.95
CA HIS D 165 1.31 -37.67 -21.22
C HIS D 165 2.50 -38.63 -21.09
N ARG D 166 2.21 -39.90 -20.90
CA ARG D 166 3.26 -40.91 -20.73
C ARG D 166 3.97 -41.20 -22.04
N ALA D 167 3.20 -41.30 -23.12
CA ALA D 167 3.77 -41.55 -24.45
C ALA D 167 4.06 -40.23 -25.17
N GLY D 168 3.79 -39.12 -24.48
CA GLY D 168 4.03 -37.80 -25.04
C GLY D 168 2.84 -37.30 -25.84
N ARG D 169 1.64 -37.74 -25.46
CA ARG D 169 0.42 -37.33 -26.14
C ARG D 169 -0.81 -37.59 -25.28
N ALA D 170 -1.88 -36.83 -25.56
CA ALA D 170 -3.18 -36.99 -24.90
C ALA D 170 -3.09 -36.91 -23.37
N VAL D 171 -2.54 -35.80 -22.89
CA VAL D 171 -2.37 -35.59 -21.45
C VAL D 171 -3.69 -35.24 -20.76
N VAL D 172 -4.52 -34.48 -21.47
CA VAL D 172 -5.80 -34.04 -20.93
C VAL D 172 -6.79 -35.18 -20.67
N LYS D 173 -7.59 -35.02 -19.62
CA LYS D 173 -8.65 -35.97 -19.24
C LYS D 173 -8.16 -37.41 -18.95
N GLY D 174 -9.12 -38.28 -18.65
CA GLY D 174 -8.86 -39.68 -18.39
C GLY D 174 -8.04 -39.99 -17.15
N HIS D 175 -7.88 -39.00 -16.27
CA HIS D 175 -7.06 -39.19 -15.07
C HIS D 175 -7.61 -38.49 -13.83
N VAL D 176 -7.25 -39.03 -12.67
CA VAL D 176 -7.47 -38.35 -11.40
C VAL D 176 -6.18 -38.43 -10.60
N GLU D 177 -5.97 -37.49 -9.70
CA GLU D 177 -4.72 -37.44 -8.94
C GLU D 177 -4.95 -37.37 -7.45
N PHE D 178 -4.37 -38.31 -6.72
CA PHE D 178 -4.50 -38.36 -5.26
C PHE D 178 -3.83 -37.17 -4.61
N CYS D 179 -4.55 -36.51 -3.70
CA CYS D 179 -4.05 -35.29 -3.06
C CYS D 179 -3.97 -35.41 -1.55
N GLY D 180 -4.20 -36.61 -1.02
CA GLY D 180 -4.04 -36.88 0.39
C GLY D 180 -5.33 -37.01 1.17
N ALA D 181 -5.20 -37.37 2.44
CA ALA D 181 -6.33 -37.47 3.35
C ALA D 181 -6.41 -36.19 4.19
N ALA D 182 -7.62 -35.68 4.36
CA ALA D 182 -7.80 -34.38 5.00
C ALA D 182 -8.82 -34.38 6.15
N ILE D 183 -8.55 -33.51 7.12
CA ILE D 183 -9.45 -33.23 8.23
C ILE D 183 -10.14 -31.89 7.99
N ILE D 184 -11.43 -31.82 8.32
CA ILE D 184 -12.16 -30.57 8.26
C ILE D 184 -11.85 -29.73 9.50
N GLU D 185 -11.18 -28.60 9.32
CA GLU D 185 -10.84 -27.76 10.46
C GLU D 185 -11.74 -26.53 10.56
N ARG D 186 -12.53 -26.28 9.51
CA ARG D 186 -13.45 -25.15 9.50
C ARG D 186 -14.49 -25.29 8.39
N LEU D 187 -15.75 -25.09 8.73
CA LEU D 187 -16.83 -25.05 7.75
C LEU D 187 -17.49 -23.68 7.77
N GLU D 188 -17.65 -23.09 6.59
CA GLU D 188 -18.27 -21.78 6.49
C GLU D 188 -19.38 -21.75 5.44
N HIS D 189 -20.39 -20.92 5.68
CA HIS D 189 -21.41 -20.65 4.68
C HIS D 189 -20.96 -19.46 3.84
N VAL D 190 -20.95 -19.63 2.52
CA VAL D 190 -20.54 -18.54 1.64
C VAL D 190 -21.63 -18.18 0.64
N VAL D 191 -21.51 -16.99 0.06
CA VAL D 191 -22.42 -16.56 -0.99
C VAL D 191 -21.62 -16.32 -2.26
N GLN D 192 -22.10 -16.89 -3.36
CA GLN D 192 -21.42 -16.76 -4.64
C GLN D 192 -22.37 -16.19 -5.68
N ARG D 193 -21.81 -15.53 -6.69
CA ARG D 193 -22.62 -15.05 -7.81
C ARG D 193 -22.25 -15.76 -9.11
N ASP D 194 -23.25 -16.37 -9.74
CA ASP D 194 -23.06 -17.01 -11.03
C ASP D 194 -22.77 -15.95 -12.08
N PRO D 195 -21.55 -15.98 -12.64
CA PRO D 195 -21.11 -14.96 -13.61
C PRO D 195 -21.92 -14.99 -14.90
N GLU D 196 -22.60 -16.11 -15.16
CA GLU D 196 -23.38 -16.26 -16.38
C GLU D 196 -24.74 -15.58 -16.28
N THR D 197 -25.43 -15.78 -15.16
CA THR D 197 -26.78 -15.25 -14.98
C THR D 197 -26.85 -14.10 -13.99
N GLY D 198 -25.75 -13.85 -13.28
CA GLY D 198 -25.70 -12.78 -12.29
C GLY D 198 -26.52 -13.12 -11.05
N ARG D 199 -26.75 -14.40 -10.83
CA ARG D 199 -27.57 -14.84 -9.70
C ARG D 199 -26.71 -15.12 -8.47
N SER D 200 -27.12 -14.56 -7.33
CA SER D 200 -26.44 -14.79 -6.07
C SER D 200 -27.03 -16.01 -5.35
N PHE D 201 -26.19 -17.02 -5.13
CA PHE D 201 -26.63 -18.23 -4.45
C PHE D 201 -25.67 -18.57 -3.30
N PRO D 202 -26.23 -19.13 -2.21
CA PRO D 202 -25.43 -19.52 -1.05
C PRO D 202 -24.73 -20.86 -1.25
N ASN D 203 -23.61 -21.05 -0.56
CA ASN D 203 -22.84 -22.28 -0.70
C ASN D 203 -22.02 -22.55 0.56
N LEU D 204 -21.43 -23.75 0.64
CA LEU D 204 -20.57 -24.11 1.75
C LEU D 204 -19.12 -24.07 1.33
N SER D 205 -18.24 -23.85 2.30
CA SER D 205 -16.81 -23.81 2.05
C SER D 205 -16.06 -24.44 3.21
N LEU D 206 -14.96 -25.09 2.89
CA LEU D 206 -14.25 -25.92 3.86
C LEU D 206 -12.75 -25.61 3.91
N ASP D 207 -12.24 -25.44 5.13
CA ASP D 207 -10.81 -25.42 5.36
C ASP D 207 -10.33 -26.83 5.69
N LEU D 208 -9.49 -27.38 4.80
CA LEU D 208 -9.04 -28.75 4.94
C LEU D 208 -7.55 -28.83 5.28
N ALA D 209 -7.24 -29.58 6.33
CA ALA D 209 -5.86 -29.84 6.71
C ALA D 209 -5.45 -31.24 6.30
N VAL D 210 -4.55 -31.32 5.33
CA VAL D 210 -4.05 -32.61 4.85
C VAL D 210 -2.99 -33.14 5.80
N VAL D 211 -3.27 -34.31 6.37
CA VAL D 211 -2.36 -34.92 7.33
C VAL D 211 -1.08 -35.43 6.67
N SER D 212 -0.03 -35.57 7.47
CA SER D 212 1.24 -36.09 6.98
C SER D 212 1.16 -37.60 6.81
N GLY D 213 1.95 -38.12 5.87
CA GLY D 213 2.02 -39.56 5.67
C GLY D 213 2.98 -40.19 6.66
N GLY D 214 3.78 -39.35 7.31
CA GLY D 214 4.74 -39.80 8.30
C GLY D 214 6.04 -40.28 7.68
N GLU D 215 6.25 -41.60 7.72
CA GLU D 215 7.45 -42.20 7.16
C GLU D 215 7.52 -42.00 5.65
N ILE D 216 6.38 -42.18 4.99
CA ILE D 216 6.29 -41.97 3.55
C ILE D 216 5.34 -40.81 3.25
N ASP D 217 5.15 -40.50 1.98
CA ASP D 217 4.28 -39.42 1.57
C ASP D 217 2.94 -39.97 1.08
N GLY D 218 2.68 -41.23 1.38
CA GLY D 218 1.47 -41.89 0.91
C GLY D 218 0.52 -42.33 2.00
N VAL D 219 -0.56 -42.98 1.58
CA VAL D 219 -1.57 -43.51 2.49
C VAL D 219 -1.92 -44.93 2.07
N ASP D 220 -1.97 -45.84 3.05
CA ASP D 220 -2.41 -47.21 2.80
C ASP D 220 -3.93 -47.26 2.72
N PHE D 221 -4.44 -47.65 1.55
CA PHE D 221 -5.89 -47.69 1.33
C PHE D 221 -6.57 -48.88 1.99
N ARG D 222 -5.81 -49.69 2.71
CA ARG D 222 -6.38 -50.76 3.52
C ARG D 222 -7.18 -50.15 4.67
N TRP D 223 -6.84 -48.91 5.01
CA TRP D 223 -7.56 -48.13 6.01
C TRP D 223 -9.03 -48.01 5.62
N ILE D 224 -9.27 -47.70 4.34
CA ILE D 224 -10.62 -47.61 3.81
C ILE D 224 -11.34 -48.94 3.92
N ASP D 225 -10.63 -50.02 3.60
CA ASP D 225 -11.18 -51.37 3.71
C ASP D 225 -11.61 -51.66 5.14
N ASP D 226 -10.79 -51.24 6.10
CA ASP D 226 -11.10 -51.42 7.51
C ASP D 226 -12.32 -50.60 7.92
N ARG D 227 -12.41 -49.37 7.42
CA ARG D 227 -13.55 -48.52 7.73
C ARG D 227 -14.83 -48.98 7.05
N ARG D 228 -14.69 -49.73 5.96
CA ARG D 228 -15.84 -50.27 5.25
C ARG D 228 -16.24 -51.64 5.79
N ASN D 229 -15.47 -52.14 6.76
CA ASN D 229 -15.72 -53.46 7.33
C ASN D 229 -16.76 -53.41 8.45
N ALA D 230 -17.94 -53.96 8.18
CA ALA D 230 -19.06 -53.90 9.12
C ALA D 230 -18.83 -54.75 10.37
N ALA D 231 -17.90 -55.70 10.27
CA ALA D 231 -17.58 -56.56 11.41
C ALA D 231 -16.67 -55.84 12.40
N LEU D 232 -16.07 -54.74 11.95
CA LEU D 232 -15.14 -53.98 12.77
C LEU D 232 -15.78 -52.73 13.37
N ALA D 233 -15.56 -52.51 14.66
CA ALA D 233 -15.96 -51.27 15.29
C ALA D 233 -14.97 -50.18 14.90
N ALA D 234 -15.30 -48.93 15.20
CA ALA D 234 -14.47 -47.80 14.79
C ALA D 234 -13.07 -47.85 15.39
N GLY D 235 -12.97 -48.34 16.62
CA GLY D 235 -11.70 -48.41 17.33
C GLY D 235 -10.70 -49.36 16.71
N GLU D 236 -11.20 -50.36 15.98
CA GLU D 236 -10.34 -51.36 15.37
C GLU D 236 -10.10 -51.11 13.89
N THR D 237 -10.18 -49.84 13.49
CA THR D 237 -9.98 -49.46 12.09
C THR D 237 -8.79 -48.54 11.88
N LEU D 238 -7.93 -48.46 12.90
CA LEU D 238 -6.78 -47.55 12.84
C LEU D 238 -5.43 -48.25 12.71
N ARG D 239 -5.45 -49.51 12.29
CA ARG D 239 -4.22 -50.28 12.12
C ARG D 239 -3.35 -49.70 11.01
N HIS D 240 -3.96 -49.42 9.87
CA HIS D 240 -3.22 -48.98 8.69
C HIS D 240 -3.39 -47.48 8.45
N ALA D 241 -4.05 -46.81 9.37
CA ALA D 241 -4.23 -45.37 9.29
C ALA D 241 -2.92 -44.64 9.62
N PRO D 242 -2.72 -43.45 9.04
CA PRO D 242 -1.54 -42.64 9.35
C PRO D 242 -1.44 -42.33 10.83
N GLU D 243 -0.22 -42.34 11.37
CA GLU D 243 0.00 -42.06 12.79
C GLU D 243 -0.49 -40.66 13.15
N SER D 244 -0.38 -39.75 12.19
CA SER D 244 -0.88 -38.39 12.35
C SER D 244 -2.38 -38.38 12.60
N TRP D 245 -3.11 -39.16 11.81
CA TRP D 245 -4.55 -39.22 11.92
C TRP D 245 -4.98 -39.79 13.27
N ILE D 246 -4.31 -40.85 13.71
CA ILE D 246 -4.57 -41.45 15.01
C ILE D 246 -4.30 -40.43 16.11
N ARG D 247 -3.21 -39.68 15.94
CA ARG D 247 -2.85 -38.64 16.89
C ARG D 247 -3.92 -37.56 16.96
N TRP D 248 -4.56 -37.28 15.83
CA TRP D 248 -5.68 -36.33 15.82
C TRP D 248 -6.91 -36.91 16.51
N VAL D 249 -7.15 -38.20 16.29
CA VAL D 249 -8.27 -38.89 16.91
C VAL D 249 -8.12 -38.87 18.43
N ARG D 250 -6.89 -39.00 18.90
CA ARG D 250 -6.64 -39.08 20.33
C ARG D 250 -6.48 -37.73 21.03
N GLN D 251 -5.86 -36.76 20.36
CA GLN D 251 -5.54 -35.49 20.99
C GLN D 251 -6.46 -34.34 20.55
N GLY D 252 -6.93 -34.40 19.30
CA GLY D 252 -7.88 -33.42 18.81
C GLY D 252 -7.29 -32.30 17.97
N ARG D 253 -7.97 -31.15 18.00
CA ARG D 253 -7.58 -29.97 17.22
C ARG D 253 -6.15 -29.50 17.54
N LEU D 254 -5.79 -29.57 18.82
CA LEU D 254 -4.47 -29.15 19.28
C LEU D 254 -3.34 -29.95 18.65
N ALA D 255 -3.68 -31.15 18.17
CA ALA D 255 -2.69 -32.02 17.54
C ALA D 255 -2.50 -31.69 16.06
N ILE D 256 -3.40 -30.87 15.52
CA ILE D 256 -3.35 -30.52 14.09
C ILE D 256 -2.07 -29.80 13.61
N PRO D 257 -1.61 -28.77 14.33
CA PRO D 257 -0.41 -28.05 13.84
C PRO D 257 0.83 -28.93 13.68
N GLY D 258 0.90 -30.03 14.43
CA GLY D 258 2.05 -30.91 14.38
C GLY D 258 1.92 -32.06 13.38
N ILE D 259 0.69 -32.41 13.04
CA ILE D 259 0.45 -33.53 12.12
C ILE D 259 0.26 -33.06 10.69
N ARG D 260 0.26 -31.76 10.48
CA ARG D 260 0.03 -31.18 9.16
C ARG D 260 1.19 -31.48 8.21
N ARG D 261 0.87 -31.82 6.97
CA ARG D 261 1.87 -32.11 5.95
C ARG D 261 2.71 -30.88 5.64
N ARG D 262 4.00 -31.08 5.45
CA ARG D 262 4.93 -29.99 5.14
C ARG D 262 5.94 -30.42 4.07
N VAL D 263 5.92 -29.74 2.94
CA VAL D 263 6.82 -30.07 1.84
C VAL D 263 7.65 -28.87 1.41
N LEU D 264 8.97 -29.02 1.43
CA LEU D 264 9.89 -27.98 0.99
C LEU D 264 10.38 -28.28 -0.43
N ALA D 265 10.57 -27.24 -1.23
CA ALA D 265 10.99 -27.38 -2.61
C ALA D 265 12.40 -27.95 -2.74
N SER D 266 13.34 -27.39 -2.00
CA SER D 266 14.71 -27.87 -2.01
C SER D 266 15.12 -28.43 -0.65
N ALA D 267 16.26 -29.10 -0.61
CA ALA D 267 16.73 -29.75 0.61
C ALA D 267 17.35 -28.75 1.60
N VAL D 268 17.22 -29.07 2.88
CA VAL D 268 17.80 -28.25 3.95
C VAL D 268 19.01 -28.96 4.56
N GLN D 269 20.13 -28.24 4.64
CA GLN D 269 21.35 -28.80 5.21
C GLN D 269 21.50 -28.40 6.67
N SER D 270 21.83 -29.36 7.53
CA SER D 270 22.04 -29.08 8.93
C SER D 270 23.43 -28.51 9.17
N SER D 271 23.80 -28.37 10.45
CA SER D 271 25.07 -27.77 10.82
C SER D 271 26.27 -28.57 10.28
N LYS D 272 26.20 -29.88 10.41
CA LYS D 272 27.29 -30.76 10.00
C LYS D 272 27.59 -30.67 8.51
N GLU D 273 26.55 -30.55 7.69
CA GLU D 273 26.71 -30.47 6.24
C GLU D 273 27.28 -29.13 5.82
N GLN D 274 27.03 -28.09 6.61
CA GLN D 274 27.50 -26.75 6.30
C GLN D 274 28.93 -26.51 6.79
N GLN D 275 29.34 -27.31 7.77
CA GLN D 275 30.68 -27.21 8.32
C GLN D 275 31.59 -28.24 7.68
N PRO D 276 32.89 -27.92 7.55
CA PRO D 276 33.84 -28.90 7.03
C PRO D 276 34.03 -30.06 8.01
N ALA D 277 34.71 -31.11 7.58
CA ALA D 277 34.91 -32.29 8.42
C ALA D 277 35.66 -31.96 9.71
N SER D 278 35.51 -32.82 10.71
CA SER D 278 36.02 -32.56 12.06
C SER D 278 37.54 -32.38 12.13
N GLY D 279 38.28 -33.39 11.69
CA GLY D 279 39.74 -33.36 11.80
C GLY D 279 40.44 -32.92 10.53
N SER D 280 39.73 -32.22 9.66
CA SER D 280 40.30 -31.77 8.40
C SER D 280 41.18 -30.53 8.54
N ALA D 281 41.97 -30.26 7.52
CA ALA D 281 42.79 -29.06 7.48
C ALA D 281 41.92 -27.84 7.21
N GLU D 282 40.77 -28.09 6.59
CA GLU D 282 39.80 -27.03 6.31
C GLU D 282 39.14 -26.56 7.61
N ALA D 283 39.05 -27.47 8.58
CA ALA D 283 38.49 -27.14 9.88
C ALA D 283 39.45 -26.24 10.66
N ALA D 284 40.73 -26.62 10.65
CA ALA D 284 41.77 -25.83 11.30
C ALA D 284 41.89 -24.46 10.63
N THR D 285 41.78 -24.46 9.30
CA THR D 285 41.83 -23.22 8.53
C THR D 285 40.66 -22.31 8.90
N LEU D 286 39.47 -22.91 8.99
CA LEU D 286 38.27 -22.17 9.38
C LEU D 286 38.42 -21.59 10.78
N GLN D 287 39.02 -22.36 11.68
CA GLN D 287 39.24 -21.90 13.04
C GLN D 287 40.26 -20.76 13.10
N THR D 288 41.28 -20.83 12.25
CA THR D 288 42.27 -19.75 12.18
C THR D 288 41.62 -18.47 11.63
N LEU D 289 40.75 -18.64 10.63
CA LEU D 289 40.00 -17.53 10.07
C LEU D 289 39.11 -16.89 11.12
N TYR D 290 38.46 -17.73 11.92
CA TYR D 290 37.60 -17.25 12.99
C TYR D 290 38.39 -16.51 14.07
N LYS D 291 39.58 -17.02 14.38
CA LYS D 291 40.45 -16.41 15.38
C LYS D 291 41.04 -15.10 14.87
N PHE D 292 41.13 -14.97 13.56
CA PHE D 292 41.71 -13.76 12.97
C PHE D 292 40.68 -12.65 12.79
N TYR D 293 39.52 -12.99 12.23
CA TYR D 293 38.52 -11.99 11.88
C TYR D 293 37.46 -11.78 12.95
N ASP D 294 37.70 -12.30 14.14
CA ASP D 294 36.76 -12.11 15.24
C ASP D 294 36.74 -10.66 15.69
N GLY D 295 37.93 -10.08 15.84
CA GLY D 295 38.07 -8.68 16.19
C GLY D 295 38.20 -7.80 14.97
N ARG D 296 38.31 -8.43 13.81
CA ARG D 296 38.43 -7.72 12.54
C ARG D 296 37.19 -7.93 11.69
N LYS D 297 36.21 -7.05 11.84
CA LYS D 297 34.94 -7.18 11.15
C LYS D 297 35.01 -6.77 9.68
N HIS D 298 35.59 -5.60 9.42
CA HIS D 298 35.58 -5.02 8.08
C HIS D 298 36.50 -5.76 7.11
N ALA D 299 37.67 -6.19 7.59
CA ALA D 299 38.57 -6.97 6.77
C ALA D 299 37.92 -8.30 6.41
N PHE D 300 37.08 -8.80 7.33
CA PHE D 300 36.32 -10.01 7.08
C PHE D 300 35.22 -9.75 6.05
N GLU D 301 34.78 -8.50 5.97
CA GLU D 301 33.80 -8.11 4.96
C GLU D 301 34.46 -8.03 3.59
N LEU D 302 35.71 -7.58 3.57
CA LEU D 302 36.49 -7.56 2.33
C LEU D 302 36.73 -8.98 1.86
N LEU D 303 37.18 -9.84 2.78
CA LEU D 303 37.37 -11.25 2.49
C LEU D 303 36.07 -11.89 2.02
N ALA D 304 34.96 -11.44 2.58
CA ALA D 304 33.64 -11.95 2.20
C ALA D 304 33.30 -11.52 0.78
N SER D 305 33.72 -10.31 0.41
CA SER D 305 33.50 -9.82 -0.94
C SER D 305 34.30 -10.66 -1.93
N ARG D 306 35.56 -10.93 -1.59
CA ARG D 306 36.41 -11.76 -2.43
C ARG D 306 35.83 -13.17 -2.59
N VAL D 307 35.42 -13.76 -1.47
CA VAL D 307 34.84 -15.10 -1.46
C VAL D 307 33.57 -15.18 -2.29
N ALA D 308 32.67 -14.23 -2.09
CA ALA D 308 31.42 -14.18 -2.86
C ALA D 308 31.71 -14.03 -4.35
N ALA D 309 32.68 -13.16 -4.67
CA ALA D 309 33.12 -12.97 -6.05
C ALA D 309 33.56 -14.29 -6.66
N GLU D 310 34.43 -15.00 -5.95
CA GLU D 310 34.93 -16.30 -6.42
C GLU D 310 33.80 -17.32 -6.59
N VAL D 311 32.85 -17.31 -5.66
CA VAL D 311 31.72 -18.23 -5.70
C VAL D 311 30.85 -17.99 -6.94
N PHE D 312 30.53 -16.73 -7.19
CA PHE D 312 29.72 -16.40 -8.36
C PHE D 312 30.48 -16.61 -9.68
N ARG D 313 31.79 -16.43 -9.65
CA ARG D 313 32.62 -16.65 -10.83
C ARG D 313 32.85 -18.13 -11.09
N GLU D 314 32.65 -18.95 -10.06
CA GLU D 314 32.80 -20.39 -10.19
C GLU D 314 31.58 -21.02 -10.84
N SER D 315 30.45 -20.34 -10.75
CA SER D 315 29.21 -20.82 -11.33
C SER D 315 29.11 -20.45 -12.81
N GLY D 316 30.08 -19.67 -13.27
CA GLY D 316 30.11 -19.24 -14.66
C GLY D 316 29.58 -17.83 -14.85
N ALA D 317 28.99 -17.29 -13.79
CA ALA D 317 28.42 -15.95 -13.85
C ALA D 317 29.50 -14.88 -13.91
N ARG D 318 29.22 -13.82 -14.68
CA ARG D 318 30.15 -12.70 -14.78
C ARG D 318 29.95 -11.75 -13.61
N TYR D 319 30.87 -11.79 -12.66
CA TYR D 319 30.73 -10.99 -11.43
C TYR D 319 31.58 -9.72 -11.48
N LYS D 320 31.09 -8.68 -10.84
CA LYS D 320 31.80 -7.40 -10.78
C LYS D 320 31.79 -6.84 -9.36
N GLU D 321 32.95 -6.86 -8.71
CA GLU D 321 33.07 -6.30 -7.36
C GLU D 321 32.93 -4.78 -7.40
N GLY D 322 32.01 -4.26 -6.60
CA GLY D 322 31.75 -2.83 -6.58
C GLY D 322 32.54 -2.11 -5.51
N TRP D 323 32.08 -2.23 -4.27
CA TRP D 323 32.71 -1.54 -3.14
C TRP D 323 32.26 -2.13 -1.81
N LEU D 324 32.83 -1.62 -0.73
CA LEU D 324 32.38 -1.97 0.61
C LEU D 324 31.68 -0.77 1.25
N SER D 325 30.49 -1.01 1.77
CA SER D 325 29.59 0.06 2.21
C SER D 325 30.12 0.90 3.38
N ARG D 326 30.71 0.25 4.38
CA ARG D 326 31.13 0.99 5.56
C ARG D 326 32.49 0.61 6.13
N SER D 327 33.01 1.51 6.97
CA SER D 327 34.21 1.27 7.72
C SER D 327 33.88 1.28 9.22
N SER D 328 32.60 1.47 9.53
CA SER D 328 32.12 1.53 10.90
C SER D 328 30.60 1.40 10.99
N GLY D 329 30.12 1.18 12.21
CA GLY D 329 28.69 1.25 12.51
C GLY D 329 27.78 0.20 11.93
N ASP D 330 28.22 -1.06 11.91
CA ASP D 330 27.38 -2.21 11.52
C ASP D 330 26.74 -2.03 10.14
N GLY D 331 25.41 -2.07 10.07
CA GLY D 331 24.69 -1.99 8.82
C GLY D 331 24.21 -3.35 8.33
N GLY D 332 23.17 -3.35 7.49
CA GLY D 332 22.61 -4.59 6.99
C GLY D 332 23.30 -5.07 5.72
N VAL D 333 23.91 -4.13 5.00
CA VAL D 333 24.65 -4.44 3.78
C VAL D 333 26.11 -4.03 3.91
N ASP D 334 27.01 -4.98 3.67
CA ASP D 334 28.43 -4.73 3.85
C ASP D 334 29.16 -4.45 2.54
N PHE D 335 28.97 -5.31 1.55
CA PHE D 335 29.62 -5.13 0.26
C PHE D 335 28.63 -5.22 -0.91
N ILE D 336 28.99 -4.59 -2.01
CA ILE D 336 28.14 -4.56 -3.20
C ILE D 336 28.84 -5.16 -4.41
N GLY D 337 28.15 -6.03 -5.12
CA GLY D 337 28.68 -6.60 -6.35
C GLY D 337 27.68 -6.48 -7.48
N ARG D 338 28.03 -7.04 -8.63
CA ARG D 338 27.15 -7.00 -9.80
C ARG D 338 27.34 -8.23 -10.69
N ILE D 339 26.23 -8.79 -11.15
CA ILE D 339 26.28 -9.95 -12.01
C ILE D 339 25.56 -9.68 -13.33
N ASP D 340 26.30 -9.72 -14.43
CA ASP D 340 25.71 -9.52 -15.74
C ASP D 340 25.22 -10.85 -16.31
N MET D 341 23.97 -11.18 -15.99
CA MET D 341 23.39 -12.45 -16.42
C MET D 341 23.04 -12.44 -17.90
N GLY D 342 23.63 -13.36 -18.65
CA GLY D 342 23.40 -13.48 -20.08
C GLY D 342 24.69 -13.62 -20.86
N SER D 343 24.56 -13.78 -22.17
CA SER D 343 25.73 -13.95 -23.03
C SER D 343 26.41 -12.61 -23.28
N LEU D 344 27.57 -12.66 -23.92
CA LEU D 344 28.30 -11.45 -24.29
C LEU D 344 27.45 -10.57 -25.22
N LYS D 345 27.34 -9.29 -24.88
CA LYS D 345 26.49 -8.33 -25.60
C LYS D 345 25.01 -8.72 -25.57
N ALA D 346 24.65 -9.62 -24.66
CA ALA D 346 23.27 -10.05 -24.49
C ALA D 346 23.04 -10.39 -23.02
N SER D 347 23.18 -9.38 -22.17
CA SER D 347 23.09 -9.59 -20.73
C SER D 347 22.30 -8.50 -20.03
N THR D 348 22.00 -8.74 -18.75
CA THR D 348 21.32 -7.76 -17.91
C THR D 348 22.07 -7.63 -16.58
N PRO D 349 22.12 -6.41 -16.03
CA PRO D 349 22.80 -6.17 -14.75
C PRO D 349 21.97 -6.62 -13.56
N VAL D 350 22.62 -7.27 -12.59
CA VAL D 350 21.96 -7.69 -11.37
C VAL D 350 22.74 -7.22 -10.15
N VAL D 351 22.15 -6.30 -9.39
CA VAL D 351 22.81 -5.78 -8.20
C VAL D 351 22.87 -6.84 -7.10
N VAL D 352 24.06 -7.07 -6.58
CA VAL D 352 24.27 -8.07 -5.54
C VAL D 352 24.57 -7.42 -4.20
N LEU D 353 23.75 -7.73 -3.19
CA LEU D 353 23.95 -7.21 -1.84
C LEU D 353 24.52 -8.29 -0.94
N GLY D 354 25.67 -8.01 -0.32
CA GLY D 354 26.33 -9.00 0.50
C GLY D 354 26.37 -8.65 1.97
N GLN D 355 26.50 -9.68 2.81
CA GLN D 355 26.61 -9.48 4.25
C GLN D 355 27.59 -10.44 4.89
N ALA D 356 28.54 -9.90 5.64
CA ALA D 356 29.53 -10.71 6.34
C ALA D 356 29.20 -10.82 7.82
N LYS D 357 29.30 -12.03 8.35
CA LYS D 357 29.03 -12.26 9.77
C LYS D 357 30.02 -13.26 10.36
N CYS D 358 31.03 -12.75 11.06
CA CYS D 358 32.03 -13.60 11.67
C CYS D 358 31.59 -14.06 13.06
N ILE D 359 31.27 -15.34 13.17
CA ILE D 359 30.79 -15.90 14.43
C ILE D 359 31.45 -17.27 14.63
N GLN D 360 31.43 -17.76 15.87
CA GLN D 360 31.98 -19.08 16.19
C GLN D 360 31.36 -20.15 15.30
N PRO D 361 32.20 -20.97 14.67
CA PRO D 361 31.79 -22.01 13.71
C PRO D 361 30.71 -22.96 14.26
N THR D 362 30.60 -23.05 15.58
CA THR D 362 29.57 -23.89 16.19
C THR D 362 28.26 -23.12 16.39
N SER D 363 28.32 -21.81 16.21
CA SER D 363 27.12 -20.97 16.32
C SER D 363 26.38 -20.90 15.00
N SER D 364 25.21 -20.26 14.99
CA SER D 364 24.36 -20.25 13.82
C SER D 364 23.77 -18.88 13.50
N VAL D 365 23.28 -18.72 12.29
CA VAL D 365 22.68 -17.46 11.84
C VAL D 365 21.15 -17.55 11.84
N SER D 366 20.51 -16.61 12.52
CA SER D 366 19.06 -16.60 12.66
C SER D 366 18.38 -16.10 11.39
N PRO D 367 17.11 -16.51 11.17
CA PRO D 367 16.36 -16.11 9.97
C PRO D 367 16.15 -14.61 9.86
N GLU D 368 16.09 -13.90 10.98
CA GLU D 368 15.93 -12.45 10.95
C GLU D 368 17.20 -11.75 10.46
N GLN D 369 18.35 -12.36 10.76
CA GLN D 369 19.64 -11.84 10.30
C GLN D 369 19.75 -11.94 8.78
N VAL D 370 19.23 -13.03 8.22
CA VAL D 370 19.19 -13.21 6.78
C VAL D 370 18.16 -12.25 6.18
N ALA D 371 17.03 -12.12 6.86
CA ALA D 371 15.96 -11.23 6.40
C ALA D 371 16.41 -9.76 6.41
N ARG D 372 17.39 -9.44 7.23
CA ARG D 372 17.96 -8.09 7.25
C ARG D 372 18.65 -7.80 5.92
N VAL D 373 19.07 -8.86 5.24
CA VAL D 373 19.67 -8.74 3.91
C VAL D 373 18.61 -8.84 2.83
N VAL D 374 17.65 -9.75 3.01
CA VAL D 374 16.59 -9.96 2.04
C VAL D 374 15.71 -8.72 1.86
N ALA D 375 15.44 -8.02 2.95
CA ALA D 375 14.55 -6.86 2.95
C ALA D 375 15.05 -5.72 2.06
N ARG D 376 16.36 -5.69 1.83
CA ARG D 376 16.97 -4.62 1.03
C ARG D 376 16.76 -4.87 -0.46
N LEU D 377 16.56 -6.13 -0.81
CA LEU D 377 16.55 -6.55 -2.21
C LEU D 377 15.41 -5.94 -3.04
N ARG D 378 15.78 -5.08 -3.98
CA ARG D 378 14.84 -4.55 -4.95
C ARG D 378 14.63 -5.60 -6.05
N ARG D 379 13.74 -5.30 -6.99
CA ARG D 379 13.53 -6.20 -8.11
C ARG D 379 14.72 -6.17 -9.05
N GLY D 380 15.27 -7.35 -9.33
CA GLY D 380 16.45 -7.45 -10.17
C GLY D 380 17.72 -7.51 -9.35
N TRP D 381 17.55 -7.64 -8.03
CA TRP D 381 18.68 -7.72 -7.11
C TRP D 381 18.73 -9.08 -6.44
N ILE D 382 19.93 -9.55 -6.15
CA ILE D 382 20.10 -10.79 -5.40
C ILE D 382 21.04 -10.59 -4.21
N GLY D 383 20.94 -11.47 -3.22
CA GLY D 383 21.75 -11.33 -2.02
C GLY D 383 22.75 -12.46 -1.84
N VAL D 384 23.69 -12.24 -0.92
CA VAL D 384 24.70 -13.26 -0.59
C VAL D 384 25.18 -13.09 0.85
N TYR D 385 25.18 -14.19 1.59
CA TYR D 385 25.57 -14.16 3.00
C TYR D 385 26.83 -14.99 3.22
N VAL D 386 27.83 -14.39 3.85
CA VAL D 386 29.07 -15.09 4.15
C VAL D 386 29.29 -15.17 5.65
N THR D 387 29.48 -16.39 6.15
CA THR D 387 29.68 -16.59 7.58
C THR D 387 30.67 -17.71 7.88
N THR D 388 31.28 -17.64 9.06
CA THR D 388 32.20 -18.69 9.52
C THR D 388 31.42 -19.84 10.14
N GLY D 389 30.23 -19.54 10.66
CA GLY D 389 29.36 -20.54 11.23
C GLY D 389 28.44 -21.13 10.19
N SER D 390 27.26 -21.56 10.61
CA SER D 390 26.27 -22.12 9.71
C SER D 390 24.97 -21.33 9.79
N PHE D 391 23.96 -21.79 9.08
CA PHE D 391 22.65 -21.15 9.12
C PHE D 391 21.63 -22.05 9.82
N SER D 392 20.75 -21.44 10.60
CA SER D 392 19.73 -22.18 11.33
C SER D 392 18.76 -22.85 10.36
N ARG D 393 18.04 -23.85 10.86
CA ARG D 393 17.07 -24.56 10.04
C ARG D 393 15.95 -23.63 9.60
N GLN D 394 15.51 -22.77 10.51
CA GLN D 394 14.42 -21.83 10.21
C GLN D 394 14.83 -20.77 9.18
N ALA D 395 16.11 -20.45 9.14
CA ALA D 395 16.61 -19.51 8.14
C ALA D 395 16.48 -20.12 6.75
N GLN D 396 16.96 -21.35 6.60
CA GLN D 396 16.89 -22.06 5.33
C GLN D 396 15.45 -22.31 4.91
N VAL D 397 14.61 -22.70 5.87
CA VAL D 397 13.19 -22.92 5.61
C VAL D 397 12.53 -21.63 5.13
N GLU D 398 12.86 -20.52 5.79
CA GLU D 398 12.31 -19.21 5.43
C GLU D 398 12.75 -18.81 4.02
N ILE D 399 14.02 -19.03 3.70
CA ILE D 399 14.55 -18.70 2.39
C ILE D 399 13.89 -19.53 1.28
N ILE D 400 13.84 -20.85 1.48
CA ILE D 400 13.30 -21.76 0.49
C ILE D 400 11.80 -21.58 0.28
N ASP D 401 11.05 -21.57 1.37
CA ASP D 401 9.59 -21.54 1.29
C ASP D 401 9.05 -20.20 0.82
N ASP D 402 9.82 -19.14 1.03
CA ASP D 402 9.40 -17.80 0.60
C ASP D 402 10.18 -17.35 -0.63
N GLN D 403 11.03 -18.22 -1.15
CA GLN D 403 11.78 -17.98 -2.38
C GLN D 403 12.68 -16.74 -2.30
N TYR D 404 13.47 -16.64 -1.24
CA TYR D 404 14.40 -15.53 -1.09
C TYR D 404 15.63 -15.74 -1.98
N PRO D 405 15.89 -14.78 -2.89
CA PRO D 405 17.07 -14.84 -3.76
C PRO D 405 18.36 -14.55 -3.01
N VAL D 406 18.76 -15.47 -2.13
CA VAL D 406 19.97 -15.28 -1.33
C VAL D 406 20.90 -16.49 -1.43
N VAL D 407 22.15 -16.23 -1.80
CA VAL D 407 23.14 -17.29 -1.89
C VAL D 407 23.84 -17.47 -0.54
N LEU D 408 23.90 -18.72 -0.08
CA LEU D 408 24.47 -19.03 1.23
C LEU D 408 25.92 -19.49 1.14
N ILE D 409 26.77 -18.90 1.98
CA ILE D 409 28.17 -19.27 2.06
C ILE D 409 28.57 -19.47 3.53
N ALA D 410 28.49 -20.72 3.98
CA ALA D 410 28.78 -21.06 5.37
C ALA D 410 30.26 -21.36 5.57
N GLY D 411 30.58 -21.95 6.73
CA GLY D 411 31.95 -22.22 7.10
C GLY D 411 32.73 -23.11 6.14
N GLY D 412 32.05 -24.11 5.58
CA GLY D 412 32.68 -25.04 4.67
C GLY D 412 33.12 -24.39 3.37
N THR D 413 32.16 -23.75 2.68
CA THR D 413 32.43 -23.08 1.42
C THR D 413 33.43 -21.93 1.61
N LEU D 414 33.29 -21.22 2.72
CA LEU D 414 34.21 -20.14 3.07
C LEU D 414 35.62 -20.68 3.21
N ALA D 415 35.76 -21.77 3.97
CA ALA D 415 37.05 -22.39 4.19
C ALA D 415 37.67 -22.84 2.88
N ALA D 416 36.89 -23.55 2.07
CA ALA D 416 37.36 -24.05 0.78
C ALA D 416 37.84 -22.92 -0.13
N THR D 417 37.03 -21.88 -0.25
CA THR D 417 37.36 -20.73 -1.09
C THR D 417 38.61 -20.01 -0.59
N VAL D 418 38.72 -19.88 0.72
CA VAL D 418 39.89 -19.24 1.32
C VAL D 418 41.17 -20.03 1.05
N ARG D 419 41.09 -21.36 1.22
CA ARG D 419 42.22 -22.23 0.93
C ARG D 419 42.63 -22.12 -0.54
N ARG D 420 41.64 -22.23 -1.43
CA ARG D 420 41.88 -22.15 -2.87
C ARG D 420 42.53 -20.82 -3.26
N MET D 421 42.06 -19.74 -2.65
CA MET D 421 42.63 -18.41 -2.90
C MET D 421 44.03 -18.30 -2.33
N VAL D 422 44.31 -19.04 -1.26
CA VAL D 422 45.65 -19.11 -0.69
C VAL D 422 46.57 -19.80 -1.70
N GLN D 423 46.08 -20.86 -2.33
CA GLN D 423 46.88 -21.56 -3.34
C GLN D 423 47.06 -20.70 -4.58
N ALA D 424 46.07 -19.86 -4.87
CA ALA D 424 46.10 -19.00 -6.06
C ALA D 424 47.28 -18.04 -6.06
N ASN D 425 47.26 -17.09 -5.13
CA ASN D 425 48.34 -16.11 -5.04
C ASN D 425 48.97 -16.06 -3.64
N TYR D 426 50.18 -16.60 -3.54
CA TYR D 426 50.92 -16.59 -2.28
C TYR D 426 52.40 -16.83 -2.54
N GLY D 427 53.17 -16.97 -1.46
CA GLY D 427 54.59 -17.25 -1.56
C GLY D 427 54.93 -18.57 -0.90
N GLY D 428 53.91 -19.41 -0.71
CA GLY D 428 54.09 -20.68 -0.04
C GLY D 428 53.43 -20.67 1.33
N ASP D 429 52.83 -19.55 1.68
CA ASP D 429 52.17 -19.40 2.98
C ASP D 429 50.66 -19.26 2.81
N LEU D 430 49.96 -19.12 3.93
CA LEU D 430 48.51 -19.01 3.91
C LEU D 430 48.02 -17.65 4.42
N ASP D 431 48.94 -16.89 5.01
CA ASP D 431 48.60 -15.58 5.55
C ASP D 431 48.60 -14.49 4.47
N ALA D 432 48.79 -14.89 3.23
CA ALA D 432 48.81 -13.95 2.12
C ALA D 432 47.44 -13.28 1.95
N LEU D 433 46.39 -14.08 1.92
CA LEU D 433 45.04 -13.57 1.76
C LEU D 433 44.61 -12.76 2.98
N LEU D 434 44.92 -13.26 4.17
CA LEU D 434 44.57 -12.58 5.42
C LEU D 434 45.23 -11.21 5.51
N ALA D 435 46.52 -11.16 5.20
CA ALA D 435 47.26 -9.91 5.21
C ALA D 435 46.76 -8.97 4.12
N SER D 436 46.36 -9.56 2.99
CA SER D 436 45.81 -8.78 1.88
C SER D 436 44.46 -8.19 2.25
N THR D 437 43.78 -8.82 3.22
CA THR D 437 42.47 -8.37 3.67
C THR D 437 42.57 -7.32 4.77
N VAL D 438 43.47 -7.56 5.72
CA VAL D 438 43.63 -6.67 6.87
C VAL D 438 44.29 -5.35 6.48
N ASP D 439 45.49 -5.41 5.93
CA ASP D 439 46.22 -4.21 5.53
C ASP D 439 45.90 -3.80 4.09
N GLU D 440 46.18 -2.53 3.79
CA GLU D 440 45.94 -1.95 2.46
C GLU D 440 44.45 -1.81 2.13
N TYR D 441 44.03 -2.41 1.01
CA TYR D 441 42.69 -2.27 0.43
C TYR D 441 41.49 -2.07 1.39
N GLY D 442 41.44 -2.86 2.46
CA GLY D 442 40.29 -2.88 3.36
C GLY D 442 39.78 -1.56 3.93
N ALA D 443 40.62 -0.51 3.88
CA ALA D 443 40.23 0.78 4.43
C ALA D 443 39.32 1.57 3.49
N ALA D 444 39.49 1.36 2.18
CA ALA D 444 38.74 2.11 1.19
C ALA D 444 37.24 1.77 1.18
N VAL D 445 36.40 2.80 1.16
CA VAL D 445 34.96 2.61 1.11
C VAL D 445 34.33 3.60 0.12
N THR D 446 33.15 3.27 -0.38
CA THR D 446 32.46 4.15 -1.33
C THR D 446 31.08 4.56 -0.84
N HIS D 447 30.82 5.85 -0.85
CA HIS D 447 29.55 6.40 -0.41
C HIS D 447 28.57 6.53 -1.58
N ARG D 448 28.20 5.41 -2.16
CA ARG D 448 27.30 5.40 -3.31
C ARG D 448 26.18 4.38 -3.16
N ARG D 449 25.05 4.64 -3.81
CA ARG D 449 23.92 3.72 -3.81
C ARG D 449 24.28 2.43 -4.51
N PRO D 450 23.77 1.29 -4.00
CA PRO D 450 24.06 -0.03 -4.55
C PRO D 450 23.80 -0.15 -6.04
N GLU D 451 22.63 0.30 -6.49
CA GLU D 451 22.25 0.20 -7.91
C GLU D 451 23.27 0.84 -8.84
N GLU D 452 23.94 1.89 -8.35
CA GLU D 452 24.97 2.58 -9.12
C GLU D 452 26.12 1.67 -9.55
N VAL D 453 26.15 0.44 -9.02
CA VAL D 453 27.14 -0.56 -9.42
C VAL D 453 26.95 -0.95 -10.89
N ILE D 454 25.76 -0.68 -11.41
CA ILE D 454 25.48 -0.92 -12.83
C ILE D 454 26.32 0.02 -13.69
N SER D 455 26.53 1.24 -13.19
CA SER D 455 27.21 2.28 -13.96
C SER D 455 28.73 2.07 -14.07
N LEU D 456 29.31 1.35 -13.12
CA LEU D 456 30.75 1.10 -13.15
C LEU D 456 31.09 -0.23 -13.82
MG MG E . 5.30 -12.43 17.19
MG MG F . -1.08 9.51 -19.76
MG MG G . 3.91 -13.02 -27.41
#